data_8S9C
#
_entry.id   8S9C
#
_cell.length_a   1.00
_cell.length_b   1.00
_cell.length_c   1.00
_cell.angle_alpha   90.00
_cell.angle_beta   90.00
_cell.angle_gamma   90.00
#
_symmetry.space_group_name_H-M   'P 1'
#
loop_
_entity.id
_entity.type
_entity.pdbx_description
1 polymer 'Sodium channel protein type 9 subunit alpha'
2 polymer 'Sodium channel subunit beta-1'
3 polymer 'Sodium channel subunit beta-2'
4 branched 2-acetamido-2-deoxy-beta-D-glucopyranose-(1-4)-2-acetamido-2-deoxy-beta-D-glucopyranose
5 non-polymer 2-acetamido-2-deoxy-beta-D-glucopyranose
6 non-polymer benzo[b][1]benzazepine-11-carboxamide
7 non-polymer O-[(R)-{[(2R)-2,3-bis(octadecanoyloxy)propyl]oxy}(hydroxy)phosphoryl]-L-serine
8 non-polymer 'CHOLESTEROL HEMISUCCINATE'
9 non-polymer 1-O-OCTADECYL-SN-GLYCERO-3-PHOSPHOCHOLINE
10 non-polymer 1,2-DIOLEOYL-SN-GLYCERO-3-PHOSPHOCHOLINE
11 water water
#
loop_
_entity_poly.entity_id
_entity_poly.type
_entity_poly.pdbx_seq_one_letter_code
_entity_poly.pdbx_strand_id
1 'polypeptide(L)'
;MAMLPPPGPQSFVHFTKQSLALIEQRIAERKSKEPKEEKKDDDEEAPKPSSDLEAGKQLPFIYGDIPPGMVSEPLEDLDP
YYADKKTFIVLNKGKTIFRFNATPALYMLSPFSPLRRISIKILVHSLFSMLIMCTILTNCIFMTMNNPPDWTKNVEYTFT
GIYTFESLVKILARGFCVGEFTFLRDPWNWLDFVVIVFAYLTEFVNLGNVSALRTFRVLRALKTISVIPGLKTIVGALIQ
SVKKLSDVMILTVFCLSVFALIGLQLFMGNLKHKCFRNSLENNETLESIMNTLESEEDFRKYFYYLEGSKDALLCGFSTD
SGQCPEGYTCVKIGRNPDYGYTSFDTFSWAFLALFRLMTQDYWENLYQQTLRAAGKTYMIFFVVVIFLGSFYLINLILAV
VAMAYEEQNQANIEEAKQKELEFQQMLDRLKKEQEEAEAIAAAAAEYTSIRRSRIMGLSESSSETSKLSSKSAKERRNRR
KKKNQKKLSSGEEKGDAEKLSKSESEDSIRRKSFHLGVEGHRRAHEKRLSTPNQSPLSIRGSLFSARRSSRTSLFSFKGR
GRDIGSETEFADDEHSIFGDNESRRGSLFVPHRPQERRSSNISQASRSPPMLPVNGKMHSAVDCNGVVSLVDGRSALMLP
NGQLLPEVIIDKATSDDSGTTNQIHKKRRCSSYLLSEDMLNDPNLRQRAMSRASILTNTVEELEESRQKCPPWWYRFAHK
FLIWNCSPYWIKFKKCIYFIVMDPFVDLAITICIVLNTLFMAMEHHPMTEEFKNVLAIGNLVFTGIFAAEMVLKLIAMDP
YEYFQVGWNIFDSLIVTLSLVELFLADVEGLSVLRSFRLLRVFKLAKSWPTLNMLIKIIGNSVGALGNLTLVLAIIVFIF
AVVGMQLFGKSYKECVCKINDDCTLPRWHMNDFFHSFLIVFRVLCGEWIETMWDCMEVAGQAMCLIVYMMVMVIGNLVVL
NLFLALLLSSFSSDNLTAIEEDPDANNLQIAVTRIKKGINYVKQTLREFILKAFSKKPKISREIRQAEDLNTKKENYISN
HTLAEMSKGHNFLKEKDKISGFGSSVDKHLMEDSDGQSFIHNPSLTVTVPIAPGESDLENMNAEELSSDSDSEYSKVRLN
RSSSSECSTVDNPLPGEGEEAEAEPMNSDEPEACFTDGCVWRFSCCQVNIESGKGKIWWNIRKTCYKIVEHSWFESFIVL
MILLSSGALAFEDIYIERKKTIKIILEYADKIFTYIFILEMLLKWIAYGYKTYFTNAWCWLDFLIVDVSLVTLVANTLGY
SDLGPIKSLRTLRALRPLRALSRFEGMRVVVNALIGAIPSIMNVLLVCLIFWLIFSIMGVNLFAGKFYECINTTDGSRFP
ASQVPNRSECFALMNVSQNVRWKNLKVNFDNVGLGYLSLLQVATFKGWTIIMYAAVDSVNVDKQPKYEYSLYMYIYFVVF
IIFGSFFTLNLFIGVIIDNFNQQKKKLGGQDIFMTEEQKKYYNAMKKLGSKKPQKPIPRPGNKIQGCIFDLVTNQAFDIS
IMVLICLNMVTMMVEKEGQSQHMTEVLYWINVVFIILFTGECVLKLISLRHYYFTVGWNIFDFVVVIISIVGMFLADLIE
TYFVSPTLFRVIRLARIGRILRLVKGAKGIRTLLFALMMSLPALFNIGLLLFLVMFIYAIFGMSNFAYVKKEDGINDMFN
FETFGNSMICLFQITTSAGWDGLLAPILNSKPPDCDPKKVHPGSSVEGDCGNPSVGIFYFVSYIIISFLVVVNMYIAVIL
ENFSVATEESTEPLSEDDFEMFYEVWEKFDPDATQFIEFSKLSDFAAALDPPLLIAKPNKVQLIAMDLPMVSGDRIHCLD
ILFAFTKRVLGESGEMDSLRSQMEERFMSANPSKVSYEPITTTLKRKQEDVSATVIQRAYRRYRLRQNVKNISSIYIKDG
DRDDDLLNKKDMAFDNVNENSSPEKTDATSSTTSPPSYDSVTKPDKEKYEQDRTEKEDKGKDSKESKK
;
A
2 'polypeptide(L)'
;MGRLLALVVGAALVSSACGGCVEVDSETEAVYGMTFKILCISCKRRSETNAETFTEWTFRQKGTEEFVKILRYENEVLQL
EEDERFEGRVVWNGSRGTKDLQDLSIFITNVTYNHSGDYECHVYRLLFFENYEHNTSVVKKIHIEVVDKANRDMASIVSE
IMMYVLIVVLTIWLVAEMIYCYKKIAAATETAAQENASEYLAITSESKENCTGVQVAE
;
B
3 'polypeptide(L)'
;MHRDAWLPRPAFSLTGLSLFFSLVPPGRSMEVTVPATLNVLNGSDARLPCTFNSCYTVNHKQFSLNWTYQECNNCSEEMF
LQFRMKIINLKLERFQDRVEFSGNPSKYDVSVMLRNVQPEDEGIYNCYIMNPPDRHRGHGKIHLQVLMEEPPERDSTVAV
IVGASVGGFLAVVILVLMVVKCVRRKKEQKLSTDDLKTEEEGKTDGEGNPDDGAK
;
C
#
loop_
_chem_comp.id
_chem_comp.type
_chem_comp.name
_chem_comp.formula
LPE non-polymer 1-O-OCTADECYL-SN-GLYCERO-3-PHOSPHOCHOLINE 'C26 H57 N O6 P 1'
N6W non-polymer benzo[b][1]benzazepine-11-carboxamide 'C15 H12 N2 O'
NAG D-saccharide, beta linking 2-acetamido-2-deoxy-beta-D-glucopyranose 'C8 H15 N O6'
P5S non-polymer O-[(R)-{[(2R)-2,3-bis(octadecanoyloxy)propyl]oxy}(hydroxy)phosphoryl]-L-serine 'C42 H82 N O10 P'
PCW non-polymer 1,2-DIOLEOYL-SN-GLYCERO-3-PHOSPHOCHOLINE 'C44 H85 N O8 P 1'
Y01 non-polymer 'CHOLESTEROL HEMISUCCINATE' 'C31 H50 O4'
#
# COMPACT_ATOMS: atom_id res chain seq x y z
N GLY A 8 28.13 39.22 38.66
CA GLY A 8 28.43 40.64 38.63
C GLY A 8 28.88 41.14 37.28
N PRO A 9 28.41 42.32 36.88
CA PRO A 9 28.79 42.87 35.57
C PRO A 9 30.22 43.38 35.50
N GLN A 10 30.97 43.38 36.61
CA GLN A 10 32.40 43.71 36.53
C GLN A 10 33.23 42.55 36.02
N SER A 11 32.64 41.36 35.88
CA SER A 11 33.35 40.20 35.36
C SER A 11 33.70 40.32 33.89
N PHE A 12 33.19 41.33 33.18
CA PHE A 12 33.43 41.50 31.76
C PHE A 12 34.87 41.95 31.47
N VAL A 13 35.84 41.44 32.22
CA VAL A 13 37.22 41.88 32.06
C VAL A 13 37.79 41.38 30.74
N HIS A 14 38.56 42.23 30.07
CA HIS A 14 39.15 41.88 28.79
C HIS A 14 40.18 40.77 28.97
N PHE A 15 40.32 39.94 27.93
CA PHE A 15 41.45 39.02 27.87
C PHE A 15 42.70 39.79 27.47
N THR A 16 43.64 39.91 28.40
CA THR A 16 44.79 40.78 28.24
C THR A 16 46.07 40.02 28.54
N LYS A 17 47.19 40.74 28.44
CA LYS A 17 48.50 40.13 28.67
C LYS A 17 48.64 39.66 30.11
N GLN A 18 48.15 40.46 31.07
CA GLN A 18 48.15 40.02 32.46
C GLN A 18 47.28 38.79 32.65
N SER A 19 46.17 38.69 31.92
CA SER A 19 45.35 37.49 31.95
C SER A 19 46.12 36.29 31.44
N LEU A 20 46.89 36.48 30.37
CA LEU A 20 47.72 35.40 29.85
C LEU A 20 48.76 34.97 30.88
N ALA A 21 49.35 35.94 31.60
CA ALA A 21 50.33 35.62 32.63
C ALA A 21 49.70 34.89 33.81
N LEU A 22 48.48 35.26 34.18
CA LEU A 22 47.77 34.55 35.24
C LEU A 22 47.48 33.12 34.84
N ILE A 23 47.04 32.92 33.59
CA ILE A 23 46.85 31.55 33.11
C ILE A 23 48.17 30.81 33.08
N GLU A 24 49.27 31.52 32.80
CA GLU A 24 50.59 30.90 32.82
C GLU A 24 50.99 30.42 34.20
N GLN A 25 50.71 31.23 35.24
CA GLN A 25 51.03 30.77 36.59
C GLN A 25 50.10 29.63 37.00
N ARG A 26 48.83 29.70 36.58
CA ARG A 26 47.90 28.63 36.91
C ARG A 26 48.27 27.32 36.23
N ILE A 27 48.84 27.39 35.02
CA ILE A 27 49.25 26.15 34.36
C ILE A 27 50.49 25.58 35.02
N ALA A 28 51.38 26.43 35.55
CA ALA A 28 52.50 25.93 36.34
C ALA A 28 52.00 25.22 37.59
N GLU A 29 51.01 25.80 38.27
CA GLU A 29 50.44 25.13 39.43
C GLU A 29 49.70 23.85 39.02
N ARG A 30 49.09 23.83 37.84
CA ARG A 30 48.48 22.60 37.33
C ARG A 30 49.53 21.51 37.12
N LYS A 31 50.68 21.87 36.55
CA LYS A 31 51.78 20.92 36.41
C LYS A 31 52.24 20.43 37.78
N SER A 32 52.32 21.33 38.75
CA SER A 32 52.64 20.93 40.12
C SER A 32 51.60 20.00 40.72
N LYS A 33 50.33 20.12 40.31
CA LYS A 33 49.25 19.30 40.85
C LYS A 33 49.37 17.83 40.47
N GLU A 34 50.25 17.48 39.53
CA GLU A 34 50.43 16.08 39.15
C GLU A 34 50.85 15.22 40.32
N PRO A 47 35.61 17.92 38.52
CA PRO A 47 34.78 19.10 38.23
C PRO A 47 34.13 19.02 36.85
N LYS A 48 33.34 20.03 36.50
CA LYS A 48 32.60 20.04 35.25
C LYS A 48 32.32 21.48 34.83
N PRO A 49 32.42 21.80 33.53
CA PRO A 49 32.15 23.17 33.09
C PRO A 49 30.69 23.54 33.29
N SER A 50 30.44 24.83 33.44
CA SER A 50 29.09 25.36 33.66
C SER A 50 28.26 25.12 32.41
N SER A 51 27.10 24.48 32.58
CA SER A 51 26.23 24.20 31.45
C SER A 51 25.48 25.45 31.00
N ASP A 52 25.15 26.33 31.94
CA ASP A 52 24.44 27.56 31.63
C ASP A 52 25.29 28.56 30.86
N LEU A 53 26.59 28.33 30.79
CA LEU A 53 27.53 29.23 30.13
C LEU A 53 28.16 28.62 28.90
N GLU A 54 27.61 27.50 28.41
CA GLU A 54 28.23 26.79 27.29
C GLU A 54 27.89 27.52 25.98
N ALA A 55 28.89 27.59 25.11
CA ALA A 55 28.80 28.36 23.86
C ALA A 55 27.50 28.06 23.11
N GLY A 56 27.06 29.05 22.33
CA GLY A 56 25.83 28.93 21.59
C GLY A 56 24.58 29.19 22.40
N LYS A 57 24.72 29.50 23.68
CA LYS A 57 23.62 29.87 24.54
C LYS A 57 23.75 31.33 24.94
N GLN A 58 22.68 31.86 25.54
CA GLN A 58 22.72 33.23 25.99
C GLN A 58 23.36 33.33 27.36
N LEU A 59 23.83 34.53 27.71
CA LEU A 59 24.41 34.71 29.03
C LEU A 59 23.33 34.55 30.10
N PRO A 60 23.67 34.06 31.29
CA PRO A 60 22.73 34.10 32.40
C PRO A 60 22.38 35.53 32.73
N PHE A 61 21.14 35.73 33.21
CA PHE A 61 20.62 37.08 33.36
C PHE A 61 21.26 37.81 34.53
N ILE A 62 22.10 37.10 35.32
CA ILE A 62 22.84 37.75 36.39
C ILE A 62 23.84 38.75 35.83
N TYR A 63 24.26 38.57 34.58
CA TYR A 63 25.30 39.41 34.00
C TYR A 63 24.74 40.66 33.32
N GLY A 64 23.42 40.80 33.25
CA GLY A 64 22.83 42.05 32.83
C GLY A 64 23.19 42.43 31.40
N ASP A 65 23.57 43.68 31.22
CA ASP A 65 23.82 44.26 29.91
C ASP A 65 25.31 44.37 29.65
N ILE A 66 25.69 44.18 28.39
CA ILE A 66 27.10 44.25 27.99
C ILE A 66 27.54 45.70 27.99
N PRO A 67 28.74 46.01 28.49
CA PRO A 67 29.29 47.36 28.33
C PRO A 67 29.56 47.66 26.87
N PRO A 68 29.45 48.94 26.47
CA PRO A 68 29.59 49.27 25.04
C PRO A 68 30.93 48.89 24.44
N GLY A 69 32.02 49.04 25.17
CA GLY A 69 33.34 48.77 24.61
C GLY A 69 33.77 47.32 24.73
N MET A 70 32.87 46.42 25.12
CA MET A 70 33.22 45.04 25.38
C MET A 70 32.61 44.06 24.40
N VAL A 71 31.64 44.50 23.59
CA VAL A 71 30.99 43.61 22.65
C VAL A 71 31.97 43.22 21.56
N SER A 72 31.93 41.93 21.18
CA SER A 72 32.75 41.39 20.10
C SER A 72 34.24 41.51 20.40
N GLU A 73 34.59 41.66 21.65
CA GLU A 73 36.00 41.73 22.00
C GLU A 73 36.40 40.50 22.81
N PRO A 74 37.62 39.99 22.61
CA PRO A 74 38.07 38.85 23.42
C PRO A 74 38.04 39.14 24.91
N LEU A 75 37.01 38.65 25.57
CA LEU A 75 36.82 38.84 27.01
C LEU A 75 37.47 37.70 27.77
N GLU A 76 37.84 37.97 29.02
CA GLU A 76 38.35 36.93 29.90
C GLU A 76 37.30 35.84 30.05
N ASP A 77 37.74 34.59 30.12
CA ASP A 77 36.81 33.48 30.22
C ASP A 77 35.90 33.67 31.42
N LEU A 78 34.58 33.72 31.18
CA LEU A 78 33.62 34.01 32.29
C LEU A 78 33.43 32.78 33.17
N ASP A 79 33.72 31.58 32.65
CA ASP A 79 33.50 30.36 33.41
C ASP A 79 34.71 30.06 34.26
N PRO A 80 34.58 29.97 35.60
CA PRO A 80 35.74 29.64 36.43
C PRO A 80 36.28 28.23 36.19
N TYR A 81 35.54 27.36 35.52
CA TYR A 81 36.08 26.04 35.19
C TYR A 81 37.29 26.16 34.28
N TYR A 82 37.24 27.04 33.30
CA TYR A 82 38.36 27.23 32.37
C TYR A 82 39.39 28.22 32.89
N ALA A 83 39.47 28.46 34.19
CA ALA A 83 40.45 29.37 34.75
C ALA A 83 41.87 28.81 34.72
N ASP A 84 42.03 27.52 34.43
CA ASP A 84 43.35 26.92 34.30
C ASP A 84 43.83 26.84 32.86
N LYS A 85 43.04 27.33 31.90
CA LYS A 85 43.34 27.13 30.49
C LYS A 85 43.29 28.46 29.75
N LYS A 86 44.10 28.56 28.69
CA LYS A 86 44.14 29.72 27.80
C LYS A 86 42.95 29.73 26.86
N THR A 87 41.74 29.91 27.40
CA THR A 87 40.55 30.08 26.59
C THR A 87 39.88 31.41 26.94
N PHE A 88 39.29 32.04 25.92
CA PHE A 88 38.63 33.32 26.15
C PHE A 88 37.24 33.28 25.52
N ILE A 89 36.54 34.40 25.66
CA ILE A 89 35.14 34.52 25.29
C ILE A 89 34.96 35.76 24.44
N VAL A 90 34.16 35.64 23.38
CA VAL A 90 33.72 36.78 22.58
C VAL A 90 32.21 36.82 22.62
N LEU A 91 31.67 37.98 22.98
CA LEU A 91 30.23 38.17 23.15
C LEU A 91 29.67 38.80 21.89
N ASN A 92 28.43 38.46 21.57
CA ASN A 92 27.80 38.95 20.35
C ASN A 92 26.57 39.79 20.66
N LYS A 93 26.31 40.76 19.79
CA LYS A 93 25.01 41.42 19.79
C LYS A 93 23.94 40.37 19.55
N GLY A 94 22.95 40.34 20.44
CA GLY A 94 22.02 39.23 20.44
C GLY A 94 22.26 38.27 21.58
N LYS A 95 23.24 38.57 22.44
CA LYS A 95 23.45 37.98 23.76
C LYS A 95 23.98 36.55 23.72
N THR A 96 24.67 36.13 22.66
CA THR A 96 25.15 34.76 22.58
C THR A 96 26.65 34.68 22.80
N ILE A 97 27.13 33.51 23.18
CA ILE A 97 28.53 33.33 23.60
C ILE A 97 29.24 32.43 22.59
N PHE A 98 30.43 32.86 22.17
CA PHE A 98 31.35 32.03 21.40
C PHE A 98 32.59 31.79 22.26
N ARG A 99 33.00 30.53 22.36
CA ARG A 99 34.11 30.14 23.23
C ARG A 99 35.30 29.76 22.35
N PHE A 100 36.35 30.57 22.40
CA PHE A 100 37.48 30.45 21.49
C PHE A 100 38.67 29.81 22.20
N ASN A 101 39.84 29.97 21.59
CA ASN A 101 41.10 29.46 22.12
C ASN A 101 42.17 30.54 22.00
N ALA A 102 42.93 30.74 23.07
CA ALA A 102 43.99 31.73 23.08
C ALA A 102 45.35 31.16 22.69
N THR A 103 45.45 29.86 22.47
CA THR A 103 46.65 29.30 21.88
C THR A 103 46.75 29.79 20.44
N PRO A 104 47.91 30.40 20.05
CA PRO A 104 48.05 31.01 18.73
C PRO A 104 47.53 30.17 17.56
N ALA A 105 46.83 30.81 16.61
CA ALA A 105 46.31 30.14 15.43
C ALA A 105 47.44 29.71 14.51
N LEU A 106 47.36 28.47 14.03
CA LEU A 106 48.32 27.90 13.09
C LEU A 106 49.75 27.90 13.61
N TYR A 107 49.91 27.98 14.94
CA TYR A 107 51.21 28.19 15.57
C TYR A 107 51.92 29.41 14.97
N MET A 108 51.15 30.47 14.71
CA MET A 108 51.71 31.62 14.01
C MET A 108 51.06 32.93 14.43
N LEU A 109 49.74 32.98 14.44
CA LEU A 109 48.99 34.21 14.73
C LEU A 109 48.52 34.17 16.18
N SER A 110 49.04 35.09 17.00
CA SER A 110 48.64 35.17 18.38
C SER A 110 47.25 35.81 18.51
N PRO A 111 46.53 35.54 19.59
CA PRO A 111 45.20 36.13 19.76
C PRO A 111 45.20 37.65 19.79
N PHE A 112 46.35 38.28 19.96
CA PHE A 112 46.47 39.73 19.84
C PHE A 112 47.07 40.04 18.47
N SER A 113 46.25 39.89 17.42
CA SER A 113 46.67 40.21 16.06
C SER A 113 45.54 40.89 15.30
N PRO A 114 45.85 41.81 14.39
CA PRO A 114 44.78 42.49 13.63
C PRO A 114 43.93 41.53 12.81
N LEU A 115 44.56 40.57 12.14
CA LEU A 115 43.80 39.60 11.37
C LEU A 115 42.85 38.83 12.26
N ARG A 116 43.34 38.36 13.41
CA ARG A 116 42.48 37.60 14.31
C ARG A 116 41.33 38.43 14.84
N ARG A 117 41.59 39.68 15.23
CA ARG A 117 40.49 40.52 15.73
C ARG A 117 39.43 40.76 14.66
N ILE A 118 39.86 41.10 13.44
CA ILE A 118 38.91 41.35 12.37
C ILE A 118 38.11 40.08 12.05
N SER A 119 38.80 38.94 11.97
CA SER A 119 38.13 37.69 11.65
C SER A 119 37.18 37.26 12.74
N ILE A 120 37.52 37.49 14.01
CA ILE A 120 36.61 37.17 15.10
C ILE A 120 35.34 38.00 14.97
N LYS A 121 35.50 39.31 14.74
CA LYS A 121 34.31 40.15 14.57
C LYS A 121 33.47 39.69 13.39
N ILE A 122 34.12 39.35 12.27
CA ILE A 122 33.38 38.90 11.08
C ILE A 122 32.61 37.62 11.39
N LEU A 123 33.26 36.67 12.07
CA LEU A 123 32.63 35.38 12.33
C LEU A 123 31.48 35.52 13.32
N VAL A 124 31.59 36.44 14.29
CA VAL A 124 30.50 36.56 15.25
C VAL A 124 29.40 37.49 14.76
N HIS A 125 29.63 38.25 13.70
CA HIS A 125 28.56 39.08 13.16
C HIS A 125 27.43 38.22 12.61
N SER A 126 26.22 38.77 12.63
CA SER A 126 25.05 38.03 12.14
C SER A 126 24.81 38.23 10.65
N LEU A 127 25.28 39.35 10.09
CA LEU A 127 25.20 39.53 8.64
C LEU A 127 25.99 38.44 7.93
N PHE A 128 27.08 37.98 8.55
CA PHE A 128 27.86 36.88 7.99
C PHE A 128 27.01 35.62 7.85
N SER A 129 26.32 35.23 8.93
CA SER A 129 25.48 34.04 8.88
C SER A 129 24.34 34.22 7.90
N MET A 130 23.74 35.41 7.84
CA MET A 130 22.67 35.65 6.88
C MET A 130 23.18 35.51 5.45
N LEU A 131 24.38 36.03 5.18
CA LEU A 131 24.96 35.91 3.84
C LEU A 131 25.21 34.46 3.48
N ILE A 132 25.72 33.67 4.44
CA ILE A 132 25.94 32.24 4.17
C ILE A 132 24.62 31.54 3.88
N MET A 133 23.58 31.84 4.64
CA MET A 133 22.28 31.24 4.41
C MET A 133 21.76 31.59 3.03
N CYS A 134 21.87 32.87 2.64
CA CYS A 134 21.38 33.27 1.32
C CYS A 134 22.17 32.59 0.21
N THR A 135 23.49 32.49 0.36
CA THR A 135 24.30 31.83 -0.65
C THR A 135 23.92 30.36 -0.81
N ILE A 136 23.72 29.66 0.31
CA ILE A 136 23.38 28.25 0.22
C ILE A 136 21.99 28.07 -0.40
N LEU A 137 21.03 28.91 0.00
CA LEU A 137 19.70 28.79 -0.57
C LEU A 137 19.67 29.17 -2.04
N THR A 138 20.59 30.02 -2.50
CA THR A 138 20.68 30.32 -3.92
C THR A 138 21.31 29.16 -4.69
N ASN A 139 22.34 28.55 -4.12
CA ASN A 139 22.97 27.39 -4.77
C ASN A 139 22.03 26.20 -4.84
N CYS A 140 21.12 26.08 -3.89
CA CYS A 140 20.15 24.99 -3.93
C CYS A 140 19.17 25.13 -5.07
N ILE A 141 19.11 26.29 -5.73
CA ILE A 141 18.24 26.45 -6.89
C ILE A 141 18.97 26.07 -8.16
N PHE A 142 20.26 26.38 -8.25
CA PHE A 142 21.06 25.92 -9.37
C PHE A 142 21.38 24.44 -9.29
N MET A 143 21.23 23.83 -8.12
CA MET A 143 21.34 22.37 -8.05
C MET A 143 20.26 21.67 -8.85
N THR A 144 19.14 22.36 -9.12
CA THR A 144 17.97 21.74 -9.72
C THR A 144 17.87 22.01 -11.22
N MET A 145 18.92 21.76 -11.98
CA MET A 145 18.90 21.89 -13.44
C MET A 145 19.44 20.60 -14.05
N ASN A 146 18.59 19.89 -14.80
CA ASN A 146 19.03 18.64 -15.39
C ASN A 146 20.18 18.86 -16.36
N ASN A 147 20.10 19.90 -17.19
CA ASN A 147 21.26 20.38 -17.91
C ASN A 147 21.33 21.88 -17.65
N PRO A 148 22.52 22.42 -17.42
CA PRO A 148 22.63 23.84 -17.12
C PRO A 148 23.09 24.61 -18.34
N PRO A 149 22.75 25.89 -18.43
CA PRO A 149 23.33 26.72 -19.50
C PRO A 149 24.84 26.84 -19.32
N ASP A 150 25.51 27.20 -20.40
CA ASP A 150 26.97 27.18 -20.42
C ASP A 150 27.57 28.28 -19.55
N TRP A 151 26.76 29.25 -19.11
CA TRP A 151 27.30 30.37 -18.35
C TRP A 151 27.26 30.12 -16.85
N THR A 152 26.76 28.97 -16.40
CA THR A 152 26.66 28.70 -14.97
C THR A 152 28.01 28.45 -14.32
N LYS A 153 29.07 28.32 -15.11
CA LYS A 153 30.40 28.10 -14.54
C LYS A 153 30.85 29.30 -13.71
N ASN A 154 30.52 30.52 -14.16
CA ASN A 154 30.83 31.69 -13.36
C ASN A 154 30.08 31.71 -12.04
N VAL A 155 28.81 31.30 -12.05
CA VAL A 155 28.02 31.25 -10.82
C VAL A 155 28.60 30.22 -9.86
N GLU A 156 28.99 29.05 -10.37
CA GLU A 156 29.56 28.05 -9.48
C GLU A 156 30.93 28.48 -8.97
N TYR A 157 31.68 29.24 -9.76
CA TYR A 157 32.93 29.81 -9.26
C TYR A 157 32.64 30.79 -8.12
N THR A 158 31.59 31.60 -8.26
CA THR A 158 31.22 32.53 -7.19
C THR A 158 30.85 31.78 -5.92
N PHE A 159 30.08 30.70 -6.05
CA PHE A 159 29.70 29.91 -4.89
C PHE A 159 30.93 29.31 -4.22
N THR A 160 31.86 28.78 -5.02
CA THR A 160 33.08 28.22 -4.45
C THR A 160 33.89 29.29 -3.73
N GLY A 161 33.97 30.49 -4.31
CA GLY A 161 34.68 31.57 -3.66
C GLY A 161 34.06 31.96 -2.34
N ILE A 162 32.73 32.04 -2.28
CA ILE A 162 32.08 32.39 -1.03
C ILE A 162 32.33 31.32 0.04
N TYR A 163 32.21 30.05 -0.34
CA TYR A 163 32.43 28.98 0.63
C TYR A 163 33.87 28.98 1.14
N THR A 164 34.85 29.15 0.25
CA THR A 164 36.23 29.13 0.71
C THR A 164 36.55 30.36 1.54
N PHE A 165 35.94 31.51 1.24
CA PHE A 165 36.12 32.68 2.09
C PHE A 165 35.57 32.44 3.48
N GLU A 166 34.39 31.83 3.57
CA GLU A 166 33.80 31.53 4.87
C GLU A 166 34.69 30.58 5.68
N SER A 167 35.20 29.53 5.03
CA SER A 167 36.08 28.60 5.73
C SER A 167 37.39 29.28 6.14
N LEU A 168 37.91 30.17 5.30
CA LEU A 168 39.13 30.90 5.62
C LEU A 168 38.91 31.79 6.84
N VAL A 169 37.78 32.48 6.90
CA VAL A 169 37.49 33.33 8.05
C VAL A 169 37.37 32.49 9.32
N LYS A 170 36.69 31.34 9.23
CA LYS A 170 36.57 30.49 10.41
C LYS A 170 37.93 30.02 10.89
N ILE A 171 38.80 29.60 9.96
CA ILE A 171 40.11 29.10 10.36
C ILE A 171 40.96 30.21 10.96
N LEU A 172 40.94 31.40 10.36
CA LEU A 172 41.69 32.51 10.93
C LEU A 172 41.16 32.89 12.30
N ALA A 173 39.85 32.72 12.52
CA ALA A 173 39.27 33.12 13.79
C ALA A 173 39.62 32.14 14.91
N ARG A 174 39.58 30.84 14.65
CA ARG A 174 39.74 29.89 15.74
C ARG A 174 40.75 28.78 15.52
N GLY A 175 41.76 28.99 14.67
CA GLY A 175 42.77 27.97 14.48
C GLY A 175 42.29 26.78 13.68
N PHE A 176 43.15 26.20 12.85
CA PHE A 176 42.73 25.09 12.00
C PHE A 176 42.48 23.83 12.84
N CYS A 177 43.54 23.26 13.41
CA CYS A 177 43.39 22.10 14.28
C CYS A 177 44.45 22.09 15.39
N VAL A 178 44.56 23.18 16.15
CA VAL A 178 45.59 23.32 17.16
C VAL A 178 44.95 23.30 18.54
N GLY A 179 44.65 22.10 19.05
CA GLY A 179 44.05 21.98 20.36
C GLY A 179 42.54 22.07 20.38
N GLU A 180 41.98 22.46 21.52
CA GLU A 180 40.53 22.50 21.67
C GLU A 180 39.95 23.79 21.08
N PHE A 181 38.65 23.75 20.78
CA PHE A 181 37.90 24.84 20.18
C PHE A 181 38.49 25.33 18.87
N THR A 182 39.09 24.43 18.08
CA THR A 182 39.60 24.82 16.79
C THR A 182 38.60 24.50 15.69
N PHE A 183 38.99 24.79 14.45
CA PHE A 183 38.06 24.68 13.34
C PHE A 183 37.54 23.26 13.18
N LEU A 184 38.45 22.29 13.15
CA LEU A 184 38.06 20.90 12.91
C LEU A 184 37.30 20.28 14.07
N ARG A 185 37.31 20.90 15.25
CA ARG A 185 36.72 20.25 16.42
C ARG A 185 35.21 20.13 16.30
N ASP A 186 34.59 20.93 15.44
CA ASP A 186 33.15 20.81 15.21
C ASP A 186 32.89 19.84 14.07
N PRO A 187 32.10 18.80 14.27
CA PRO A 187 31.91 17.79 13.20
C PRO A 187 31.36 18.35 11.91
N TRP A 188 30.64 19.47 11.95
CA TRP A 188 30.09 20.03 10.73
C TRP A 188 31.15 20.76 9.91
N ASN A 189 32.16 21.32 10.58
CA ASN A 189 33.30 21.87 9.86
C ASN A 189 34.02 20.80 9.06
N TRP A 190 33.94 19.52 9.48
CA TRP A 190 34.43 18.45 8.64
C TRP A 190 33.67 18.42 7.31
N LEU A 191 32.34 18.56 7.36
CA LEU A 191 31.55 18.57 6.14
C LEU A 191 31.93 19.75 5.27
N ASP A 192 32.12 20.92 5.87
CA ASP A 192 32.52 22.10 5.09
C ASP A 192 33.88 21.87 4.43
N PHE A 193 34.84 21.32 5.17
CA PHE A 193 36.17 21.09 4.62
C PHE A 193 36.14 20.08 3.48
N VAL A 194 35.35 19.01 3.65
CA VAL A 194 35.21 18.02 2.58
C VAL A 194 34.58 18.65 1.35
N VAL A 195 33.57 19.49 1.56
CA VAL A 195 32.94 20.18 0.43
C VAL A 195 33.96 21.00 -0.33
N ILE A 196 34.80 21.74 0.39
CA ILE A 196 35.75 22.62 -0.31
C ILE A 196 36.84 21.81 -1.03
N VAL A 197 37.33 20.72 -0.42
CA VAL A 197 38.38 19.97 -1.10
C VAL A 197 37.81 19.27 -2.33
N PHE A 198 36.57 18.77 -2.24
CA PHE A 198 35.92 18.22 -3.44
C PHE A 198 35.75 19.30 -4.50
N ALA A 199 35.35 20.50 -4.10
CA ALA A 199 35.12 21.56 -5.07
C ALA A 199 36.38 21.90 -5.84
N TYR A 200 37.53 21.94 -5.15
CA TYR A 200 38.76 22.23 -5.88
C TYR A 200 39.27 21.01 -6.66
N LEU A 201 39.12 19.81 -6.09
CA LEU A 201 39.64 18.61 -6.74
C LEU A 201 38.90 18.32 -8.04
N THR A 202 37.58 18.53 -8.05
CA THR A 202 36.73 18.28 -9.25
C THR A 202 36.99 19.36 -10.31
N GLU A 203 37.40 20.56 -9.90
CA GLU A 203 37.63 21.69 -10.84
C GLU A 203 39.06 21.63 -11.40
N PHE A 204 40.01 21.02 -10.69
CA PHE A 204 41.43 20.98 -11.10
C PHE A 204 41.86 19.54 -11.42
N VAL A 205 41.69 18.61 -10.48
CA VAL A 205 42.09 17.17 -10.67
C VAL A 205 41.01 16.48 -11.50
N ASN A 206 39.78 17.00 -11.47
CA ASN A 206 38.66 16.40 -12.25
C ASN A 206 38.70 14.87 -12.10
N ASN A 209 33.87 10.00 -11.71
CA ASN A 209 32.62 10.13 -12.50
C ASN A 209 32.06 11.54 -12.33
N VAL A 210 31.73 12.21 -13.43
CA VAL A 210 31.17 13.60 -13.37
C VAL A 210 29.84 13.56 -12.61
N SER A 211 29.01 12.55 -12.89
CA SER A 211 27.70 12.42 -12.18
C SER A 211 27.95 12.23 -10.68
N ALA A 212 28.93 11.42 -10.32
CA ALA A 212 29.25 11.18 -8.88
C ALA A 212 29.71 12.50 -8.25
N LEU A 213 30.52 13.28 -8.97
CA LEU A 213 31.00 14.58 -8.45
C LEU A 213 29.81 15.52 -8.24
N ARG A 214 28.84 15.50 -9.17
CA ARG A 214 27.64 16.36 -9.06
C ARG A 214 26.83 15.91 -7.84
N THR A 215 26.75 14.60 -7.60
CA THR A 215 26.03 14.07 -6.41
C THR A 215 26.71 14.60 -5.15
N PHE A 216 28.01 14.89 -5.24
CA PHE A 216 28.76 15.44 -4.08
C PHE A 216 28.54 16.95 -3.96
N ARG A 217 28.09 17.59 -5.03
CA ARG A 217 27.70 19.03 -4.95
C ARG A 217 26.45 19.16 -4.07
N VAL A 218 25.73 18.06 -3.84
CA VAL A 218 24.46 18.11 -3.06
C VAL A 218 24.82 18.06 -1.57
N LEU A 219 26.09 17.83 -1.24
CA LEU A 219 26.58 17.87 0.17
C LEU A 219 26.56 19.31 0.66
N ARG A 220 26.53 20.28 -0.25
CA ARG A 220 26.48 21.73 0.10
C ARG A 220 25.11 22.07 0.67
N ALA A 221 24.08 21.26 0.41
CA ALA A 221 22.74 21.50 0.96
C ALA A 221 22.68 21.18 2.44
N LEU A 222 23.52 20.25 2.91
CA LEU A 222 23.51 19.90 4.32
C LEU A 222 24.11 21.00 5.19
N LYS A 223 24.72 22.02 4.59
CA LYS A 223 25.18 23.17 5.35
C LYS A 223 24.01 24.02 5.85
N THR A 224 22.81 23.82 5.29
CA THR A 224 21.63 24.50 5.81
C THR A 224 21.36 24.11 7.25
N ILE A 225 21.59 22.84 7.58
CA ILE A 225 21.35 22.38 8.95
C ILE A 225 22.28 23.08 9.92
N SER A 226 23.53 23.32 9.51
CA SER A 226 24.47 24.02 10.36
C SER A 226 24.18 25.52 10.43
N VAL A 227 23.68 26.11 9.34
CA VAL A 227 23.49 27.55 9.31
C VAL A 227 22.19 27.95 10.01
N ILE A 228 21.07 27.35 9.62
CA ILE A 228 19.77 27.69 10.17
C ILE A 228 19.73 27.33 11.66
N PRO A 229 19.33 28.25 12.53
CA PRO A 229 19.36 27.95 13.97
C PRO A 229 18.29 26.96 14.36
N GLY A 230 18.69 25.95 15.12
CA GLY A 230 17.76 25.00 15.72
C GLY A 230 17.67 23.66 15.04
N LEU A 231 18.15 23.54 13.80
CA LEU A 231 18.04 22.26 13.09
C LEU A 231 19.04 21.23 13.60
N LYS A 232 20.16 21.69 14.17
CA LYS A 232 21.18 20.77 14.66
C LYS A 232 20.65 19.91 15.79
N THR A 233 19.92 20.52 16.73
CA THR A 233 19.34 19.75 17.83
C THR A 233 18.27 18.79 17.34
N ILE A 234 17.52 19.18 16.32
CA ILE A 234 16.52 18.27 15.75
C ILE A 234 17.19 17.05 15.14
N VAL A 235 18.28 17.27 14.40
CA VAL A 235 19.01 16.15 13.81
C VAL A 235 19.58 15.25 14.91
N GLY A 236 20.14 15.86 15.96
CA GLY A 236 20.64 15.07 17.07
C GLY A 236 19.55 14.25 17.73
N ALA A 237 18.35 14.84 17.88
CA ALA A 237 17.24 14.10 18.45
C ALA A 237 16.83 12.94 17.56
N LEU A 238 16.84 13.13 16.25
CA LEU A 238 16.53 12.04 15.33
C LEU A 238 17.54 10.91 15.47
N ILE A 239 18.82 11.23 15.60
CA ILE A 239 19.84 10.20 15.75
C ILE A 239 19.67 9.46 17.08
N GLN A 240 19.43 10.20 18.17
CA GLN A 240 19.22 9.54 19.45
C GLN A 240 17.94 8.71 19.44
N SER A 241 16.98 9.05 18.58
CA SER A 241 15.79 8.23 18.43
C SER A 241 16.10 6.94 17.67
N VAL A 242 16.89 7.04 16.59
CA VAL A 242 17.20 5.85 15.81
C VAL A 242 18.10 4.91 16.61
N LYS A 243 18.83 5.43 17.60
CA LYS A 243 19.61 4.55 18.45
C LYS A 243 18.75 3.67 19.35
N LYS A 244 17.45 3.90 19.43
CA LYS A 244 16.57 3.15 20.35
C LYS A 244 15.91 2.00 19.60
N LEU A 245 16.13 1.88 18.29
CA LEU A 245 15.43 0.89 17.49
C LEU A 245 16.27 -0.35 17.19
N SER A 246 17.39 -0.55 17.88
CA SER A 246 18.28 -1.65 17.56
C SER A 246 17.60 -3.00 17.73
N ASP A 247 16.94 -3.20 18.88
CA ASP A 247 16.27 -4.47 19.13
C ASP A 247 15.14 -4.72 18.13
N VAL A 248 14.37 -3.69 17.82
CA VAL A 248 13.26 -3.86 16.89
C VAL A 248 13.77 -4.19 15.50
N MET A 249 14.85 -3.55 15.06
CA MET A 249 15.37 -3.87 13.74
C MET A 249 16.02 -5.24 13.71
N ILE A 250 16.64 -5.68 14.80
CA ILE A 250 17.17 -7.03 14.86
C ILE A 250 16.03 -8.04 14.74
N LEU A 251 14.93 -7.81 15.47
CA LEU A 251 13.78 -8.69 15.36
C LEU A 251 13.19 -8.66 13.96
N THR A 252 13.13 -7.48 13.34
CA THR A 252 12.58 -7.37 11.99
C THR A 252 13.43 -8.18 11.00
N VAL A 253 14.74 -8.04 11.08
CA VAL A 253 15.62 -8.78 10.18
C VAL A 253 15.48 -10.27 10.40
N PHE A 254 15.41 -10.70 11.68
CA PHE A 254 15.25 -12.12 11.98
C PHE A 254 13.94 -12.67 11.43
N CYS A 255 12.85 -11.93 11.62
CA CYS A 255 11.55 -12.40 11.15
C CYS A 255 11.51 -12.44 9.63
N LEU A 256 12.05 -11.43 8.96
CA LEU A 256 12.08 -11.45 7.50
C LEU A 256 12.94 -12.58 6.99
N SER A 257 14.05 -12.88 7.67
CA SER A 257 14.89 -14.01 7.26
C SER A 257 14.15 -15.34 7.41
N VAL A 258 13.45 -15.52 8.52
CA VAL A 258 12.72 -16.77 8.72
C VAL A 258 11.61 -16.93 7.68
N PHE A 259 10.84 -15.87 7.45
CA PHE A 259 9.79 -15.97 6.45
C PHE A 259 10.36 -16.10 5.05
N ALA A 260 11.54 -15.53 4.79
CA ALA A 260 12.17 -15.69 3.48
C ALA A 260 12.64 -17.11 3.27
N LEU A 261 13.14 -17.75 4.33
CA LEU A 261 13.49 -19.16 4.23
C LEU A 261 12.26 -20.02 3.97
N ILE A 262 11.15 -19.72 4.64
CA ILE A 262 9.92 -20.47 4.40
C ILE A 262 9.45 -20.28 2.95
N GLY A 263 9.50 -19.04 2.46
CA GLY A 263 9.10 -18.79 1.08
C GLY A 263 10.01 -19.45 0.07
N LEU A 264 11.31 -19.37 0.31
CA LEU A 264 12.27 -20.06 -0.55
C LEU A 264 12.07 -21.56 -0.53
N GLN A 265 11.63 -22.13 0.59
CA GLN A 265 11.31 -23.55 0.61
C GLN A 265 10.07 -23.86 -0.21
N LEU A 266 9.01 -23.06 -0.04
CA LEU A 266 7.73 -23.42 -0.63
C LEU A 266 7.64 -23.06 -2.10
N PHE A 267 7.94 -21.81 -2.45
CA PHE A 267 7.67 -21.28 -3.78
C PHE A 267 8.91 -21.19 -4.66
N MET A 268 9.93 -22.00 -4.43
CA MET A 268 11.15 -21.89 -5.21
C MET A 268 10.91 -22.34 -6.63
N GLY A 269 11.04 -21.42 -7.58
CA GLY A 269 10.87 -21.73 -8.98
C GLY A 269 9.44 -21.81 -9.46
N ASN A 270 8.46 -21.53 -8.59
CA ASN A 270 7.06 -21.64 -9.01
C ASN A 270 6.66 -20.51 -9.94
N LEU A 271 7.37 -19.40 -9.94
CA LEU A 271 7.01 -18.26 -10.78
C LEU A 271 7.62 -18.34 -12.17
N LYS A 272 8.29 -19.44 -12.51
CA LYS A 272 8.77 -19.66 -13.86
C LYS A 272 7.85 -20.57 -14.67
N HIS A 273 6.61 -20.76 -14.22
CA HIS A 273 5.66 -21.59 -14.96
C HIS A 273 5.03 -20.78 -16.08
N LYS A 274 5.00 -21.38 -17.27
CA LYS A 274 4.43 -20.74 -18.45
C LYS A 274 3.68 -21.77 -19.28
N CYS A 275 2.68 -21.30 -20.03
CA CYS A 275 1.94 -22.15 -20.94
C CYS A 275 2.68 -22.21 -22.27
N PHE A 276 3.04 -23.40 -22.72
CA PHE A 276 3.83 -23.58 -23.93
C PHE A 276 3.03 -24.38 -24.95
N ARG A 277 3.29 -24.11 -26.23
CA ARG A 277 2.54 -24.74 -27.32
C ARG A 277 2.64 -26.26 -27.28
N ASN A 278 1.50 -26.92 -27.50
CA ASN A 278 1.50 -28.38 -27.55
C ASN A 278 2.15 -28.90 -28.83
N SER A 279 1.78 -28.32 -29.97
CA SER A 279 2.15 -28.87 -31.28
C SER A 279 3.29 -28.05 -31.86
N LEU A 280 4.44 -28.68 -32.03
CA LEU A 280 5.63 -28.03 -32.56
C LEU A 280 6.03 -28.66 -33.89
N GLU A 281 6.37 -27.81 -34.85
CA GLU A 281 6.74 -28.22 -36.19
C GLU A 281 8.26 -28.42 -36.29
N ASN A 282 8.74 -28.75 -37.49
CA ASN A 282 10.15 -29.01 -37.81
C ASN A 282 10.91 -29.71 -36.68
N ASN A 283 10.31 -30.73 -36.06
CA ASN A 283 10.95 -31.51 -35.00
C ASN A 283 11.47 -30.64 -33.85
N GLU A 284 10.96 -29.42 -33.72
CA GLU A 284 11.51 -28.51 -32.72
C GLU A 284 11.10 -28.94 -31.31
N THR A 285 11.98 -28.63 -30.36
CA THR A 285 11.75 -28.94 -28.96
C THR A 285 11.79 -27.65 -28.15
N LEU A 286 11.46 -27.78 -26.86
CA LEU A 286 11.41 -26.59 -26.00
C LEU A 286 12.77 -25.93 -25.88
N GLU A 287 13.82 -26.72 -25.70
CA GLU A 287 15.16 -26.15 -25.56
C GLU A 287 15.62 -25.50 -26.85
N SER A 288 15.34 -26.14 -28.00
CA SER A 288 15.70 -25.54 -29.28
C SER A 288 14.96 -24.23 -29.49
N ILE A 289 13.69 -24.17 -29.07
CA ILE A 289 12.93 -22.93 -29.16
C ILE A 289 13.55 -21.86 -28.27
N MET A 290 13.88 -22.23 -27.04
CA MET A 290 14.36 -21.23 -26.08
C MET A 290 15.74 -20.72 -26.42
N ASN A 291 16.54 -21.52 -27.13
CA ASN A 291 17.86 -21.05 -27.53
C ASN A 291 17.82 -20.03 -28.66
N THR A 292 16.65 -19.77 -29.26
CA THR A 292 16.55 -18.88 -30.41
C THR A 292 15.76 -17.61 -30.13
N LEU A 293 14.79 -17.66 -29.23
CA LEU A 293 13.92 -16.49 -29.02
C LEU A 293 14.63 -15.40 -28.24
N GLU A 294 14.33 -14.14 -28.58
CA GLU A 294 14.83 -13.00 -27.83
C GLU A 294 13.72 -11.99 -27.58
N SER A 295 12.97 -11.65 -28.62
CA SER A 295 11.98 -10.57 -28.52
C SER A 295 10.65 -11.07 -27.97
N GLU A 296 9.88 -10.14 -27.41
CA GLU A 296 8.54 -10.49 -26.95
C GLU A 296 7.64 -10.91 -28.10
N GLU A 297 7.88 -10.38 -29.29
CA GLU A 297 7.15 -10.85 -30.47
C GLU A 297 7.56 -12.26 -30.86
N ASP A 298 8.76 -12.70 -30.44
CA ASP A 298 9.13 -14.09 -30.63
C ASP A 298 8.51 -14.98 -29.57
N PHE A 299 8.49 -14.53 -28.32
CA PHE A 299 7.90 -15.33 -27.25
C PHE A 299 6.39 -15.45 -27.42
N ARG A 300 5.74 -14.42 -27.95
CA ARG A 300 4.29 -14.43 -28.06
C ARG A 300 3.78 -15.50 -29.03
N LYS A 301 4.66 -16.05 -29.86
CA LYS A 301 4.27 -17.10 -30.78
C LYS A 301 4.32 -18.49 -30.17
N TYR A 302 4.96 -18.65 -29.01
CA TYR A 302 5.13 -19.94 -28.38
C TYR A 302 4.53 -20.04 -26.99
N PHE A 303 4.38 -18.93 -26.29
CA PHE A 303 3.78 -18.92 -24.96
C PHE A 303 2.49 -18.11 -25.00
N TYR A 304 1.59 -18.40 -24.07
CA TYR A 304 0.31 -17.71 -24.04
C TYR A 304 0.47 -16.39 -23.29
N TYR A 305 0.26 -15.29 -24.01
CA TYR A 305 0.32 -13.95 -23.44
C TYR A 305 -1.09 -13.36 -23.40
N LEU A 306 -1.51 -12.86 -22.25
CA LEU A 306 -2.73 -12.07 -22.22
C LEU A 306 -2.52 -10.79 -23.00
N GLU A 307 -3.61 -10.28 -23.57
CA GLU A 307 -3.50 -9.08 -24.40
C GLU A 307 -3.04 -7.92 -23.54
N GLY A 308 -2.11 -7.13 -24.07
CA GLY A 308 -1.54 -6.01 -23.33
C GLY A 308 -0.79 -6.41 -22.09
N SER A 309 0.00 -7.48 -22.16
CA SER A 309 0.77 -7.98 -21.04
C SER A 309 2.23 -8.12 -21.44
N LYS A 310 3.13 -7.73 -20.55
CA LYS A 310 4.56 -7.86 -20.80
C LYS A 310 5.12 -9.20 -20.34
N ASP A 311 4.34 -9.98 -19.61
CA ASP A 311 4.82 -11.23 -19.03
C ASP A 311 3.93 -12.38 -19.50
N ALA A 312 4.54 -13.54 -19.69
CA ALA A 312 3.78 -14.73 -20.04
C ALA A 312 2.86 -15.12 -18.89
N LEU A 313 1.69 -15.64 -19.24
CA LEU A 313 0.71 -16.00 -18.22
C LEU A 313 1.21 -17.15 -17.36
N LEU A 314 1.08 -17.01 -16.05
CA LEU A 314 1.49 -18.05 -15.13
C LEU A 314 0.44 -19.15 -15.08
N CYS A 315 0.91 -20.40 -15.03
CA CYS A 315 0.04 -21.55 -14.87
C CYS A 315 0.48 -22.35 -13.64
N GLY A 316 -0.15 -23.49 -13.45
CA GLY A 316 0.17 -24.32 -12.31
C GLY A 316 -0.22 -25.76 -12.57
N PHE A 317 0.40 -26.67 -11.83
CA PHE A 317 0.15 -28.09 -11.99
C PHE A 317 -0.92 -28.62 -11.05
N SER A 318 -1.44 -27.79 -10.16
CA SER A 318 -2.45 -28.22 -9.22
C SER A 318 -3.85 -28.04 -9.79
N THR A 319 -4.84 -28.50 -9.03
CA THR A 319 -6.23 -28.37 -9.48
C THR A 319 -6.74 -26.95 -9.33
N ASP A 320 -6.25 -26.21 -8.33
CA ASP A 320 -6.73 -24.88 -8.03
C ASP A 320 -5.82 -23.77 -8.54
N SER A 321 -4.74 -24.11 -9.25
CA SER A 321 -3.89 -23.09 -9.85
C SER A 321 -4.52 -22.58 -11.14
N GLY A 322 -3.76 -21.79 -11.89
CA GLY A 322 -4.26 -21.29 -13.14
C GLY A 322 -4.39 -22.38 -14.19
N GLN A 323 -5.17 -22.08 -15.23
CA GLN A 323 -5.46 -23.04 -16.29
C GLN A 323 -4.91 -22.51 -17.60
N CYS A 324 -4.09 -23.32 -18.27
CA CYS A 324 -3.67 -23.00 -19.61
C CYS A 324 -4.84 -23.22 -20.57
N PRO A 325 -4.87 -22.49 -21.68
CA PRO A 325 -5.90 -22.74 -22.69
C PRO A 325 -5.71 -24.09 -23.34
N GLU A 326 -6.71 -24.52 -24.11
CA GLU A 326 -6.55 -25.74 -24.88
C GLU A 326 -5.45 -25.56 -25.91
N GLY A 327 -4.64 -26.59 -26.09
CA GLY A 327 -3.52 -26.52 -26.99
C GLY A 327 -2.26 -25.93 -26.39
N TYR A 328 -2.31 -25.49 -25.14
CA TYR A 328 -1.15 -25.00 -24.40
C TYR A 328 -0.97 -25.85 -23.16
N THR A 329 0.29 -26.14 -22.82
CA THR A 329 0.60 -26.95 -21.65
C THR A 329 1.57 -26.21 -20.75
N CYS A 330 1.52 -26.52 -19.46
CA CYS A 330 2.31 -25.81 -18.46
C CYS A 330 3.70 -26.42 -18.35
N VAL A 331 4.73 -25.57 -18.41
CA VAL A 331 6.11 -26.02 -18.27
C VAL A 331 6.87 -24.95 -17.52
N LYS A 332 7.92 -25.36 -16.81
CA LYS A 332 8.77 -24.45 -16.05
C LYS A 332 9.98 -24.06 -16.89
N ILE A 333 10.01 -22.82 -17.35
CA ILE A 333 11.05 -22.35 -18.26
C ILE A 333 10.99 -20.83 -18.27
N GLY A 334 12.04 -20.21 -18.77
CA GLY A 334 12.02 -18.77 -18.97
C GLY A 334 12.43 -17.99 -17.75
N ARG A 335 11.99 -16.73 -17.71
CA ARG A 335 12.35 -15.82 -16.64
C ARG A 335 11.15 -15.53 -15.74
N ASN A 336 11.44 -15.01 -14.55
CA ASN A 336 10.40 -14.64 -13.62
C ASN A 336 9.70 -13.36 -14.08
N PRO A 337 8.51 -13.08 -13.58
CA PRO A 337 7.80 -11.87 -14.01
C PRO A 337 8.45 -10.60 -13.49
N ASP A 338 7.96 -9.45 -13.96
CA ASP A 338 8.46 -8.14 -13.52
C ASP A 338 9.97 -8.01 -13.77
N TYR A 339 10.34 -8.13 -15.04
CA TYR A 339 11.72 -8.01 -15.51
C TYR A 339 12.61 -9.11 -14.94
N GLY A 340 12.04 -10.02 -14.17
CA GLY A 340 12.80 -11.05 -13.48
C GLY A 340 13.11 -10.74 -12.04
N TYR A 341 12.52 -9.69 -11.47
CA TYR A 341 12.83 -9.31 -10.10
C TYR A 341 11.84 -9.89 -9.10
N THR A 342 10.68 -10.34 -9.54
CA THR A 342 9.70 -10.95 -8.65
C THR A 342 9.91 -12.45 -8.64
N SER A 343 10.57 -12.95 -7.60
CA SER A 343 10.85 -14.38 -7.54
C SER A 343 11.15 -14.78 -6.11
N PHE A 344 11.08 -16.09 -5.86
CA PHE A 344 11.57 -16.71 -4.63
C PHE A 344 12.74 -17.65 -4.91
N ASP A 345 13.39 -17.51 -6.08
CA ASP A 345 14.36 -18.48 -6.54
C ASP A 345 15.67 -18.45 -5.77
N THR A 346 15.91 -17.42 -4.97
CA THR A 346 17.15 -17.27 -4.23
C THR A 346 16.83 -16.56 -2.93
N PHE A 347 17.71 -16.70 -1.94
CA PHE A 347 17.44 -16.08 -0.65
C PHE A 347 17.34 -14.57 -0.75
N SER A 348 18.17 -13.94 -1.58
CA SER A 348 18.12 -12.49 -1.71
C SER A 348 16.79 -12.02 -2.29
N TRP A 349 16.34 -12.68 -3.36
CA TRP A 349 15.07 -12.31 -3.97
C TRP A 349 13.89 -12.63 -3.06
N ALA A 350 13.96 -13.74 -2.32
CA ALA A 350 12.92 -14.03 -1.35
C ALA A 350 12.90 -12.97 -0.24
N PHE A 351 14.06 -12.51 0.19
CA PHE A 351 14.13 -11.45 1.19
C PHE A 351 13.53 -10.16 0.66
N LEU A 352 13.80 -9.82 -0.59
CA LEU A 352 13.18 -8.63 -1.17
C LEU A 352 11.66 -8.79 -1.23
N ALA A 353 11.18 -9.96 -1.63
CA ALA A 353 9.74 -10.20 -1.69
C ALA A 353 9.12 -10.11 -0.30
N LEU A 354 9.80 -10.63 0.72
CA LEU A 354 9.24 -10.59 2.06
C LEU A 354 9.27 -9.18 2.65
N PHE A 355 10.29 -8.39 2.33
CA PHE A 355 10.30 -6.99 2.73
C PHE A 355 9.16 -6.24 2.06
N ARG A 356 8.91 -6.52 0.78
CA ARG A 356 7.78 -5.96 0.08
C ARG A 356 6.46 -6.34 0.74
N LEU A 357 6.34 -7.60 1.15
CA LEU A 357 5.14 -8.06 1.84
C LEU A 357 4.96 -7.37 3.18
N MET A 358 6.04 -7.20 3.93
CA MET A 358 5.94 -6.54 5.24
C MET A 358 5.52 -5.09 5.09
N THR A 359 6.10 -4.37 4.13
CA THR A 359 5.72 -2.98 3.94
C THR A 359 4.45 -2.83 3.12
N GLN A 360 3.87 -3.93 2.64
CA GLN A 360 2.58 -3.93 1.97
C GLN A 360 2.57 -3.00 0.76
N ASP A 361 3.66 -3.00 0.00
CA ASP A 361 3.77 -2.15 -1.17
C ASP A 361 3.52 -3.03 -2.40
N TYR A 362 2.37 -2.82 -3.05
CA TYR A 362 2.00 -3.59 -4.24
C TYR A 362 2.02 -5.09 -3.96
N TRP A 363 1.64 -5.48 -2.76
CA TRP A 363 1.71 -6.88 -2.38
C TRP A 363 0.59 -7.71 -3.00
N GLU A 364 -0.48 -7.09 -3.48
CA GLU A 364 -1.58 -7.86 -4.05
C GLU A 364 -1.17 -8.49 -5.37
N ASN A 365 -0.28 -7.85 -6.12
CA ASN A 365 0.22 -8.47 -7.34
C ASN A 365 1.01 -9.73 -7.02
N LEU A 366 1.87 -9.67 -6.00
CA LEU A 366 2.59 -10.86 -5.57
C LEU A 366 1.64 -11.93 -5.06
N TYR A 367 0.61 -11.51 -4.33
CA TYR A 367 -0.43 -12.42 -3.87
C TYR A 367 -1.05 -13.19 -5.03
N GLN A 368 -1.50 -12.47 -6.04
CA GLN A 368 -2.17 -13.11 -7.17
C GLN A 368 -1.21 -13.98 -7.98
N GLN A 369 0.02 -13.50 -8.20
CA GLN A 369 1.00 -14.28 -8.95
C GLN A 369 1.30 -15.59 -8.24
N THR A 370 1.55 -15.52 -6.93
CA THR A 370 1.87 -16.73 -6.19
C THR A 370 0.70 -17.69 -6.15
N LEU A 371 -0.51 -17.17 -5.94
CA LEU A 371 -1.69 -18.04 -5.91
C LEU A 371 -1.90 -18.74 -7.25
N ARG A 372 -1.77 -17.98 -8.35
CA ARG A 372 -1.94 -18.56 -9.68
C ARG A 372 -0.86 -19.60 -9.96
N ALA A 373 0.38 -19.34 -9.56
CA ALA A 373 1.47 -20.25 -9.90
C ALA A 373 1.45 -21.51 -9.04
N ALA A 374 1.03 -21.41 -7.77
CA ALA A 374 1.08 -22.53 -6.85
C ALA A 374 -0.28 -23.15 -6.59
N GLY A 375 -1.21 -22.39 -6.05
CA GLY A 375 -2.53 -22.90 -5.71
C GLY A 375 -3.19 -21.96 -4.73
N LYS A 376 -4.52 -22.07 -4.63
CA LYS A 376 -5.26 -21.17 -3.77
C LYS A 376 -5.22 -21.60 -2.31
N THR A 377 -4.75 -22.81 -2.01
CA THR A 377 -4.60 -23.22 -0.62
C THR A 377 -3.34 -22.63 0.01
N TYR A 378 -2.53 -21.90 -0.75
CA TYR A 378 -1.33 -21.29 -0.22
C TYR A 378 -1.58 -19.88 0.31
N MET A 379 -2.84 -19.45 0.37
CA MET A 379 -3.16 -18.15 0.97
C MET A 379 -2.96 -18.14 2.47
N ILE A 380 -2.78 -19.30 3.10
CA ILE A 380 -2.49 -19.35 4.53
C ILE A 380 -1.14 -18.71 4.82
N PHE A 381 -0.16 -18.93 3.94
CA PHE A 381 1.13 -18.29 4.10
C PHE A 381 0.98 -16.77 4.10
N PHE A 382 0.23 -16.23 3.16
CA PHE A 382 0.06 -14.79 3.09
C PHE A 382 -0.74 -14.26 4.27
N VAL A 383 -1.74 -15.02 4.73
CA VAL A 383 -2.49 -14.61 5.91
C VAL A 383 -1.56 -14.49 7.12
N VAL A 384 -0.74 -15.52 7.34
CA VAL A 384 0.17 -15.50 8.49
C VAL A 384 1.17 -14.37 8.37
N VAL A 385 1.74 -14.19 7.18
CA VAL A 385 2.75 -13.15 6.99
C VAL A 385 2.15 -11.77 7.22
N ILE A 386 0.97 -11.51 6.67
CA ILE A 386 0.37 -10.19 6.76
C ILE A 386 -0.06 -9.90 8.20
N PHE A 387 -0.63 -10.88 8.88
CA PHE A 387 -1.15 -10.62 10.22
C PHE A 387 -0.15 -10.93 11.33
N LEU A 388 1.08 -11.29 10.99
CA LEU A 388 2.11 -11.47 12.01
C LEU A 388 3.30 -10.56 11.80
N GLY A 389 3.79 -10.42 10.57
CA GLY A 389 4.94 -9.58 10.32
C GLY A 389 4.58 -8.20 9.83
N SER A 390 3.59 -8.11 8.94
CA SER A 390 3.24 -6.82 8.36
C SER A 390 2.64 -5.86 9.37
N PHE A 391 1.76 -6.33 10.25
CA PHE A 391 1.07 -5.44 11.18
C PHE A 391 1.76 -5.37 12.54
N TYR A 392 2.18 -6.51 13.08
CA TYR A 392 2.72 -6.52 14.43
C TYR A 392 4.09 -5.84 14.49
N LEU A 393 4.93 -6.06 13.48
CA LEU A 393 6.24 -5.39 13.46
C LEU A 393 6.10 -3.89 13.25
N ILE A 394 5.18 -3.48 12.38
CA ILE A 394 4.93 -2.05 12.19
C ILE A 394 4.45 -1.43 13.50
N ASN A 395 3.54 -2.11 14.19
CA ASN A 395 3.05 -1.58 15.46
C ASN A 395 4.17 -1.54 16.52
N LEU A 396 5.07 -2.51 16.50
CA LEU A 396 6.21 -2.46 17.41
C LEU A 396 7.10 -1.27 17.12
N ILE A 397 7.38 -1.02 15.85
CA ILE A 397 8.21 0.14 15.48
C ILE A 397 7.55 1.43 15.96
N LEU A 398 6.24 1.55 15.69
CA LEU A 398 5.52 2.76 16.07
C LEU A 398 5.50 2.93 17.59
N ALA A 399 5.30 1.85 18.33
CA ALA A 399 5.27 1.93 19.79
C ALA A 399 6.63 2.33 20.35
N VAL A 400 7.71 1.79 19.78
CA VAL A 400 9.04 2.13 20.28
C VAL A 400 9.35 3.60 20.00
N VAL A 401 9.01 4.09 18.81
CA VAL A 401 9.23 5.50 18.53
C VAL A 401 8.39 6.38 19.44
N ALA A 402 7.16 5.94 19.75
CA ALA A 402 6.32 6.69 20.67
C ALA A 402 6.93 6.75 22.06
N MET A 403 7.49 5.63 22.54
CA MET A 403 8.16 5.67 23.84
C MET A 403 9.33 6.62 23.81
N ALA A 404 10.12 6.59 22.74
CA ALA A 404 11.27 7.47 22.66
C ALA A 404 10.85 8.93 22.73
N TYR A 405 9.82 9.30 21.97
CA TYR A 405 9.34 10.68 22.01
C TYR A 405 8.82 11.05 23.39
N GLU A 406 8.09 10.13 24.04
CA GLU A 406 7.53 10.45 25.34
C GLU A 406 8.62 10.69 26.37
N GLU A 407 9.65 9.85 26.40
CA GLU A 407 10.73 10.07 27.35
C GLU A 407 11.50 11.35 27.04
N GLN A 408 11.75 11.62 25.75
CA GLN A 408 12.45 12.85 25.40
C GLN A 408 11.66 14.07 25.83
N ASN A 409 10.35 14.06 25.60
CA ASN A 409 9.51 15.19 25.97
C ASN A 409 9.40 15.33 27.48
N GLN A 410 9.39 14.21 28.21
CA GLN A 410 9.38 14.29 29.67
C GLN A 410 10.66 14.92 30.19
N ALA A 411 11.80 14.55 29.60
CA ALA A 411 13.06 15.19 29.99
C ALA A 411 13.05 16.68 29.67
N ASN A 412 12.50 17.04 28.50
CA ASN A 412 12.40 18.46 28.15
C ASN A 412 11.53 19.21 29.16
N ILE A 413 10.40 18.64 29.54
CA ILE A 413 9.51 19.28 30.50
C ILE A 413 10.21 19.43 31.85
N GLU A 414 10.93 18.40 32.28
CA GLU A 414 11.65 18.47 33.55
C GLU A 414 12.69 19.58 33.53
N GLU A 415 13.45 19.68 32.45
CA GLU A 415 14.48 20.71 32.37
C GLU A 415 13.86 22.11 32.28
N ALA A 416 12.73 22.24 31.58
CA ALA A 416 12.04 23.53 31.54
C ALA A 416 11.55 23.93 32.93
N LYS A 417 11.01 22.97 33.69
CA LYS A 417 10.57 23.25 35.05
C LYS A 417 11.74 23.67 35.92
N GLN A 418 12.89 22.99 35.78
CA GLN A 418 14.07 23.38 36.54
C GLN A 418 14.54 24.78 36.18
N PRO A 728 -17.18 64.69 14.97
CA PRO A 728 -18.46 65.14 15.53
C PRO A 728 -19.63 64.28 15.08
N TYR A 729 -19.88 64.27 13.78
CA TYR A 729 -20.93 63.46 13.20
C TYR A 729 -20.51 62.01 12.98
N TRP A 730 -19.21 61.71 13.11
CA TRP A 730 -18.74 60.35 12.84
C TRP A 730 -19.05 59.42 14.00
N ILE A 731 -19.07 59.93 15.23
CA ILE A 731 -19.32 59.11 16.40
C ILE A 731 -20.75 58.56 16.36
N LYS A 732 -21.62 59.35 15.78
CA LYS A 732 -23.04 58.98 15.54
C LYS A 732 -23.18 57.67 14.78
N PHE A 733 -22.45 57.50 13.70
CA PHE A 733 -22.47 56.27 12.91
C PHE A 733 -21.58 55.20 13.52
N LYS A 734 -20.47 55.59 14.16
CA LYS A 734 -19.65 54.57 14.82
C LYS A 734 -20.45 53.81 15.85
N LYS A 735 -21.13 54.53 16.76
CA LYS A 735 -21.93 53.85 17.77
C LYS A 735 -23.12 53.11 17.15
N CYS A 736 -23.74 53.69 16.11
CA CYS A 736 -24.90 53.03 15.51
C CYS A 736 -24.52 51.70 14.87
N ILE A 737 -23.47 51.69 14.05
CA ILE A 737 -23.06 50.44 13.42
C ILE A 737 -22.44 49.50 14.44
N TYR A 738 -21.96 49.99 15.58
CA TYR A 738 -21.49 49.06 16.60
C TYR A 738 -22.67 48.37 17.29
N PHE A 739 -23.77 49.09 17.52
CA PHE A 739 -24.99 48.40 17.95
C PHE A 739 -25.45 47.40 16.89
N ILE A 740 -25.37 47.78 15.61
CA ILE A 740 -25.91 46.95 14.55
C ILE A 740 -25.13 45.64 14.37
N VAL A 741 -23.82 45.75 14.15
CA VAL A 741 -23.09 44.61 13.60
C VAL A 741 -22.58 43.65 14.67
N MET A 742 -22.25 44.13 15.87
CA MET A 742 -21.68 43.27 16.88
C MET A 742 -22.72 42.54 17.71
N ASP A 743 -23.98 42.57 17.28
CA ASP A 743 -25.02 41.82 17.98
C ASP A 743 -24.81 40.32 17.77
N PRO A 744 -25.17 39.49 18.74
CA PRO A 744 -24.99 38.04 18.58
C PRO A 744 -25.69 37.45 17.38
N PHE A 745 -26.85 38.00 17.00
CA PHE A 745 -27.62 37.42 15.91
C PHE A 745 -26.89 37.54 14.57
N VAL A 746 -26.10 38.60 14.40
CA VAL A 746 -25.39 38.80 13.14
C VAL A 746 -24.41 37.68 12.89
N ASP A 747 -23.74 37.20 13.94
CA ASP A 747 -22.81 36.09 13.77
C ASP A 747 -23.52 34.81 13.34
N LEU A 748 -24.68 34.53 13.92
CA LEU A 748 -25.45 33.36 13.51
C LEU A 748 -25.90 33.49 12.06
N ALA A 749 -26.34 34.69 11.67
CA ALA A 749 -26.73 34.91 10.28
C ALA A 749 -25.55 34.70 9.33
N ILE A 750 -24.36 35.18 9.74
CA ILE A 750 -23.18 35.01 8.90
C ILE A 750 -22.81 33.54 8.77
N THR A 751 -22.94 32.79 9.87
CA THR A 751 -22.66 31.36 9.82
C THR A 751 -23.64 30.64 8.88
N ILE A 752 -24.91 31.00 8.97
CA ILE A 752 -25.91 30.41 8.07
C ILE A 752 -25.58 30.74 6.62
N CYS A 753 -25.19 32.00 6.36
CA CYS A 753 -24.82 32.40 5.01
C CYS A 753 -23.60 31.63 4.52
N ILE A 754 -22.62 31.39 5.40
CA ILE A 754 -21.44 30.63 5.02
C ILE A 754 -21.82 29.21 4.62
N VAL A 755 -22.66 28.55 5.42
CA VAL A 755 -23.07 27.19 5.12
C VAL A 755 -23.87 27.15 3.82
N LEU A 756 -24.75 28.12 3.61
CA LEU A 756 -25.52 28.18 2.37
C LEU A 756 -24.60 28.38 1.17
N ASN A 757 -23.60 29.24 1.31
CA ASN A 757 -22.67 29.47 0.22
C ASN A 757 -21.89 28.21 -0.12
N THR A 758 -21.47 27.46 0.89
CA THR A 758 -20.77 26.20 0.62
C THR A 758 -21.68 25.22 -0.10
N LEU A 759 -22.89 25.01 0.42
CA LEU A 759 -23.81 24.07 -0.21
C LEU A 759 -24.32 24.57 -1.55
N PHE A 760 -24.13 25.84 -1.86
CA PHE A 760 -24.52 26.37 -3.17
C PHE A 760 -23.40 26.21 -4.18
N MET A 761 -22.14 26.36 -3.73
CA MET A 761 -21.02 26.02 -4.59
C MET A 761 -20.96 24.52 -4.87
N ALA A 762 -21.44 23.70 -3.94
CA ALA A 762 -21.39 22.26 -4.14
C ALA A 762 -22.47 21.75 -5.09
N MET A 763 -23.08 22.61 -5.89
CA MET A 763 -24.08 22.20 -6.87
C MET A 763 -23.58 22.33 -8.30
N GLU A 764 -22.29 22.14 -8.52
CA GLU A 764 -21.73 22.22 -9.87
C GLU A 764 -21.48 20.82 -10.41
N HIS A 765 -21.81 20.60 -11.68
CA HIS A 765 -21.59 19.34 -12.35
C HIS A 765 -21.08 19.62 -13.76
N HIS A 766 -20.79 18.55 -14.50
CA HIS A 766 -20.22 18.74 -15.83
C HIS A 766 -21.30 19.15 -16.83
N PRO A 767 -22.28 18.29 -17.16
CA PRO A 767 -23.21 18.74 -18.21
C PRO A 767 -24.26 19.69 -17.64
N MET A 768 -23.83 20.91 -17.35
CA MET A 768 -24.66 21.90 -16.68
C MET A 768 -25.26 22.83 -17.73
N THR A 769 -26.57 23.01 -17.66
CA THR A 769 -27.25 23.88 -18.62
C THR A 769 -26.97 25.34 -18.32
N GLU A 770 -27.21 26.18 -19.34
CA GLU A 770 -26.84 27.58 -19.24
C GLU A 770 -27.64 28.31 -18.17
N GLU A 771 -28.92 27.97 -18.01
CA GLU A 771 -29.71 28.61 -16.96
C GLU A 771 -29.18 28.25 -15.57
N PHE A 772 -28.79 26.99 -15.38
CA PHE A 772 -28.21 26.59 -14.10
C PHE A 772 -26.90 27.33 -13.86
N LYS A 773 -26.07 27.46 -14.89
CA LYS A 773 -24.85 28.25 -14.76
C LYS A 773 -25.15 29.68 -14.36
N ASN A 774 -26.18 30.27 -14.96
CA ASN A 774 -26.55 31.65 -14.64
C ASN A 774 -26.98 31.79 -13.20
N VAL A 775 -27.82 30.86 -12.72
CA VAL A 775 -28.31 30.98 -11.34
C VAL A 775 -27.17 30.77 -10.35
N LEU A 776 -26.23 29.87 -10.68
CA LEU A 776 -25.07 29.70 -9.80
C LEU A 776 -24.23 30.96 -9.74
N ALA A 777 -24.00 31.60 -10.89
CA ALA A 777 -23.24 32.84 -10.90
C ALA A 777 -23.95 33.92 -10.09
N ILE A 778 -25.26 34.04 -10.23
CA ILE A 778 -26.01 35.07 -9.51
C ILE A 778 -25.94 34.81 -8.01
N GLY A 779 -26.09 33.55 -7.60
CA GLY A 779 -26.00 33.23 -6.18
C GLY A 779 -24.64 33.56 -5.59
N ASN A 780 -23.56 33.22 -6.32
CA ASN A 780 -22.23 33.56 -5.84
C ASN A 780 -22.04 35.06 -5.75
N LEU A 781 -22.58 35.81 -6.71
CA LEU A 781 -22.53 37.26 -6.65
C LEU A 781 -23.22 37.79 -5.41
N VAL A 782 -24.41 37.25 -5.10
CA VAL A 782 -25.15 37.70 -3.92
C VAL A 782 -24.34 37.42 -2.65
N PHE A 783 -23.75 36.23 -2.56
CA PHE A 783 -23.02 35.88 -1.34
C PHE A 783 -21.78 36.76 -1.16
N THR A 784 -21.02 36.99 -2.23
CA THR A 784 -19.84 37.84 -2.08
C THR A 784 -20.23 39.28 -1.77
N GLY A 785 -21.37 39.74 -2.31
CA GLY A 785 -21.86 41.05 -1.95
C GLY A 785 -22.20 41.15 -0.48
N ILE A 786 -22.86 40.12 0.06
CA ILE A 786 -23.20 40.12 1.48
C ILE A 786 -21.95 40.19 2.34
N PHE A 787 -20.94 39.37 2.01
CA PHE A 787 -19.72 39.38 2.83
C PHE A 787 -18.96 40.69 2.71
N ALA A 788 -18.91 41.27 1.50
CA ALA A 788 -18.25 42.57 1.36
C ALA A 788 -18.96 43.65 2.17
N ALA A 789 -20.29 43.65 2.13
CA ALA A 789 -21.04 44.60 2.93
C ALA A 789 -20.78 44.40 4.41
N GLU A 790 -20.66 43.15 4.85
CA GLU A 790 -20.38 42.90 6.26
C GLU A 790 -19.00 43.40 6.65
N MET A 791 -18.02 43.24 5.76
CA MET A 791 -16.65 43.74 6.00
C MET A 791 -16.70 45.27 6.13
N VAL A 792 -17.43 45.95 5.23
CA VAL A 792 -17.51 47.41 5.25
C VAL A 792 -18.20 47.88 6.52
N LEU A 793 -19.26 47.19 6.91
CA LEU A 793 -19.98 47.57 8.13
C LEU A 793 -19.08 47.42 9.36
N LYS A 794 -18.33 46.32 9.46
CA LYS A 794 -17.47 46.16 10.62
C LYS A 794 -16.22 47.03 10.57
N LEU A 795 -15.89 47.61 9.42
CA LEU A 795 -14.80 48.57 9.35
C LEU A 795 -15.23 50.01 9.59
N ILE A 796 -16.51 50.34 9.37
CA ILE A 796 -17.02 51.64 9.76
C ILE A 796 -17.59 51.62 11.17
N ALA A 797 -17.91 50.46 11.73
CA ALA A 797 -18.33 50.38 13.12
C ALA A 797 -17.15 50.42 14.07
N MET A 798 -15.95 50.15 13.61
CA MET A 798 -14.74 50.21 14.47
C MET A 798 -13.54 50.45 13.58
N ASP A 799 -12.59 51.27 13.96
CA ASP A 799 -11.51 51.73 13.10
C ASP A 799 -10.59 50.56 12.72
N PRO A 800 -9.83 50.72 11.63
CA PRO A 800 -8.88 49.68 11.24
C PRO A 800 -7.89 49.31 12.33
N TYR A 801 -7.50 50.28 13.17
CA TYR A 801 -6.57 50.02 14.25
C TYR A 801 -7.06 48.93 15.18
N GLU A 802 -8.38 48.72 15.24
CA GLU A 802 -8.99 47.69 16.07
C GLU A 802 -9.52 46.52 15.26
N TYR A 803 -10.03 46.77 14.05
CA TYR A 803 -10.49 45.66 13.22
C TYR A 803 -9.33 44.75 12.83
N PHE A 804 -8.24 45.34 12.34
CA PHE A 804 -7.09 44.55 11.92
C PHE A 804 -6.28 44.02 13.10
N GLN A 805 -6.87 43.99 14.29
CA GLN A 805 -6.22 43.43 15.47
C GLN A 805 -6.63 42.00 15.74
N VAL A 806 -7.46 41.40 14.87
CA VAL A 806 -8.03 40.08 15.09
C VAL A 806 -7.63 39.18 13.92
N GLY A 807 -7.14 37.97 14.26
CA GLY A 807 -6.73 37.04 13.22
C GLY A 807 -7.87 36.63 12.31
N TRP A 808 -9.05 36.37 12.91
CA TRP A 808 -10.22 36.05 12.09
C TRP A 808 -10.56 37.20 11.16
N ASN A 809 -10.43 38.44 11.64
CA ASN A 809 -10.72 39.59 10.80
C ASN A 809 -9.74 39.70 9.63
N ILE A 810 -8.45 39.48 9.89
CA ILE A 810 -7.47 39.48 8.80
C ILE A 810 -7.80 38.39 7.78
N PHE A 811 -8.15 37.21 8.28
CA PHE A 811 -8.45 36.07 7.43
C PHE A 811 -9.66 36.35 6.54
N ASP A 812 -10.73 36.88 7.14
CA ASP A 812 -11.92 37.24 6.40
C ASP A 812 -11.62 38.32 5.38
N SER A 813 -10.80 39.31 5.75
CA SER A 813 -10.44 40.37 4.83
C SER A 813 -9.72 39.82 3.61
N LEU A 814 -8.77 38.91 3.83
CA LEU A 814 -8.05 38.30 2.71
C LEU A 814 -9.02 37.56 1.78
N ILE A 815 -9.90 36.75 2.36
CA ILE A 815 -10.84 35.99 1.52
C ILE A 815 -11.71 36.93 0.72
N VAL A 816 -12.23 37.98 1.34
CA VAL A 816 -13.18 38.85 0.64
C VAL A 816 -12.47 39.65 -0.45
N THR A 817 -11.24 40.11 -0.19
CA THR A 817 -10.55 40.87 -1.23
C THR A 817 -10.17 39.96 -2.39
N LEU A 818 -9.86 38.69 -2.10
CA LEU A 818 -9.69 37.73 -3.19
C LEU A 818 -10.97 37.57 -3.99
N SER A 819 -12.12 37.58 -3.30
CA SER A 819 -13.40 37.47 -4.00
C SER A 819 -13.61 38.64 -4.95
N LEU A 820 -13.37 39.87 -4.49
CA LEU A 820 -13.51 41.01 -5.39
C LEU A 820 -12.49 40.98 -6.53
N VAL A 821 -11.27 40.50 -6.27
CA VAL A 821 -10.29 40.39 -7.36
C VAL A 821 -10.81 39.46 -8.44
N GLU A 822 -11.27 38.27 -8.03
CA GLU A 822 -11.78 37.30 -9.01
C GLU A 822 -13.03 37.83 -9.69
N LEU A 823 -13.85 38.62 -8.98
CA LEU A 823 -15.05 39.19 -9.59
C LEU A 823 -14.70 40.21 -10.66
N PHE A 824 -13.77 41.12 -10.36
CA PHE A 824 -13.36 42.11 -11.35
C PHE A 824 -12.70 41.44 -12.55
N LEU A 825 -11.89 40.42 -12.31
CA LEU A 825 -11.34 39.65 -13.43
C LEU A 825 -12.43 38.82 -14.10
N LEU A 831 -10.84 33.42 -11.53
CA LEU A 831 -10.51 32.13 -12.11
C LEU A 831 -11.08 30.98 -11.28
N SER A 832 -10.84 29.75 -11.72
CA SER A 832 -11.36 28.59 -11.01
C SER A 832 -10.75 28.46 -9.62
N VAL A 833 -9.44 28.66 -9.53
CA VAL A 833 -8.75 28.57 -8.21
C VAL A 833 -9.27 29.67 -7.29
N LEU A 834 -9.27 30.90 -7.78
CA LEU A 834 -9.65 32.03 -6.93
C LEU A 834 -11.12 31.98 -6.55
N ARG A 835 -11.93 31.23 -7.30
CA ARG A 835 -13.30 31.00 -6.88
C ARG A 835 -13.34 30.05 -5.67
N SER A 836 -12.50 29.02 -5.70
CA SER A 836 -12.43 28.06 -4.60
C SER A 836 -11.69 28.61 -3.39
N PHE A 837 -10.99 29.74 -3.54
CA PHE A 837 -10.41 30.40 -2.38
C PHE A 837 -11.46 30.78 -1.35
N ARG A 838 -12.70 31.00 -1.80
CA ARG A 838 -13.78 31.39 -0.90
C ARG A 838 -14.14 30.28 0.08
N LEU A 839 -13.77 29.04 -0.24
CA LEU A 839 -14.25 27.90 0.53
C LEU A 839 -13.60 27.82 1.91
N LEU A 840 -12.48 28.51 2.11
CA LEU A 840 -11.81 28.44 3.40
C LEU A 840 -12.61 29.14 4.49
N ARG A 841 -13.65 29.88 4.12
CA ARG A 841 -14.50 30.53 5.11
C ARG A 841 -15.23 29.53 5.99
N VAL A 842 -15.27 28.26 5.59
CA VAL A 842 -15.92 27.23 6.37
C VAL A 842 -15.25 27.09 7.73
N PHE A 843 -13.96 27.40 7.83
CA PHE A 843 -13.24 27.26 9.09
C PHE A 843 -13.68 28.26 10.14
N LYS A 844 -14.68 29.11 9.86
CA LYS A 844 -15.22 29.98 10.88
C LYS A 844 -16.19 29.26 11.79
N LEU A 845 -16.55 28.02 11.47
CA LEU A 845 -17.34 27.19 12.37
C LEU A 845 -16.48 26.45 13.38
N ALA A 846 -15.15 26.58 13.31
CA ALA A 846 -14.27 25.91 14.25
C ALA A 846 -14.43 26.47 15.67
N LYS A 847 -14.97 27.68 15.81
CA LYS A 847 -15.19 28.24 17.13
C LYS A 847 -16.20 27.41 17.92
N SER A 848 -17.29 27.01 17.28
CA SER A 848 -18.36 26.26 17.93
C SER A 848 -18.25 24.77 17.68
N TRP A 849 -17.19 24.30 17.03
CA TRP A 849 -17.02 22.88 16.71
C TRP A 849 -15.72 22.40 17.32
N PRO A 850 -15.76 21.80 18.51
CA PRO A 850 -14.50 21.45 19.19
C PRO A 850 -13.60 20.51 18.41
N THR A 851 -14.16 19.55 17.67
CA THR A 851 -13.31 18.60 16.96
C THR A 851 -12.88 19.10 15.59
N LEU A 852 -13.30 20.30 15.18
CA LEU A 852 -12.70 20.97 14.04
C LEU A 852 -11.62 21.95 14.45
N ASN A 853 -11.58 22.31 15.73
CA ASN A 853 -10.46 23.10 16.25
C ASN A 853 -9.23 22.24 16.48
N MET A 854 -9.41 20.95 16.72
CA MET A 854 -8.26 20.05 16.85
C MET A 854 -7.49 19.95 15.55
N LEU A 855 -8.20 19.95 14.42
CA LEU A 855 -7.53 19.92 13.12
C LEU A 855 -6.69 21.17 12.92
N ILE A 856 -7.24 22.33 13.26
CA ILE A 856 -6.50 23.58 13.11
C ILE A 856 -5.32 23.62 14.07
N LYS A 857 -5.48 23.06 15.27
CA LYS A 857 -4.36 22.98 16.20
C LYS A 857 -3.25 22.11 15.65
N ILE A 858 -3.60 20.97 15.04
CA ILE A 858 -2.58 20.11 14.43
C ILE A 858 -1.86 20.85 13.31
N ILE A 859 -2.61 21.51 12.45
CA ILE A 859 -2.02 22.21 11.32
C ILE A 859 -1.12 23.34 11.80
N GLY A 860 -1.53 24.06 12.84
CA GLY A 860 -0.70 25.10 13.40
C GLY A 860 0.55 24.57 14.07
N ASN A 861 0.44 23.42 14.75
CA ASN A 861 1.61 22.80 15.34
C ASN A 861 2.61 22.39 14.28
N SER A 862 2.14 21.92 13.13
CA SER A 862 3.05 21.50 12.07
C SER A 862 3.95 22.62 11.59
N VAL A 863 3.55 23.88 11.76
CA VAL A 863 4.37 25.00 11.34
C VAL A 863 4.75 25.92 12.49
N GLY A 864 4.58 25.51 13.75
CA GLY A 864 4.94 26.35 14.86
C GLY A 864 5.88 25.66 15.84
N ALA A 865 5.34 24.75 16.65
CA ALA A 865 6.19 24.02 17.59
C ALA A 865 7.09 23.04 16.85
N LEU A 866 6.58 22.39 15.82
CA LEU A 866 7.33 21.40 15.06
C LEU A 866 7.79 21.93 13.70
N GLY A 867 7.91 23.25 13.59
CA GLY A 867 8.36 23.85 12.33
C GLY A 867 9.75 23.40 11.94
N ASN A 868 10.63 23.20 12.91
CA ASN A 868 11.96 22.69 12.61
C ASN A 868 11.91 21.27 12.07
N LEU A 869 11.04 20.42 12.62
CA LEU A 869 10.88 19.08 12.08
C LEU A 869 10.37 19.13 10.64
N THR A 870 9.39 20.00 10.38
CA THR A 870 8.88 20.14 9.02
C THR A 870 9.98 20.62 8.07
N LEU A 871 10.77 21.60 8.50
CA LEU A 871 11.85 22.12 7.67
C LEU A 871 12.90 21.06 7.39
N VAL A 872 13.24 20.25 8.40
CA VAL A 872 14.20 19.17 8.20
C VAL A 872 13.65 18.16 7.19
N LEU A 873 12.37 17.83 7.29
CA LEU A 873 11.77 16.91 6.34
C LEU A 873 11.84 17.47 4.92
N ALA A 874 11.54 18.76 4.76
CA ALA A 874 11.61 19.37 3.44
C ALA A 874 13.03 19.34 2.88
N ILE A 875 14.02 19.65 3.72
CA ILE A 875 15.41 19.63 3.27
C ILE A 875 15.81 18.23 2.85
N ILE A 876 15.41 17.22 3.62
CA ILE A 876 15.77 15.83 3.31
C ILE A 876 15.13 15.40 1.98
N VAL A 877 13.87 15.75 1.77
CA VAL A 877 13.21 15.40 0.52
C VAL A 877 13.88 16.09 -0.66
N PHE A 878 14.24 17.37 -0.50
CA PHE A 878 14.95 18.07 -1.57
C PHE A 878 16.27 17.40 -1.89
N ILE A 879 17.02 17.02 -0.86
CA ILE A 879 18.32 16.38 -1.08
C ILE A 879 18.15 15.07 -1.83
N PHE A 880 17.19 14.24 -1.40
CA PHE A 880 16.98 12.97 -2.07
C PHE A 880 16.56 13.16 -3.52
N ALA A 881 15.68 14.13 -3.79
CA ALA A 881 15.23 14.38 -5.15
C ALA A 881 16.40 14.79 -6.04
N VAL A 882 17.24 15.70 -5.56
CA VAL A 882 18.34 16.18 -6.39
C VAL A 882 19.38 15.08 -6.59
N VAL A 883 19.62 14.27 -5.55
CA VAL A 883 20.58 13.17 -5.69
C VAL A 883 20.09 12.16 -6.71
N GLY A 884 18.81 11.77 -6.62
CA GLY A 884 18.28 10.83 -7.59
C GLY A 884 18.34 11.37 -9.00
N MET A 885 18.00 12.65 -9.19
CA MET A 885 18.09 13.25 -10.52
C MET A 885 19.51 13.19 -11.05
N GLN A 886 20.48 13.64 -10.24
CA GLN A 886 21.87 13.66 -10.70
C GLN A 886 22.38 12.26 -11.05
N LEU A 887 21.96 11.25 -10.30
CA LEU A 887 22.45 9.90 -10.56
C LEU A 887 21.79 9.27 -11.77
N PHE A 888 20.46 9.36 -11.88
CA PHE A 888 19.76 8.53 -12.85
C PHE A 888 19.10 9.29 -14.00
N GLY A 889 19.26 10.61 -14.10
CA GLY A 889 18.57 11.34 -15.14
C GLY A 889 19.07 11.00 -16.53
N LYS A 890 20.39 10.87 -16.69
CA LYS A 890 20.93 10.54 -18.00
C LYS A 890 20.63 9.10 -18.37
N SER A 891 20.65 8.19 -17.39
CA SER A 891 20.32 6.79 -17.66
C SER A 891 18.88 6.65 -18.11
N TYR A 892 17.95 7.39 -17.49
CA TYR A 892 16.55 7.28 -17.87
C TYR A 892 16.32 7.67 -19.32
N LYS A 893 17.19 8.50 -19.89
CA LYS A 893 17.05 8.92 -21.28
C LYS A 893 17.84 8.02 -22.23
N GLU A 894 19.00 7.53 -21.79
CA GLU A 894 19.77 6.61 -22.64
C GLU A 894 19.06 5.27 -22.78
N CYS A 895 18.65 4.68 -21.67
CA CYS A 895 18.10 3.33 -21.68
C CYS A 895 16.58 3.32 -21.62
N VAL A 896 15.92 4.11 -22.47
CA VAL A 896 14.48 4.29 -22.34
C VAL A 896 13.72 3.16 -23.03
N CYS A 897 14.30 2.57 -24.07
CA CYS A 897 13.63 1.45 -24.74
C CYS A 897 13.61 0.19 -23.90
N LYS A 898 14.41 0.12 -22.84
CA LYS A 898 14.37 -1.04 -21.96
C LYS A 898 13.16 -1.00 -21.04
N ILE A 899 12.56 0.16 -20.85
CA ILE A 899 11.43 0.32 -19.94
C ILE A 899 10.18 0.84 -20.62
N ASN A 900 10.26 1.25 -21.89
CA ASN A 900 9.08 1.73 -22.60
C ASN A 900 9.17 1.27 -24.06
N ASP A 901 8.10 0.63 -24.53
CA ASP A 901 8.12 0.08 -25.89
C ASP A 901 8.20 1.17 -26.94
N ASP A 902 7.54 2.30 -26.69
CA ASP A 902 7.56 3.42 -27.64
C ASP A 902 8.91 4.15 -27.66
N CYS A 903 9.84 3.76 -26.80
CA CYS A 903 11.11 4.46 -26.64
C CYS A 903 10.88 5.94 -26.31
N THR A 904 9.92 6.18 -25.42
CA THR A 904 9.66 7.50 -24.86
C THR A 904 9.65 7.39 -23.35
N LEU A 905 9.94 8.50 -22.69
CA LEU A 905 10.08 8.49 -21.23
C LEU A 905 8.77 8.07 -20.58
N PRO A 906 8.81 7.17 -19.59
CA PRO A 906 7.58 6.72 -18.94
C PRO A 906 6.90 7.78 -18.10
N ARG A 907 5.87 7.40 -17.36
CA ARG A 907 5.13 8.37 -16.55
C ARG A 907 5.94 8.81 -15.35
N TRP A 908 6.58 7.86 -14.67
CA TRP A 908 7.37 8.14 -13.47
C TRP A 908 8.84 7.92 -13.80
N HIS A 909 9.61 8.99 -13.81
CA HIS A 909 11.03 8.92 -14.16
C HIS A 909 11.78 9.95 -13.35
N MET A 910 13.10 10.01 -13.55
CA MET A 910 13.97 10.92 -12.81
C MET A 910 14.82 11.76 -13.74
N ASN A 911 14.29 12.15 -14.89
CA ASN A 911 15.06 12.93 -15.85
C ASN A 911 15.10 14.42 -15.52
N ASP A 912 14.21 14.90 -14.67
CA ASP A 912 14.22 16.30 -14.27
C ASP A 912 13.76 16.40 -12.82
N PHE A 913 13.93 17.60 -12.25
CA PHE A 913 13.76 17.77 -10.81
C PHE A 913 12.32 17.51 -10.38
N PHE A 914 11.34 17.97 -11.15
CA PHE A 914 9.96 17.79 -10.73
C PHE A 914 9.59 16.32 -10.66
N HIS A 915 10.00 15.54 -11.66
CA HIS A 915 9.68 14.11 -11.66
C HIS A 915 10.49 13.36 -10.61
N SER A 916 11.73 13.78 -10.36
CA SER A 916 12.49 13.18 -9.26
C SER A 916 11.80 13.41 -7.92
N PHE A 917 11.33 14.64 -7.70
CA PHE A 917 10.61 14.94 -6.46
C PHE A 917 9.33 14.13 -6.39
N LEU A 918 8.64 13.96 -7.52
CA LEU A 918 7.42 13.15 -7.52
C LEU A 918 7.73 11.71 -7.14
N ILE A 919 8.83 11.15 -7.65
CA ILE A 919 9.19 9.79 -7.30
C ILE A 919 9.51 9.68 -5.81
N VAL A 920 10.24 10.66 -5.27
CA VAL A 920 10.57 10.63 -3.85
C VAL A 920 9.31 10.73 -3.00
N PHE A 921 8.38 11.61 -3.39
CA PHE A 921 7.13 11.76 -2.65
C PHE A 921 6.30 10.49 -2.73
N ARG A 922 6.28 9.83 -3.88
CA ARG A 922 5.55 8.57 -4.00
C ARG A 922 6.16 7.49 -3.11
N VAL A 923 7.49 7.47 -3.03
CA VAL A 923 8.17 6.53 -2.13
C VAL A 923 7.75 6.80 -0.69
N LEU A 924 7.69 8.07 -0.30
CA LEU A 924 7.24 8.40 1.05
C LEU A 924 5.79 7.98 1.27
N CYS A 925 4.93 8.16 0.26
CA CYS A 925 3.56 7.70 0.36
C CYS A 925 3.49 6.18 0.49
N GLY A 926 4.47 5.47 -0.03
CA GLY A 926 4.59 4.05 0.19
C GLY A 926 4.59 3.17 -1.04
N GLU A 927 4.96 3.69 -2.20
CA GLU A 927 4.98 2.93 -3.44
C GLU A 927 6.39 3.03 -4.03
N TRP A 928 7.21 2.02 -3.76
CA TRP A 928 8.63 2.10 -4.08
C TRP A 928 9.14 0.98 -4.96
N ILE A 929 8.28 0.08 -5.43
CA ILE A 929 8.74 -1.10 -6.17
C ILE A 929 8.53 -0.94 -7.67
N GLU A 930 7.42 -0.34 -8.10
CA GLU A 930 7.17 -0.23 -9.53
C GLU A 930 8.13 0.74 -10.19
N THR A 931 8.43 1.85 -9.51
CA THR A 931 9.46 2.77 -10.02
C THR A 931 10.85 2.18 -9.87
N MET A 932 11.10 1.42 -8.82
CA MET A 932 12.41 0.82 -8.62
C MET A 932 12.74 -0.22 -9.68
N TRP A 933 11.76 -0.97 -10.17
CA TRP A 933 12.04 -1.93 -11.23
C TRP A 933 12.61 -1.24 -12.46
N ASP A 934 11.98 -0.14 -12.89
CA ASP A 934 12.52 0.63 -14.00
C ASP A 934 13.87 1.23 -13.66
N CYS A 935 14.04 1.68 -12.42
CA CYS A 935 15.34 2.18 -11.99
C CYS A 935 16.42 1.15 -12.22
N MET A 936 16.22 -0.07 -11.73
CA MET A 936 17.23 -1.11 -11.88
C MET A 936 17.46 -1.43 -13.34
N GLU A 937 16.38 -1.57 -14.12
CA GLU A 937 16.52 -1.87 -15.54
C GLU A 937 17.38 -0.84 -16.26
N VAL A 938 17.22 0.44 -15.92
CA VAL A 938 17.98 1.46 -16.65
C VAL A 938 19.37 1.69 -16.07
N ALA A 939 19.59 1.48 -14.78
CA ALA A 939 20.85 1.91 -14.18
C ALA A 939 21.22 1.09 -12.96
N GLY A 940 21.19 -0.23 -13.06
CA GLY A 940 21.92 -1.02 -12.09
C GLY A 940 21.26 -1.33 -10.77
N GLN A 941 21.24 -2.63 -10.46
CA GLN A 941 20.59 -3.11 -9.23
C GLN A 941 21.25 -2.52 -7.99
N ALA A 942 22.58 -2.50 -7.96
CA ALA A 942 23.28 -2.06 -6.76
C ALA A 942 22.96 -0.61 -6.45
N MET A 943 23.14 0.27 -7.43
CA MET A 943 22.89 1.69 -7.19
C MET A 943 21.44 1.95 -6.84
N CYS A 944 20.50 1.37 -7.62
CA CYS A 944 19.11 1.67 -7.36
C CYS A 944 18.67 1.14 -6.01
N LEU A 945 19.09 -0.07 -5.64
CA LEU A 945 18.71 -0.63 -4.34
C LEU A 945 19.29 0.20 -3.21
N ILE A 946 20.56 0.62 -3.32
CA ILE A 946 21.16 1.42 -2.25
C ILE A 946 20.40 2.72 -2.07
N VAL A 947 20.17 3.44 -3.18
CA VAL A 947 19.49 4.74 -3.09
C VAL A 947 18.09 4.58 -2.55
N TYR A 948 17.34 3.59 -3.05
CA TYR A 948 15.95 3.44 -2.64
C TYR A 948 15.84 3.01 -1.19
N MET A 949 16.73 2.12 -0.73
CA MET A 949 16.69 1.72 0.67
C MET A 949 17.03 2.89 1.59
N MET A 950 18.04 3.68 1.23
CA MET A 950 18.37 4.86 2.03
C MET A 950 17.18 5.81 2.11
N VAL A 951 16.57 6.09 0.95
CA VAL A 951 15.42 7.00 0.90
C VAL A 951 14.30 6.48 1.77
N MET A 952 13.94 5.21 1.59
CA MET A 952 12.84 4.63 2.36
C MET A 952 13.10 4.73 3.85
N VAL A 953 14.25 4.24 4.30
CA VAL A 953 14.50 4.19 5.74
C VAL A 953 14.52 5.59 6.34
N ILE A 954 15.30 6.50 5.77
CA ILE A 954 15.46 7.80 6.40
C ILE A 954 14.18 8.63 6.29
N GLY A 955 13.55 8.64 5.11
CA GLY A 955 12.34 9.41 4.95
C GLY A 955 11.21 8.90 5.82
N ASN A 956 11.04 7.58 5.90
CA ASN A 956 9.98 7.04 6.74
C ASN A 956 10.26 7.30 8.21
N LEU A 957 11.53 7.25 8.62
CA LEU A 957 11.85 7.58 10.01
C LEU A 957 11.48 9.02 10.33
N VAL A 958 11.83 9.96 9.45
CA VAL A 958 11.53 11.36 9.72
C VAL A 958 10.02 11.61 9.69
N VAL A 959 9.31 10.99 8.75
CA VAL A 959 7.86 11.17 8.67
C VAL A 959 7.17 10.60 9.90
N LEU A 960 7.63 9.44 10.37
CA LEU A 960 7.08 8.85 11.58
C LEU A 960 7.33 9.75 12.78
N ASN A 961 8.54 10.32 12.87
CA ASN A 961 8.82 11.24 13.97
C ASN A 961 7.88 12.42 13.95
N LEU A 962 7.68 13.03 12.78
CA LEU A 962 6.79 14.19 12.69
C LEU A 962 5.35 13.80 13.02
N PHE A 963 4.89 12.65 12.51
CA PHE A 963 3.54 12.20 12.77
C PHE A 963 3.28 11.99 14.25
N LEU A 964 4.16 11.24 14.92
CA LEU A 964 3.95 10.95 16.33
C LEU A 964 4.14 12.19 17.19
N ALA A 965 5.07 13.06 16.82
CA ALA A 965 5.22 14.32 17.55
C ALA A 965 3.95 15.15 17.47
N LEU A 966 3.39 15.31 16.27
CA LEU A 966 2.14 16.05 16.13
C LEU A 966 1.04 15.41 16.96
N LEU A 967 0.89 14.09 16.86
CA LEU A 967 -0.18 13.40 17.55
C LEU A 967 -0.08 13.60 19.06
N LEU A 968 1.08 13.29 19.63
CA LEU A 968 1.21 13.34 21.09
C LEU A 968 1.15 14.77 21.59
N SER A 969 1.81 15.71 20.90
CA SER A 969 1.78 17.09 21.34
C SER A 969 0.37 17.65 21.30
N SER A 970 -0.37 17.39 20.22
CA SER A 970 -1.70 17.97 20.08
C SER A 970 -2.70 17.32 21.03
N PHE A 971 -2.55 16.02 21.30
CA PHE A 971 -3.51 15.34 22.15
C PHE A 971 -3.06 15.19 23.60
N SER A 972 -1.95 15.81 23.99
CA SER A 972 -1.58 15.90 25.40
C SER A 972 -1.25 17.31 25.83
N SER A 973 -0.33 17.99 25.14
CA SER A 973 0.14 19.29 25.60
C SER A 973 -0.97 20.33 25.55
N ASP A 974 -1.91 20.18 24.62
CA ASP A 974 -3.05 21.10 24.57
C ASP A 974 -3.97 20.94 25.76
N ASN A 975 -3.85 19.84 26.51
CA ASN A 975 -4.67 19.59 27.69
C ASN A 975 -3.89 20.06 28.92
N LEU A 976 -4.04 21.34 29.24
CA LEU A 976 -3.42 21.90 30.44
C LEU A 976 -4.36 22.82 31.21
N THR A 977 -5.64 22.89 30.85
CA THR A 977 -6.61 23.78 31.46
C THR A 977 -6.11 25.23 31.45
N ALA A 978 -5.99 25.77 30.24
CA ALA A 978 -5.46 27.12 30.07
C ALA A 978 -6.46 28.17 30.54
N ILE A 979 -7.55 28.34 29.78
CA ILE A 979 -8.57 29.34 30.07
C ILE A 979 -9.91 28.63 30.21
N GLU A 980 -10.88 29.34 30.77
CA GLU A 980 -12.20 28.78 31.04
C GLU A 980 -12.90 28.38 29.74
N GLU A 981 -13.93 27.56 29.87
CA GLU A 981 -14.75 27.15 28.74
C GLU A 981 -15.65 28.32 28.34
N ASP A 982 -15.36 28.91 27.16
CA ASP A 982 -15.98 30.11 26.63
C ASP A 982 -16.32 31.12 27.73
N PRO A 983 -15.31 31.79 28.30
CA PRO A 983 -15.62 32.82 29.32
C PRO A 983 -16.55 33.91 28.80
N ASP A 984 -16.15 34.58 27.72
CA ASP A 984 -17.07 35.41 26.94
C ASP A 984 -17.75 34.47 25.95
N ALA A 985 -19.03 34.19 26.19
CA ALA A 985 -19.77 33.29 25.32
C ALA A 985 -19.74 33.78 23.88
N ASN A 986 -19.55 32.86 22.95
CA ASN A 986 -19.50 33.22 21.54
C ASN A 986 -20.82 33.85 21.12
N ASN A 987 -20.75 34.74 20.13
CA ASN A 987 -21.95 35.40 19.64
C ASN A 987 -23.01 34.39 19.22
N LEU A 988 -22.58 33.25 18.65
CA LEU A 988 -23.53 32.20 18.31
C LEU A 988 -24.19 31.63 19.56
N GLN A 989 -23.43 31.43 20.63
CA GLN A 989 -24.00 30.91 21.87
C GLN A 989 -25.00 31.89 22.46
N ILE A 990 -24.67 33.19 22.47
CA ILE A 990 -25.60 34.17 22.99
C ILE A 990 -26.85 34.24 22.11
N ALA A 991 -26.68 34.11 20.79
CA ALA A 991 -27.82 34.14 19.88
C ALA A 991 -28.75 32.96 20.13
N VAL A 992 -28.19 31.76 20.31
CA VAL A 992 -29.05 30.61 20.54
C VAL A 992 -29.68 30.67 21.92
N THR A 993 -28.98 31.25 22.90
CA THR A 993 -29.59 31.46 24.21
C THR A 993 -30.79 32.40 24.12
N ARG A 994 -30.62 33.50 23.37
CA ARG A 994 -31.73 34.42 23.15
C ARG A 994 -32.87 33.73 22.41
N ILE A 995 -32.54 32.88 21.43
CA ILE A 995 -33.56 32.20 20.64
C ILE A 995 -34.37 31.25 21.52
N LYS A 996 -33.70 30.48 22.38
CA LYS A 996 -34.44 29.59 23.25
C LYS A 996 -35.22 30.34 24.32
N LYS A 997 -34.70 31.49 24.78
CA LYS A 997 -35.49 32.33 25.68
C LYS A 997 -36.76 32.82 24.99
N GLY A 998 -36.64 33.26 23.74
CA GLY A 998 -37.81 33.67 22.99
C GLY A 998 -38.78 32.54 22.74
N ILE A 999 -38.25 31.33 22.50
CA ILE A 999 -39.09 30.16 22.32
C ILE A 999 -39.89 29.89 23.59
N ASN A 1000 -39.23 29.95 24.74
CA ASN A 1000 -39.93 29.75 26.01
C ASN A 1000 -40.99 30.82 26.23
N TYR A 1001 -40.66 32.07 25.94
CA TYR A 1001 -41.62 33.15 26.12
C TYR A 1001 -42.84 32.97 25.20
N VAL A 1002 -42.60 32.61 23.95
CA VAL A 1002 -43.69 32.39 23.00
C VAL A 1002 -44.55 31.22 23.46
N LYS A 1003 -43.90 30.14 23.93
CA LYS A 1003 -44.63 28.99 24.43
C LYS A 1003 -45.55 29.37 25.58
N GLN A 1004 -45.01 30.10 26.56
CA GLN A 1004 -45.83 30.48 27.72
C GLN A 1004 -46.95 31.44 27.33
N THR A 1005 -46.67 32.41 26.47
CA THR A 1005 -47.72 33.34 26.05
C THR A 1005 -48.81 32.63 25.27
N LEU A 1006 -48.44 31.73 24.36
CA LEU A 1006 -49.44 30.98 23.61
C LEU A 1006 -50.25 30.06 24.53
N ARG A 1007 -49.57 29.44 25.50
CA ARG A 1007 -50.27 28.60 26.47
C ARG A 1007 -51.32 29.41 27.23
N GLU A 1008 -50.92 30.58 27.74
CA GLU A 1008 -51.87 31.42 28.47
C GLU A 1008 -53.01 31.87 27.57
N PHE A 1009 -52.71 32.25 26.32
CA PHE A 1009 -53.75 32.72 25.41
C PHE A 1009 -54.76 31.62 25.11
N ILE A 1010 -54.27 30.41 24.82
CA ILE A 1010 -55.20 29.32 24.49
C ILE A 1010 -55.98 28.90 25.73
N LEU A 1011 -55.35 28.90 26.90
CA LEU A 1011 -56.09 28.57 28.12
C LEU A 1011 -57.18 29.59 28.42
N LYS A 1012 -56.88 30.88 28.20
CA LYS A 1012 -57.88 31.92 28.43
C LYS A 1012 -59.02 31.82 27.40
N ALA A 1013 -58.68 31.56 26.14
CA ALA A 1013 -59.72 31.43 25.12
C ALA A 1013 -60.60 30.21 25.36
N PHE A 1014 -59.99 29.09 25.74
CA PHE A 1014 -60.73 27.85 25.99
C PHE A 1014 -60.05 27.03 27.08
N GLY A 1175 -54.94 -18.51 37.01
CA GLY A 1175 -53.78 -17.64 36.86
C GLY A 1175 -52.57 -18.10 37.64
N LYS A 1176 -52.78 -18.99 38.61
CA LYS A 1176 -51.68 -19.48 39.43
C LYS A 1176 -50.83 -20.48 38.66
N ILE A 1177 -51.38 -21.04 37.58
CA ILE A 1177 -50.63 -21.99 36.77
C ILE A 1177 -49.83 -21.27 35.68
N TRP A 1178 -50.31 -20.09 35.27
CA TRP A 1178 -49.60 -19.30 34.27
C TRP A 1178 -48.21 -18.92 34.76
N TRP A 1179 -48.10 -18.55 36.03
CA TRP A 1179 -46.80 -18.16 36.57
C TRP A 1179 -45.81 -19.34 36.55
N ASN A 1180 -46.29 -20.55 36.87
CA ASN A 1180 -45.43 -21.72 36.79
C ASN A 1180 -45.05 -22.06 35.36
N ILE A 1181 -45.98 -21.85 34.41
CA ILE A 1181 -45.64 -21.99 33.00
C ILE A 1181 -44.49 -21.07 32.65
N ARG A 1182 -44.59 -19.80 33.05
CA ARG A 1182 -43.54 -18.82 32.73
C ARG A 1182 -42.23 -19.19 33.39
N LYS A 1183 -42.28 -19.67 34.63
CA LYS A 1183 -41.06 -20.10 35.31
C LYS A 1183 -40.41 -21.28 34.58
N THR A 1184 -41.23 -22.22 34.10
CA THR A 1184 -40.70 -23.36 33.36
C THR A 1184 -40.03 -22.90 32.07
N CYS A 1185 -40.68 -21.97 31.35
CA CYS A 1185 -40.08 -21.46 30.12
C CYS A 1185 -38.76 -20.75 30.40
N TYR A 1186 -38.70 -19.99 31.50
CA TYR A 1186 -37.45 -19.35 31.90
C TYR A 1186 -36.38 -20.38 32.18
N LYS A 1187 -36.73 -21.43 32.94
CA LYS A 1187 -35.75 -22.47 33.27
C LYS A 1187 -35.24 -23.17 32.02
N ILE A 1188 -36.10 -23.33 31.01
CA ILE A 1188 -35.69 -23.97 29.77
C ILE A 1188 -34.76 -23.07 28.98
N VAL A 1189 -35.14 -21.80 28.79
CA VAL A 1189 -34.35 -20.92 27.95
C VAL A 1189 -33.03 -20.56 28.60
N GLU A 1190 -32.92 -20.72 29.92
CA GLU A 1190 -31.66 -20.38 30.59
C GLU A 1190 -30.73 -21.57 30.73
N HIS A 1191 -31.02 -22.69 30.08
CA HIS A 1191 -30.26 -23.91 30.32
C HIS A 1191 -29.08 -24.05 29.36
N SER A 1192 -28.01 -24.67 29.85
CA SER A 1192 -26.80 -24.82 29.06
C SER A 1192 -27.04 -25.71 27.84
N TRP A 1193 -27.82 -26.79 28.01
CA TRP A 1193 -28.13 -27.64 26.88
C TRP A 1193 -28.88 -26.88 25.79
N PHE A 1194 -29.88 -26.10 26.17
CA PHE A 1194 -30.63 -25.32 25.19
C PHE A 1194 -29.73 -24.31 24.50
N GLU A 1195 -28.89 -23.61 25.26
CA GLU A 1195 -28.02 -22.60 24.65
C GLU A 1195 -27.03 -23.25 23.68
N SER A 1196 -26.45 -24.39 24.06
CA SER A 1196 -25.50 -25.07 23.18
C SER A 1196 -26.20 -25.58 21.93
N PHE A 1197 -27.41 -26.11 22.06
CA PHE A 1197 -28.17 -26.55 20.90
C PHE A 1197 -28.44 -25.39 19.96
N ILE A 1198 -28.83 -24.24 20.51
CA ILE A 1198 -29.10 -23.07 19.68
C ILE A 1198 -27.84 -22.59 18.98
N VAL A 1199 -26.70 -22.63 19.68
CA VAL A 1199 -25.43 -22.23 19.07
C VAL A 1199 -25.08 -23.16 17.91
N LEU A 1200 -25.29 -24.46 18.11
CA LEU A 1200 -25.01 -25.41 17.03
C LEU A 1200 -25.90 -25.15 15.83
N MET A 1201 -27.19 -24.88 16.05
CA MET A 1201 -28.08 -24.59 14.93
C MET A 1201 -27.70 -23.30 14.24
N ILE A 1202 -27.24 -22.31 15.01
CA ILE A 1202 -26.80 -21.04 14.41
C ILE A 1202 -25.61 -21.28 13.50
N LEU A 1203 -24.64 -22.07 13.97
CA LEU A 1203 -23.47 -22.35 13.15
C LEU A 1203 -23.85 -23.14 11.89
N LEU A 1204 -24.75 -24.12 12.03
CA LEU A 1204 -25.17 -24.89 10.87
C LEU A 1204 -25.89 -24.02 9.84
N SER A 1205 -26.80 -23.17 10.31
CA SER A 1205 -27.54 -22.30 9.40
C SER A 1205 -26.65 -21.24 8.78
N SER A 1206 -25.59 -20.83 9.46
CA SER A 1206 -24.64 -19.91 8.85
C SER A 1206 -23.79 -20.61 7.80
N GLY A 1207 -23.35 -21.83 8.09
CA GLY A 1207 -22.53 -22.55 7.14
C GLY A 1207 -23.28 -23.06 5.93
N ALA A 1208 -24.60 -23.23 6.06
CA ALA A 1208 -25.39 -23.68 4.92
C ALA A 1208 -25.50 -22.61 3.84
N LEU A 1209 -25.11 -21.37 4.13
CA LEU A 1209 -25.19 -20.31 3.13
C LEU A 1209 -24.02 -20.36 2.16
N ALA A 1210 -22.93 -21.02 2.53
CA ALA A 1210 -21.73 -21.03 1.72
C ALA A 1210 -21.81 -22.00 0.55
N PHE A 1211 -22.85 -22.81 0.47
CA PHE A 1211 -22.98 -23.77 -0.62
C PHE A 1211 -23.70 -23.21 -1.83
N GLU A 1212 -24.26 -22.00 -1.75
CA GLU A 1212 -24.99 -21.42 -2.86
C GLU A 1212 -24.07 -20.70 -3.83
N ASP A 1213 -23.19 -21.43 -4.50
CA ASP A 1213 -22.33 -20.86 -5.52
C ASP A 1213 -23.10 -20.62 -6.80
N ILE A 1214 -22.39 -20.42 -7.90
CA ILE A 1214 -23.02 -20.50 -9.21
C ILE A 1214 -23.02 -21.93 -9.70
N TYR A 1215 -22.20 -22.78 -9.08
CA TYR A 1215 -22.10 -24.19 -9.45
C TYR A 1215 -23.13 -25.05 -8.74
N ILE A 1216 -24.15 -24.44 -8.14
CA ILE A 1216 -25.11 -25.23 -7.37
C ILE A 1216 -26.08 -25.99 -8.26
N GLU A 1217 -26.21 -25.59 -9.53
CA GLU A 1217 -27.04 -26.35 -10.44
C GLU A 1217 -26.42 -27.70 -10.78
N ARG A 1218 -25.12 -27.86 -10.52
CA ARG A 1218 -24.48 -29.17 -10.62
C ARG A 1218 -24.66 -30.00 -9.36
N LYS A 1219 -25.30 -29.45 -8.33
CA LYS A 1219 -25.46 -30.13 -7.05
C LYS A 1219 -26.93 -30.13 -6.65
N LYS A 1220 -27.74 -30.91 -7.37
CA LYS A 1220 -29.18 -30.84 -7.19
C LYS A 1220 -29.64 -31.51 -5.90
N THR A 1221 -29.00 -32.61 -5.52
CA THR A 1221 -29.31 -33.24 -4.24
C THR A 1221 -29.01 -32.28 -3.09
N ILE A 1222 -27.87 -31.60 -3.16
CA ILE A 1222 -27.52 -30.62 -2.14
C ILE A 1222 -28.51 -29.47 -2.15
N LYS A 1223 -28.97 -29.04 -3.33
CA LYS A 1223 -29.99 -28.01 -3.41
C LYS A 1223 -31.24 -28.40 -2.62
N ILE A 1224 -31.75 -29.61 -2.87
CA ILE A 1224 -32.96 -30.06 -2.19
C ILE A 1224 -32.74 -30.13 -0.67
N ILE A 1225 -31.61 -30.72 -0.28
CA ILE A 1225 -31.30 -30.87 1.14
C ILE A 1225 -31.25 -29.52 1.82
N LEU A 1226 -30.63 -28.53 1.16
CA LEU A 1226 -30.51 -27.21 1.76
C LEU A 1226 -31.84 -26.49 1.84
N GLU A 1227 -32.73 -26.68 0.87
CA GLU A 1227 -34.05 -26.08 0.98
C GLU A 1227 -34.80 -26.61 2.20
N TYR A 1228 -34.93 -27.91 2.39
CA TYR A 1228 -35.72 -28.47 3.52
C TYR A 1228 -35.07 -28.11 4.86
N ALA A 1229 -33.76 -28.04 4.89
CA ALA A 1229 -33.02 -27.64 6.11
C ALA A 1229 -33.37 -26.21 6.49
N ASP A 1230 -33.58 -25.34 5.53
CA ASP A 1230 -33.97 -23.95 5.83
C ASP A 1230 -35.30 -23.94 6.57
N LYS A 1231 -36.29 -24.69 6.15
CA LYS A 1231 -37.58 -24.79 6.85
C LYS A 1231 -37.32 -25.32 8.26
N ILE A 1232 -36.52 -26.36 8.43
CA ILE A 1232 -36.35 -26.88 9.81
C ILE A 1232 -35.78 -25.75 10.64
N PHE A 1233 -34.82 -25.00 10.15
CA PHE A 1233 -34.13 -23.95 10.94
C PHE A 1233 -35.10 -22.83 11.26
N THR A 1234 -35.93 -22.41 10.34
CA THR A 1234 -36.95 -21.38 10.62
C THR A 1234 -37.83 -21.92 11.74
N TYR A 1235 -38.34 -23.15 11.64
CA TYR A 1235 -39.15 -23.75 12.72
C TYR A 1235 -38.33 -23.78 14.03
N ILE A 1236 -37.02 -23.99 13.95
CA ILE A 1236 -36.12 -24.10 15.14
C ILE A 1236 -35.99 -22.73 15.82
N PHE A 1237 -35.75 -21.65 15.06
CA PHE A 1237 -35.53 -20.29 15.61
C PHE A 1237 -36.85 -19.61 15.93
N ILE A 1238 -37.97 -20.09 15.38
CA ILE A 1238 -39.34 -19.55 15.66
C ILE A 1238 -39.81 -20.06 17.03
N LEU A 1239 -39.48 -21.29 17.40
CA LEU A 1239 -39.87 -21.88 18.71
C LEU A 1239 -39.01 -21.25 19.80
N GLU A 1240 -37.73 -20.98 19.53
CA GLU A 1240 -36.78 -20.31 20.46
C GLU A 1240 -37.27 -18.89 20.67
N MET A 1241 -37.91 -18.27 19.66
CA MET A 1241 -38.42 -16.88 19.74
C MET A 1241 -39.69 -16.85 20.61
N LEU A 1242 -40.55 -17.87 20.53
CA LEU A 1242 -41.85 -17.89 21.26
C LEU A 1242 -41.60 -18.20 22.74
N LEU A 1243 -40.71 -19.13 23.06
CA LEU A 1243 -40.34 -19.49 24.45
C LEU A 1243 -39.76 -18.25 25.12
N LYS A 1244 -38.89 -17.50 24.42
CA LYS A 1244 -38.23 -16.28 24.97
C LYS A 1244 -39.28 -15.18 25.20
N TRP A 1245 -40.33 -15.14 24.38
CA TRP A 1245 -41.45 -14.20 24.56
C TRP A 1245 -42.18 -14.56 25.86
N ILE A 1246 -42.51 -15.85 26.05
CA ILE A 1246 -43.29 -16.33 27.23
C ILE A 1246 -42.38 -16.46 28.46
N ALA A 1247 -41.06 -16.60 28.30
CA ALA A 1247 -40.11 -16.83 29.41
C ALA A 1247 -39.71 -15.49 30.04
N TYR A 1248 -39.43 -14.47 29.23
CA TYR A 1248 -38.91 -13.17 29.74
C TYR A 1248 -40.00 -12.11 29.87
N GLY A 1249 -41.02 -12.08 29.01
CA GLY A 1249 -42.00 -11.03 29.02
C GLY A 1249 -41.76 -10.10 27.85
N TYR A 1250 -42.82 -9.51 27.30
CA TYR A 1250 -42.67 -8.69 26.11
C TYR A 1250 -41.77 -7.49 26.36
N LYS A 1251 -41.92 -6.83 27.51
CA LYS A 1251 -41.10 -5.65 27.79
C LYS A 1251 -39.63 -6.03 27.97
N THR A 1252 -39.36 -7.03 28.80
CA THR A 1252 -37.97 -7.43 29.03
C THR A 1252 -37.34 -7.96 27.75
N TYR A 1253 -38.13 -8.54 26.85
CA TYR A 1253 -37.62 -8.96 25.56
C TYR A 1253 -37.30 -7.76 24.68
N PHE A 1254 -38.30 -6.97 24.35
CA PHE A 1254 -38.14 -5.91 23.37
C PHE A 1254 -37.36 -4.74 23.88
N THR A 1255 -36.97 -4.62 25.15
CA THR A 1255 -35.95 -3.64 25.55
C THR A 1255 -34.56 -4.27 25.61
N ASN A 1256 -34.20 -5.04 24.59
CA ASN A 1256 -32.87 -5.65 24.50
C ASN A 1256 -32.47 -5.70 23.03
N ALA A 1257 -31.29 -5.15 22.72
CA ALA A 1257 -30.88 -5.02 21.33
C ALA A 1257 -30.60 -6.36 20.68
N TRP A 1258 -30.00 -7.30 21.42
CA TRP A 1258 -29.71 -8.62 20.86
C TRP A 1258 -31.01 -9.33 20.48
N CYS A 1259 -32.00 -9.29 21.39
CA CYS A 1259 -33.30 -9.87 21.10
C CYS A 1259 -33.98 -9.16 19.95
N TRP A 1260 -33.81 -7.84 19.83
CA TRP A 1260 -34.36 -7.12 18.69
C TRP A 1260 -33.75 -7.61 17.38
N LEU A 1261 -32.43 -7.82 17.38
CA LEU A 1261 -31.76 -8.30 16.16
C LEU A 1261 -32.27 -9.68 15.77
N ASP A 1262 -32.40 -10.58 16.74
CA ASP A 1262 -32.94 -11.91 16.44
C ASP A 1262 -34.39 -11.82 15.95
N PHE A 1263 -35.18 -10.95 16.57
CA PHE A 1263 -36.55 -10.72 16.15
C PHE A 1263 -36.62 -10.30 14.68
N LEU A 1264 -35.78 -9.34 14.30
CA LEU A 1264 -35.79 -8.85 12.92
C LEU A 1264 -35.36 -9.93 11.94
N ILE A 1265 -34.31 -10.69 12.28
CA ILE A 1265 -33.82 -11.72 11.37
C ILE A 1265 -34.88 -12.80 11.15
N VAL A 1266 -35.48 -13.29 12.24
CA VAL A 1266 -36.49 -14.33 12.07
C VAL A 1266 -37.74 -13.77 11.40
N ASP A 1267 -38.03 -12.48 11.57
CA ASP A 1267 -39.15 -11.89 10.83
C ASP A 1267 -38.88 -11.90 9.33
N VAL A 1268 -37.66 -11.55 8.92
CA VAL A 1268 -37.33 -11.59 7.50
C VAL A 1268 -37.47 -13.01 6.97
N SER A 1269 -36.96 -13.99 7.72
CA SER A 1269 -37.07 -15.38 7.29
C SER A 1269 -38.53 -15.81 7.16
N LEU A 1270 -39.37 -15.42 8.12
CA LEU A 1270 -40.78 -15.81 8.08
C LEU A 1270 -41.49 -15.19 6.89
N VAL A 1271 -41.21 -13.91 6.61
CA VAL A 1271 -41.84 -13.26 5.46
C VAL A 1271 -41.42 -13.95 4.16
N THR A 1272 -40.13 -14.26 4.03
CA THR A 1272 -39.69 -14.96 2.83
C THR A 1272 -40.37 -16.32 2.69
N LEU A 1273 -40.47 -17.07 3.79
CA LEU A 1273 -41.11 -18.38 3.73
C LEU A 1273 -42.58 -18.27 3.33
N VAL A 1274 -43.30 -17.30 3.92
CA VAL A 1274 -44.71 -17.14 3.62
C VAL A 1274 -44.90 -16.76 2.15
N ALA A 1275 -44.10 -15.81 1.67
CA ALA A 1275 -44.21 -15.39 0.28
C ALA A 1275 -43.91 -16.54 -0.68
N ASN A 1276 -42.90 -17.35 -0.36
CA ASN A 1276 -42.59 -18.50 -1.21
C ASN A 1276 -43.73 -19.52 -1.20
N THR A 1277 -44.32 -19.75 -0.02
CA THR A 1277 -45.42 -20.71 0.06
C THR A 1277 -46.63 -20.24 -0.74
N LEU A 1278 -46.94 -18.94 -0.69
CA LEU A 1278 -48.07 -18.43 -1.46
C LEU A 1278 -47.77 -18.33 -2.96
N GLY A 1279 -46.57 -18.70 -3.39
CA GLY A 1279 -46.24 -18.70 -4.80
C GLY A 1279 -45.65 -17.41 -5.34
N TYR A 1280 -45.59 -16.36 -4.53
CA TYR A 1280 -45.03 -15.08 -4.94
C TYR A 1280 -43.51 -15.04 -4.78
N SER A 1281 -42.82 -16.12 -5.13
CA SER A 1281 -41.40 -16.24 -4.83
C SER A 1281 -40.53 -15.35 -5.71
N ASP A 1282 -41.10 -14.74 -6.75
CA ASP A 1282 -40.31 -13.94 -7.69
C ASP A 1282 -40.80 -12.50 -7.79
N LEU A 1283 -41.60 -12.06 -6.81
CA LEU A 1283 -42.24 -10.73 -6.88
C LEU A 1283 -41.28 -9.57 -6.61
N GLY A 1284 -40.36 -9.26 -7.53
CA GLY A 1284 -39.56 -8.06 -7.39
C GLY A 1284 -38.87 -7.90 -6.06
N PRO A 1285 -39.40 -7.00 -5.24
CA PRO A 1285 -38.81 -6.78 -3.90
C PRO A 1285 -38.82 -8.03 -3.04
N ILE A 1286 -39.78 -8.94 -3.22
CA ILE A 1286 -39.76 -10.18 -2.45
C ILE A 1286 -38.55 -11.02 -2.83
N LYS A 1287 -38.26 -11.12 -4.13
CA LYS A 1287 -37.05 -11.80 -4.56
C LYS A 1287 -35.81 -11.11 -4.03
N SER A 1288 -35.80 -9.77 -4.04
CA SER A 1288 -34.65 -9.04 -3.55
C SER A 1288 -34.50 -9.16 -2.03
N LEU A 1289 -35.59 -9.48 -1.33
CA LEU A 1289 -35.52 -9.70 0.11
C LEU A 1289 -34.80 -10.98 0.46
N ARG A 1290 -34.69 -11.93 -0.48
CA ARG A 1290 -33.98 -13.17 -0.24
C ARG A 1290 -32.49 -12.95 -0.07
N THR A 1291 -31.98 -11.77 -0.42
CA THR A 1291 -30.56 -11.50 -0.26
C THR A 1291 -30.19 -11.14 1.18
N LEU A 1292 -31.16 -10.85 2.03
CA LEU A 1292 -30.89 -10.58 3.44
C LEU A 1292 -30.66 -11.84 4.25
N ARG A 1293 -30.68 -13.01 3.61
CA ARG A 1293 -30.35 -14.24 4.32
C ARG A 1293 -28.87 -14.27 4.69
N ALA A 1294 -28.07 -13.34 4.16
CA ALA A 1294 -26.67 -13.24 4.54
C ALA A 1294 -26.50 -12.67 5.93
N LEU A 1295 -27.56 -12.17 6.55
CA LEU A 1295 -27.48 -11.61 7.90
C LEU A 1295 -27.70 -12.66 8.98
N ARG A 1296 -28.00 -13.90 8.61
CA ARG A 1296 -28.16 -14.98 9.57
C ARG A 1296 -26.91 -15.23 10.42
N PRO A 1297 -25.69 -15.00 9.90
CA PRO A 1297 -24.53 -15.07 10.80
C PRO A 1297 -24.54 -14.07 11.94
N LEU A 1298 -25.30 -12.98 11.81
CA LEU A 1298 -25.29 -11.95 12.85
C LEU A 1298 -25.88 -12.43 14.17
N ARG A 1299 -26.35 -13.68 14.22
CA ARG A 1299 -26.93 -14.18 15.46
C ARG A 1299 -25.88 -14.79 16.36
N ALA A 1300 -24.62 -14.79 15.95
CA ALA A 1300 -23.57 -15.39 16.77
C ALA A 1300 -22.86 -14.34 17.62
N LEU A 1301 -23.08 -13.06 17.32
CA LEU A 1301 -22.45 -12.00 18.10
C LEU A 1301 -22.91 -12.05 19.55
N SER A 1302 -24.20 -12.23 19.78
CA SER A 1302 -24.70 -12.29 21.14
C SER A 1302 -24.31 -13.60 21.81
N ARG A 1303 -24.14 -14.66 21.04
CA ARG A 1303 -23.80 -15.95 21.61
C ARG A 1303 -22.35 -16.01 22.09
N PHE A 1304 -21.42 -15.41 21.35
CA PHE A 1304 -20.00 -15.55 21.64
C PHE A 1304 -19.51 -14.36 22.46
N GLU A 1305 -18.92 -14.67 23.63
CA GLU A 1305 -18.60 -13.65 24.61
C GLU A 1305 -17.46 -12.74 24.14
N GLY A 1306 -16.46 -13.30 23.48
CA GLY A 1306 -15.37 -12.47 22.99
C GLY A 1306 -15.82 -11.47 21.94
N MET A 1307 -16.68 -11.93 21.02
CA MET A 1307 -17.21 -11.06 19.94
C MET A 1307 -18.17 -10.03 20.54
N ARG A 1308 -18.89 -10.36 21.62
CA ARG A 1308 -19.71 -9.37 22.31
C ARG A 1308 -18.85 -8.32 23.00
N VAL A 1309 -17.77 -8.74 23.66
CA VAL A 1309 -16.89 -7.81 24.34
C VAL A 1309 -16.26 -6.85 23.34
N VAL A 1310 -15.79 -7.36 22.21
CA VAL A 1310 -15.20 -6.48 21.22
C VAL A 1310 -16.23 -5.53 20.63
N VAL A 1311 -17.43 -6.04 20.33
CA VAL A 1311 -18.44 -5.24 19.63
C VAL A 1311 -18.99 -4.18 20.57
N ASN A 1312 -18.84 -4.38 21.88
CA ASN A 1312 -19.20 -3.32 22.82
C ASN A 1312 -18.29 -2.11 22.72
N ALA A 1313 -16.99 -2.31 22.52
CA ALA A 1313 -16.06 -1.20 22.42
C ALA A 1313 -16.36 -0.34 21.18
N LEU A 1314 -16.71 -0.98 20.07
CA LEU A 1314 -17.04 -0.22 18.87
C LEU A 1314 -18.27 0.65 19.08
N ILE A 1315 -19.30 0.09 19.72
CA ILE A 1315 -20.50 0.87 20.01
C ILE A 1315 -20.18 2.00 20.97
N GLY A 1316 -19.28 1.76 21.91
CA GLY A 1316 -18.85 2.85 22.79
C GLY A 1316 -18.12 3.95 22.05
N ALA A 1317 -17.35 3.59 21.02
CA ALA A 1317 -16.55 4.57 20.30
C ALA A 1317 -17.27 5.20 19.12
N ILE A 1318 -18.47 4.75 18.79
CA ILE A 1318 -19.21 5.27 17.62
C ILE A 1318 -19.35 6.79 17.61
N PRO A 1319 -19.73 7.46 18.71
CA PRO A 1319 -19.93 8.92 18.61
C PRO A 1319 -18.71 9.70 18.15
N SER A 1320 -17.53 9.38 18.68
CA SER A 1320 -16.33 10.08 18.25
C SER A 1320 -16.00 9.75 16.80
N ILE A 1321 -16.31 8.52 16.38
CA ILE A 1321 -16.15 8.16 14.97
C ILE A 1321 -17.01 9.05 14.10
N MET A 1322 -18.27 9.27 14.51
CA MET A 1322 -19.14 10.14 13.72
C MET A 1322 -18.63 11.57 13.69
N ASN A 1323 -18.12 12.06 14.82
CA ASN A 1323 -17.58 13.42 14.85
C ASN A 1323 -16.41 13.56 13.88
N VAL A 1324 -15.44 12.65 13.95
CA VAL A 1324 -14.27 12.78 13.10
C VAL A 1324 -14.64 12.55 11.64
N LEU A 1325 -15.63 11.68 11.38
CA LEU A 1325 -16.07 11.46 10.01
C LEU A 1325 -16.75 12.71 9.44
N LEU A 1326 -17.54 13.41 10.27
CA LEU A 1326 -18.14 14.66 9.81
C LEU A 1326 -17.07 15.70 9.53
N VAL A 1327 -16.05 15.80 10.39
CA VAL A 1327 -14.96 16.73 10.14
C VAL A 1327 -14.25 16.38 8.83
N CYS A 1328 -14.00 15.09 8.61
CA CYS A 1328 -13.35 14.67 7.38
C CYS A 1328 -14.18 15.00 6.16
N LEU A 1329 -15.49 14.79 6.23
CA LEU A 1329 -16.35 15.11 5.09
C LEU A 1329 -16.35 16.59 4.80
N ILE A 1330 -16.43 17.42 5.85
CA ILE A 1330 -16.42 18.87 5.64
C ILE A 1330 -15.09 19.31 5.05
N PHE A 1331 -13.99 18.78 5.56
CA PHE A 1331 -12.67 19.15 5.05
C PHE A 1331 -12.49 18.70 3.61
N TRP A 1332 -12.95 17.49 3.27
CA TRP A 1332 -12.80 16.98 1.92
C TRP A 1332 -13.76 17.63 0.94
N LEU A 1333 -14.84 18.24 1.42
CA LEU A 1333 -15.74 18.94 0.51
C LEU A 1333 -15.03 20.09 -0.19
N ILE A 1334 -14.10 20.75 0.50
CA ILE A 1334 -13.35 21.84 -0.12
C ILE A 1334 -12.54 21.32 -1.29
N PHE A 1335 -11.77 20.24 -1.07
CA PHE A 1335 -10.97 19.67 -2.12
C PHE A 1335 -11.82 19.08 -3.24
N SER A 1336 -12.99 18.55 -2.90
CA SER A 1336 -13.88 18.00 -3.91
C SER A 1336 -14.44 19.09 -4.81
N ILE A 1337 -14.84 20.22 -4.23
CA ILE A 1337 -15.34 21.33 -5.03
C ILE A 1337 -14.23 21.91 -5.88
N MET A 1338 -13.02 22.03 -5.31
CA MET A 1338 -11.89 22.51 -6.09
C MET A 1338 -11.59 21.59 -7.26
N GLY A 1339 -11.58 20.28 -7.01
CA GLY A 1339 -11.34 19.34 -8.10
C GLY A 1339 -12.43 19.35 -9.14
N VAL A 1340 -13.68 19.55 -8.72
CA VAL A 1340 -14.77 19.64 -9.69
C VAL A 1340 -14.57 20.86 -10.58
N ASN A 1341 -14.27 22.01 -9.98
CA ASN A 1341 -14.06 23.21 -10.77
C ASN A 1341 -12.83 23.11 -11.65
N LEU A 1342 -11.88 22.25 -11.29
CA LEU A 1342 -10.67 22.11 -12.10
C LEU A 1342 -10.86 21.13 -13.24
N PHE A 1343 -11.44 19.96 -12.97
CA PHE A 1343 -11.49 18.85 -13.92
C PHE A 1343 -12.92 18.42 -14.20
N ALA A 1344 -13.87 19.35 -14.23
CA ALA A 1344 -15.26 18.99 -14.49
C ALA A 1344 -15.43 18.71 -15.99
N GLY A 1345 -15.45 17.44 -16.35
CA GLY A 1345 -15.74 17.06 -17.72
C GLY A 1345 -14.57 17.01 -18.66
N LYS A 1346 -13.35 16.96 -18.14
CA LYS A 1346 -12.16 16.96 -18.97
C LYS A 1346 -11.47 15.61 -19.05
N PHE A 1347 -12.10 14.54 -18.57
CA PHE A 1347 -11.52 13.21 -18.59
C PHE A 1347 -11.99 12.38 -19.78
N TYR A 1348 -12.77 12.96 -20.69
CA TYR A 1348 -13.20 12.24 -21.88
C TYR A 1348 -12.06 12.12 -22.86
N GLU A 1349 -12.08 11.06 -23.66
CA GLU A 1349 -11.05 10.86 -24.67
C GLU A 1349 -11.55 9.89 -25.73
N CYS A 1350 -10.90 9.94 -26.90
CA CYS A 1350 -11.25 9.09 -28.02
C CYS A 1350 -10.28 7.91 -28.09
N ILE A 1351 -10.74 6.73 -27.70
CA ILE A 1351 -9.88 5.56 -27.59
C ILE A 1351 -10.14 4.61 -28.74
N ASN A 1352 -9.12 3.81 -29.06
CA ASN A 1352 -9.23 2.67 -29.96
C ASN A 1352 -9.55 1.45 -29.11
N THR A 1353 -10.81 1.00 -29.15
CA THR A 1353 -11.28 0.00 -28.19
C THR A 1353 -10.55 -1.33 -28.30
N THR A 1354 -9.98 -1.67 -29.46
CA THR A 1354 -9.23 -2.92 -29.57
C THR A 1354 -7.94 -2.86 -28.77
N ASP A 1355 -7.18 -1.78 -28.92
CA ASP A 1355 -5.94 -1.62 -28.15
C ASP A 1355 -6.16 -0.88 -26.84
N GLY A 1356 -7.26 -0.15 -26.70
CA GLY A 1356 -7.41 0.74 -25.57
C GLY A 1356 -6.42 1.86 -25.53
N SER A 1357 -6.05 2.40 -26.69
CA SER A 1357 -5.03 3.44 -26.79
C SER A 1357 -5.65 4.73 -27.27
N ARG A 1358 -5.36 5.82 -26.56
CA ARG A 1358 -5.86 7.13 -26.94
C ARG A 1358 -5.28 7.53 -28.29
N PHE A 1359 -6.13 8.04 -29.17
CA PHE A 1359 -5.65 8.54 -30.45
C PHE A 1359 -4.86 9.84 -30.24
N PRO A 1360 -3.67 9.96 -30.82
CA PRO A 1360 -2.87 11.17 -30.61
C PRO A 1360 -3.60 12.39 -31.13
N ALA A 1361 -3.54 13.48 -30.37
CA ALA A 1361 -4.41 14.63 -30.59
C ALA A 1361 -4.12 15.37 -31.89
N SER A 1362 -3.08 14.98 -32.64
CA SER A 1362 -2.90 15.57 -33.97
C SER A 1362 -4.08 15.23 -34.87
N GLN A 1363 -4.46 13.96 -34.93
CA GLN A 1363 -5.71 13.52 -35.51
C GLN A 1363 -6.73 13.38 -34.39
N VAL A 1364 -8.00 13.62 -34.69
CA VAL A 1364 -9.05 13.61 -33.68
C VAL A 1364 -8.68 14.59 -32.56
N PRO A 1365 -8.77 15.90 -32.79
CA PRO A 1365 -8.48 16.85 -31.71
C PRO A 1365 -9.67 17.19 -30.84
N ASN A 1366 -10.87 16.74 -31.17
CA ASN A 1366 -12.04 17.04 -30.35
C ASN A 1366 -13.09 15.94 -30.53
N ARG A 1367 -14.20 16.10 -29.81
CA ARG A 1367 -15.24 15.08 -29.80
C ARG A 1367 -15.96 15.01 -31.14
N SER A 1368 -16.07 16.13 -31.86
CA SER A 1368 -16.71 16.09 -33.16
C SER A 1368 -15.90 15.27 -34.15
N GLU A 1369 -14.57 15.43 -34.15
CA GLU A 1369 -13.73 14.61 -35.01
C GLU A 1369 -13.73 13.16 -34.55
N CYS A 1370 -13.83 12.92 -33.24
CA CYS A 1370 -13.96 11.55 -32.77
C CYS A 1370 -15.24 10.91 -33.29
N PHE A 1371 -16.35 11.65 -33.29
CA PHE A 1371 -17.61 11.12 -33.82
C PHE A 1371 -17.51 10.87 -35.31
N ALA A 1372 -16.92 11.81 -36.05
CA ALA A 1372 -16.72 11.60 -37.48
C ALA A 1372 -15.83 10.40 -37.76
N LEU A 1373 -14.89 10.11 -36.87
CA LEU A 1373 -14.04 8.95 -37.06
C LEU A 1373 -14.77 7.66 -36.71
N MET A 1374 -15.66 7.68 -35.72
CA MET A 1374 -16.47 6.50 -35.46
C MET A 1374 -17.35 6.19 -36.66
N ASN A 1375 -17.89 7.23 -37.29
CA ASN A 1375 -18.73 7.02 -38.46
C ASN A 1375 -17.98 6.34 -39.61
N VAL A 1376 -16.65 6.38 -39.59
CA VAL A 1376 -15.84 5.77 -40.64
C VAL A 1376 -15.39 4.38 -40.21
N SER A 1377 -14.83 4.28 -39.00
CA SER A 1377 -14.36 3.01 -38.46
C SER A 1377 -15.50 2.32 -37.71
N GLN A 1378 -15.17 1.63 -36.64
CA GLN A 1378 -16.19 0.97 -35.83
C GLN A 1378 -15.75 0.76 -34.39
N ASN A 1379 -14.46 0.54 -34.15
CA ASN A 1379 -13.95 0.21 -32.82
C ASN A 1379 -13.35 1.43 -32.13
N VAL A 1380 -13.97 2.58 -32.37
CA VAL A 1380 -13.57 3.85 -31.80
C VAL A 1380 -14.65 4.28 -30.82
N ARG A 1381 -14.26 4.97 -29.75
CA ARG A 1381 -15.24 5.34 -28.73
C ARG A 1381 -14.76 6.57 -27.98
N TRP A 1382 -15.69 7.48 -27.70
CA TRP A 1382 -15.43 8.68 -26.90
C TRP A 1382 -15.75 8.34 -25.44
N LYS A 1383 -14.76 7.78 -24.76
CA LYS A 1383 -14.96 7.19 -23.45
C LYS A 1383 -14.62 8.18 -22.33
N ASN A 1384 -15.06 7.83 -21.13
CA ASN A 1384 -14.84 8.62 -19.93
C ASN A 1384 -14.42 7.70 -18.78
N LEU A 1385 -13.67 8.26 -17.83
CA LEU A 1385 -13.29 7.50 -16.66
C LEU A 1385 -14.51 7.18 -15.80
N LYS A 1386 -14.44 6.09 -15.06
CA LYS A 1386 -15.57 5.70 -14.22
C LYS A 1386 -15.56 6.44 -12.89
N VAL A 1387 -14.39 6.67 -12.30
CA VAL A 1387 -14.25 7.50 -11.13
C VAL A 1387 -13.53 8.78 -11.56
N ASN A 1388 -14.22 9.91 -11.46
CA ASN A 1388 -13.69 11.16 -11.97
C ASN A 1388 -14.13 12.29 -11.05
N PHE A 1389 -14.26 13.48 -11.61
CA PHE A 1389 -14.63 14.68 -10.87
C PHE A 1389 -15.80 15.39 -11.54
N ASP A 1390 -16.75 14.64 -12.08
CA ASP A 1390 -17.85 15.25 -12.82
C ASP A 1390 -18.79 16.00 -11.90
N ASN A 1391 -19.01 15.49 -10.68
CA ASN A 1391 -19.77 16.20 -9.68
C ASN A 1391 -19.14 15.91 -8.32
N VAL A 1392 -19.70 16.51 -7.27
CA VAL A 1392 -19.11 16.37 -5.94
C VAL A 1392 -19.21 14.95 -5.43
N GLY A 1393 -20.29 14.25 -5.79
CA GLY A 1393 -20.43 12.87 -5.35
C GLY A 1393 -19.32 11.98 -5.88
N LEU A 1394 -19.00 12.11 -7.17
CA LEU A 1394 -17.89 11.35 -7.73
C LEU A 1394 -16.54 11.91 -7.29
N GLY A 1395 -16.50 13.20 -6.97
CA GLY A 1395 -15.29 13.77 -6.41
C GLY A 1395 -14.92 13.13 -5.09
N TYR A 1396 -15.93 12.81 -4.28
CA TYR A 1396 -15.68 12.13 -3.02
C TYR A 1396 -15.02 10.78 -3.22
N LEU A 1397 -15.53 10.00 -4.19
CA LEU A 1397 -14.95 8.69 -4.47
C LEU A 1397 -13.53 8.82 -5.02
N SER A 1398 -13.31 9.79 -5.91
CA SER A 1398 -11.96 10.01 -6.44
C SER A 1398 -11.00 10.41 -5.33
N LEU A 1399 -11.43 11.28 -4.42
CA LEU A 1399 -10.59 11.68 -3.30
C LEU A 1399 -10.30 10.50 -2.38
N LEU A 1400 -11.27 9.63 -2.16
CA LEU A 1400 -11.01 8.43 -1.36
C LEU A 1400 -9.98 7.54 -2.03
N GLN A 1401 -10.10 7.35 -3.34
CA GLN A 1401 -9.12 6.53 -4.05
C GLN A 1401 -7.72 7.14 -3.99
N VAL A 1402 -7.63 8.46 -4.09
CA VAL A 1402 -6.34 9.13 -3.99
C VAL A 1402 -5.76 9.00 -2.58
N ALA A 1403 -6.61 9.22 -1.57
CA ALA A 1403 -6.14 9.24 -0.19
C ALA A 1403 -5.73 7.86 0.29
N THR A 1404 -6.36 6.80 -0.20
CA THR A 1404 -5.94 5.45 0.14
C THR A 1404 -4.86 4.92 -0.78
N PHE A 1405 -4.41 5.72 -1.75
CA PHE A 1405 -3.31 5.37 -2.65
C PHE A 1405 -3.61 4.13 -3.48
N LYS A 1406 -4.89 3.84 -3.71
CA LYS A 1406 -5.29 2.70 -4.53
C LYS A 1406 -6.08 3.22 -5.72
N GLY A 1407 -5.52 3.05 -6.92
CA GLY A 1407 -6.14 3.56 -8.12
C GLY A 1407 -5.99 5.04 -8.34
N TRP A 1408 -5.10 5.70 -7.61
CA TRP A 1408 -4.92 7.13 -7.76
C TRP A 1408 -4.17 7.49 -9.02
N THR A 1409 -3.34 6.59 -9.53
CA THR A 1409 -2.49 6.91 -10.66
C THR A 1409 -3.30 7.18 -11.91
N ILE A 1410 -4.39 6.45 -12.12
CA ILE A 1410 -5.23 6.69 -13.29
C ILE A 1410 -5.82 8.11 -13.25
N ILE A 1411 -6.32 8.51 -12.09
CA ILE A 1411 -6.89 9.84 -11.95
C ILE A 1411 -5.82 10.90 -12.18
N MET A 1412 -4.63 10.70 -11.61
CA MET A 1412 -3.55 11.67 -11.80
C MET A 1412 -3.15 11.78 -13.26
N TYR A 1413 -3.04 10.65 -13.96
CA TYR A 1413 -2.70 10.70 -15.38
C TYR A 1413 -3.73 11.46 -16.17
N ALA A 1414 -5.01 11.18 -15.95
CA ALA A 1414 -6.06 11.89 -16.67
C ALA A 1414 -6.06 13.37 -16.34
N ALA A 1415 -5.81 13.71 -15.08
CA ALA A 1415 -5.81 15.11 -14.66
C ALA A 1415 -4.67 15.89 -15.29
N VAL A 1416 -3.47 15.29 -15.34
CA VAL A 1416 -2.35 15.98 -15.96
C VAL A 1416 -2.43 15.95 -17.48
N ASP A 1417 -3.25 15.07 -18.06
CA ASP A 1417 -3.45 15.12 -19.50
C ASP A 1417 -4.56 16.07 -19.92
N SER A 1418 -5.47 16.41 -19.02
CA SER A 1418 -6.68 17.13 -19.40
C SER A 1418 -6.36 18.45 -20.08
N VAL A 1419 -7.07 18.72 -21.18
CA VAL A 1419 -6.90 19.96 -21.94
C VAL A 1419 -8.06 20.90 -21.62
N ASN A 1420 -9.25 20.55 -22.10
CA ASN A 1420 -10.44 21.38 -21.90
C ASN A 1420 -11.66 20.49 -22.13
N VAL A 1421 -12.83 21.08 -22.08
CA VAL A 1421 -14.08 20.36 -22.30
C VAL A 1421 -14.28 20.16 -23.79
N ASP A 1422 -14.68 18.95 -24.19
CA ASP A 1422 -14.83 18.54 -25.59
C ASP A 1422 -13.51 18.61 -26.36
N LYS A 1423 -12.38 18.46 -25.68
CA LYS A 1423 -11.07 18.51 -26.30
C LYS A 1423 -10.30 17.23 -25.97
N GLN A 1424 -9.53 16.76 -26.93
CA GLN A 1424 -8.82 15.51 -26.78
C GLN A 1424 -7.60 15.70 -25.88
N PRO A 1425 -7.43 14.89 -24.82
CA PRO A 1425 -6.31 15.10 -23.91
C PRO A 1425 -4.96 14.95 -24.60
N LYS A 1426 -3.99 15.73 -24.14
CA LYS A 1426 -2.62 15.69 -24.63
C LYS A 1426 -1.72 15.20 -23.50
N TYR A 1427 -0.60 14.59 -23.87
CA TYR A 1427 0.28 14.00 -22.86
C TYR A 1427 0.92 15.08 -21.99
N GLU A 1428 0.53 15.12 -20.72
CA GLU A 1428 1.04 16.08 -19.74
C GLU A 1428 0.92 17.51 -20.25
N TYR A 1429 -0.23 17.84 -20.85
CA TYR A 1429 -0.52 19.22 -21.19
C TYR A 1429 -0.60 20.08 -19.94
N SER A 1430 -1.25 19.57 -18.89
CA SER A 1430 -1.32 20.27 -17.62
C SER A 1430 -0.45 19.56 -16.59
N LEU A 1431 0.87 19.63 -16.76
CA LEU A 1431 1.77 18.83 -15.94
C LEU A 1431 1.67 19.17 -14.47
N TYR A 1432 1.62 20.46 -14.14
CA TYR A 1432 1.67 20.88 -12.75
C TYR A 1432 0.33 20.76 -12.04
N MET A 1433 -0.57 19.89 -12.51
CA MET A 1433 -1.73 19.52 -11.74
C MET A 1433 -1.41 18.44 -10.72
N TYR A 1434 -0.18 17.92 -10.74
CA TYR A 1434 0.26 17.00 -9.70
C TYR A 1434 0.31 17.68 -8.35
N ILE A 1435 0.46 19.01 -8.35
CA ILE A 1435 0.55 19.76 -7.11
C ILE A 1435 -0.76 19.69 -6.34
N TYR A 1436 -1.88 19.68 -7.05
CA TYR A 1436 -3.18 19.54 -6.40
C TYR A 1436 -3.24 18.25 -5.59
N PHE A 1437 -2.81 17.14 -6.19
CA PHE A 1437 -2.85 15.86 -5.50
C PHE A 1437 -1.80 15.79 -4.39
N VAL A 1438 -0.65 16.45 -4.57
CA VAL A 1438 0.34 16.48 -3.50
C VAL A 1438 -0.22 17.20 -2.28
N VAL A 1439 -0.81 18.37 -2.50
CA VAL A 1439 -1.37 19.15 -1.40
C VAL A 1439 -2.51 18.39 -0.73
N PHE A 1440 -3.35 17.72 -1.52
CA PHE A 1440 -4.41 16.93 -0.92
C PHE A 1440 -3.85 15.79 -0.07
N ILE A 1441 -2.91 15.03 -0.62
CA ILE A 1441 -2.36 13.89 0.11
C ILE A 1441 -1.73 14.34 1.41
N ILE A 1442 -1.20 15.57 1.43
CA ILE A 1442 -0.59 16.15 2.66
C ILE A 1442 -1.70 16.63 3.60
N PHE A 1443 -2.40 17.72 3.27
CA PHE A 1443 -3.44 18.31 4.15
C PHE A 1443 -4.55 17.29 4.44
N GLY A 1444 -5.05 16.59 3.42
CA GLY A 1444 -6.12 15.58 3.58
C GLY A 1444 -5.61 14.26 4.12
N SER A 1445 -4.89 13.45 3.33
CA SER A 1445 -4.49 12.08 3.74
C SER A 1445 -3.68 12.04 5.04
N PHE A 1446 -2.87 13.06 5.38
CA PHE A 1446 -1.97 13.02 6.56
C PHE A 1446 -2.56 13.64 7.83
N PHE A 1447 -3.14 14.85 7.79
CA PHE A 1447 -3.57 15.55 9.01
C PHE A 1447 -4.88 14.93 9.45
N THR A 1448 -5.68 14.43 8.49
CA THR A 1448 -6.99 13.78 8.79
C THR A 1448 -6.76 12.45 9.49
N LEU A 1449 -5.65 11.75 9.23
CA LEU A 1449 -5.26 10.49 9.91
C LEU A 1449 -4.62 10.83 11.27
N ASN A 1450 -4.04 12.02 11.42
CA ASN A 1450 -3.47 12.46 12.73
C ASN A 1450 -4.66 12.76 13.65
N LEU A 1451 -5.76 13.29 13.11
CA LEU A 1451 -6.98 13.63 13.87
C LEU A 1451 -7.75 12.36 14.21
N PHE A 1452 -7.91 11.43 13.27
CA PHE A 1452 -8.68 10.20 13.45
C PHE A 1452 -8.03 9.30 14.50
N ILE A 1453 -6.74 9.06 14.36
CA ILE A 1453 -6.04 8.21 15.32
C ILE A 1453 -6.12 8.80 16.73
N GLY A 1454 -5.88 10.11 16.85
CA GLY A 1454 -5.91 10.72 18.16
C GLY A 1454 -7.26 10.55 18.84
N VAL A 1455 -8.35 10.83 18.11
CA VAL A 1455 -9.66 10.78 18.74
C VAL A 1455 -10.04 9.34 19.09
N ILE A 1456 -9.71 8.36 18.24
CA ILE A 1456 -10.09 6.99 18.57
C ILE A 1456 -9.27 6.46 19.75
N ILE A 1457 -7.99 6.81 19.82
CA ILE A 1457 -7.12 6.31 20.92
C ILE A 1457 -7.57 7.01 22.21
N ASP A 1458 -8.04 8.26 22.16
CA ASP A 1458 -8.57 8.92 23.34
C ASP A 1458 -9.88 8.28 23.78
N ASN A 1459 -10.74 7.93 22.83
CA ASN A 1459 -12.01 7.29 23.18
C ASN A 1459 -11.78 5.95 23.87
N PHE A 1460 -10.87 5.14 23.34
CA PHE A 1460 -10.59 3.85 23.99
C PHE A 1460 -9.99 4.04 25.37
N ASN A 1461 -9.10 5.02 25.54
CA ASN A 1461 -8.53 5.27 26.86
C ASN A 1461 -9.60 5.70 27.86
N GLN A 1462 -10.53 6.55 27.42
CA GLN A 1462 -11.61 6.98 28.30
C GLN A 1462 -12.51 5.81 28.67
N GLN A 1463 -12.77 4.91 27.73
CA GLN A 1463 -13.56 3.72 28.05
C GLN A 1463 -12.86 2.86 29.10
N LYS A 1464 -11.55 2.66 28.93
CA LYS A 1464 -10.79 1.86 29.89
C LYS A 1464 -10.82 2.50 31.27
N LYS A 1465 -10.69 3.82 31.34
CA LYS A 1465 -10.75 4.50 32.62
C LYS A 1465 -12.15 4.45 33.23
N LYS A 1466 -13.18 4.47 32.39
CA LYS A 1466 -14.54 4.29 32.91
C LYS A 1466 -14.71 2.93 33.55
N LEU A 1467 -14.19 1.87 32.91
CA LEU A 1467 -14.29 0.54 33.50
C LEU A 1467 -13.41 0.39 34.74
N GLY A 1468 -12.50 1.32 35.00
CA GLY A 1468 -11.67 1.25 36.18
C GLY A 1468 -10.34 0.59 35.92
N GLY A 1469 -9.71 0.93 34.79
CA GLY A 1469 -8.43 0.31 34.45
C GLY A 1469 -8.53 -1.16 34.14
N GLN A 1470 -9.56 -1.58 33.41
CA GLN A 1470 -9.75 -2.96 33.02
C GLN A 1470 -9.68 -3.05 31.50
N ASP A 1471 -9.01 -4.09 31.00
CA ASP A 1471 -8.87 -4.26 29.56
C ASP A 1471 -10.23 -4.40 28.90
N ILE A 1472 -10.46 -3.64 27.83
CA ILE A 1472 -11.76 -3.60 27.19
C ILE A 1472 -11.89 -4.56 26.02
N PHE A 1473 -10.81 -5.27 25.67
CA PHE A 1473 -10.85 -6.25 24.59
C PHE A 1473 -10.72 -7.68 25.07
N MET A 1474 -10.77 -7.92 26.37
CA MET A 1474 -10.60 -9.25 26.93
C MET A 1474 -11.80 -9.63 27.78
N THR A 1475 -12.20 -10.90 27.71
CA THR A 1475 -13.31 -11.40 28.49
C THR A 1475 -12.86 -11.75 29.91
N GLU A 1476 -13.83 -11.94 30.79
CA GLU A 1476 -13.52 -12.22 32.19
C GLU A 1476 -12.74 -13.52 32.34
N GLU A 1477 -13.08 -14.54 31.54
CA GLU A 1477 -12.35 -15.79 31.58
C GLU A 1477 -10.91 -15.62 31.10
N GLN A 1478 -10.70 -14.78 30.08
CA GLN A 1478 -9.34 -14.55 29.58
C GLN A 1478 -8.53 -13.65 30.48
N LYS A 1479 -9.17 -12.88 31.35
CA LYS A 1479 -8.42 -12.01 32.25
C LYS A 1479 -7.53 -12.82 33.18
N LYS A 1480 -8.03 -13.97 33.67
CA LYS A 1480 -7.22 -14.81 34.54
C LYS A 1480 -6.00 -15.35 33.81
N TYR A 1481 -6.18 -15.80 32.56
CA TYR A 1481 -5.04 -16.27 31.79
C TYR A 1481 -4.03 -15.16 31.55
N TYR A 1482 -4.52 -13.96 31.22
CA TYR A 1482 -3.64 -12.81 31.03
C TYR A 1482 -2.85 -12.51 32.29
N ASN A 1483 -3.52 -12.52 33.45
CA ASN A 1483 -2.86 -12.24 34.71
C ASN A 1483 -1.80 -13.30 35.02
N ALA A 1484 -2.13 -14.56 34.80
CA ALA A 1484 -1.16 -15.63 35.05
C ALA A 1484 0.04 -15.52 34.10
N MET A 1485 -0.20 -15.21 32.83
CA MET A 1485 0.89 -15.10 31.87
C MET A 1485 1.79 -13.90 32.18
N LYS A 1486 1.23 -12.85 32.77
CA LYS A 1486 2.02 -11.67 33.07
C LYS A 1486 3.12 -11.98 34.08
N LYS A 1487 3.00 -13.09 34.81
CA LYS A 1487 3.98 -13.43 35.83
C LYS A 1487 5.14 -14.25 35.28
N LEU A 1488 5.11 -14.65 34.02
CA LEU A 1488 6.24 -15.37 33.45
C LEU A 1488 7.38 -14.45 33.05
N GLY A 1489 7.14 -13.14 33.02
CA GLY A 1489 8.18 -12.21 32.63
C GLY A 1489 8.96 -11.60 33.77
N SER A 1490 8.88 -12.18 34.97
CA SER A 1490 9.55 -11.61 36.12
C SER A 1490 9.96 -12.64 37.17
N LYS A 1491 9.71 -13.93 36.95
CA LYS A 1491 10.11 -14.94 37.92
C LYS A 1491 11.62 -14.98 38.07
N LYS A 1492 12.09 -15.01 39.32
CA LYS A 1492 13.52 -15.02 39.59
C LYS A 1492 14.12 -16.36 39.21
N PRO A 1493 15.43 -16.39 38.91
CA PRO A 1493 16.08 -17.66 38.58
C PRO A 1493 15.98 -18.65 39.72
N GLN A 1494 15.81 -19.92 39.38
CA GLN A 1494 15.68 -20.97 40.38
C GLN A 1494 17.06 -21.45 40.82
N LYS A 1495 17.06 -22.37 41.78
CA LYS A 1495 18.32 -22.92 42.26
C LYS A 1495 18.99 -23.72 41.16
N PRO A 1496 20.32 -23.64 41.03
CA PRO A 1496 21.00 -24.48 40.05
C PRO A 1496 20.80 -25.95 40.36
N ILE A 1497 20.68 -26.75 39.30
CA ILE A 1497 20.48 -28.19 39.48
C ILE A 1497 21.74 -28.78 40.11
N PRO A 1498 21.62 -29.54 41.21
CA PRO A 1498 22.83 -30.01 41.91
C PRO A 1498 23.62 -30.99 41.06
N ARG A 1499 24.93 -31.02 41.32
CA ARG A 1499 25.82 -31.90 40.57
C ARG A 1499 25.46 -33.36 40.83
N PRO A 1500 25.65 -34.25 39.86
CA PRO A 1500 25.35 -35.66 40.09
C PRO A 1500 26.40 -36.33 40.95
N GLY A 1501 26.22 -37.64 41.15
CA GLY A 1501 27.12 -38.37 42.03
C GLY A 1501 28.27 -39.03 41.28
N ASN A 1502 28.00 -39.54 40.08
CA ASN A 1502 29.03 -40.19 39.29
C ASN A 1502 30.10 -39.17 38.90
N LYS A 1503 31.35 -39.62 38.85
CA LYS A 1503 32.45 -38.72 38.50
C LYS A 1503 32.35 -38.29 37.03
N ILE A 1504 32.11 -39.25 36.14
CA ILE A 1504 32.00 -38.92 34.72
C ILE A 1504 30.74 -38.08 34.47
N GLN A 1505 29.66 -38.36 35.20
CA GLN A 1505 28.45 -37.56 35.06
C GLN A 1505 28.68 -36.14 35.56
N GLY A 1506 29.43 -35.98 36.65
CA GLY A 1506 29.78 -34.65 37.10
C GLY A 1506 30.62 -33.88 36.10
N CYS A 1507 31.58 -34.57 35.48
CA CYS A 1507 32.39 -33.93 34.44
C CYS A 1507 31.53 -33.48 33.26
N ILE A 1508 30.59 -34.34 32.84
CA ILE A 1508 29.65 -33.95 31.80
C ILE A 1508 28.85 -32.73 32.26
N PHE A 1509 28.50 -32.68 33.54
CA PHE A 1509 27.76 -31.54 34.07
C PHE A 1509 28.56 -30.25 33.95
N ASP A 1510 29.82 -30.28 34.37
CA ASP A 1510 30.64 -29.07 34.26
C ASP A 1510 30.86 -28.67 32.81
N LEU A 1511 30.92 -29.65 31.91
CA LEU A 1511 31.06 -29.33 30.50
C LEU A 1511 29.82 -28.64 29.95
N VAL A 1512 28.63 -29.18 30.27
CA VAL A 1512 27.43 -28.73 29.58
C VAL A 1512 26.82 -27.49 30.24
N THR A 1513 27.17 -27.20 31.50
CA THR A 1513 26.58 -26.05 32.17
C THR A 1513 27.38 -24.76 31.95
N ASN A 1514 28.05 -24.62 30.81
CA ASN A 1514 29.03 -23.58 30.61
C ASN A 1514 28.59 -22.55 29.57
N GLN A 1515 29.01 -21.29 29.81
CA GLN A 1515 28.79 -20.23 28.84
C GLN A 1515 29.46 -20.53 27.51
N ALA A 1516 30.62 -21.21 27.55
CA ALA A 1516 31.27 -21.61 26.31
C ALA A 1516 30.41 -22.58 25.52
N PHE A 1517 29.77 -23.53 26.23
CA PHE A 1517 28.85 -24.45 25.56
C PHE A 1517 27.68 -23.70 24.94
N ASP A 1518 27.12 -22.75 25.67
CA ASP A 1518 26.00 -21.98 25.13
C ASP A 1518 26.41 -21.19 23.89
N ILE A 1519 27.58 -20.55 23.94
CA ILE A 1519 28.05 -19.76 22.80
C ILE A 1519 28.30 -20.66 21.60
N SER A 1520 28.89 -21.84 21.84
CA SER A 1520 29.14 -22.77 20.75
C SER A 1520 27.85 -23.23 20.10
N ILE A 1521 26.82 -23.51 20.92
CA ILE A 1521 25.54 -23.89 20.35
C ILE A 1521 24.96 -22.75 19.51
N MET A 1522 25.09 -21.52 19.98
CA MET A 1522 24.58 -20.39 19.20
C MET A 1522 25.30 -20.25 17.86
N VAL A 1523 26.62 -20.40 17.85
CA VAL A 1523 27.35 -20.25 16.58
C VAL A 1523 27.03 -21.42 15.66
N LEU A 1524 26.80 -22.60 16.22
CA LEU A 1524 26.39 -23.73 15.39
C LEU A 1524 25.04 -23.46 14.72
N ILE A 1525 24.10 -22.90 15.48
CA ILE A 1525 22.80 -22.56 14.89
C ILE A 1525 22.97 -21.51 13.80
N CYS A 1526 23.86 -20.55 14.02
CA CYS A 1526 24.11 -19.54 12.98
C CYS A 1526 24.67 -20.18 11.70
N LEU A 1527 25.60 -21.11 11.85
CA LEU A 1527 26.13 -21.80 10.68
C LEU A 1527 25.07 -22.60 9.96
N ASN A 1528 24.19 -23.27 10.73
CA ASN A 1528 23.10 -24.01 10.11
C ASN A 1528 22.17 -23.09 9.34
N MET A 1529 21.91 -21.90 9.90
CA MET A 1529 21.11 -20.92 9.19
C MET A 1529 21.77 -20.51 7.88
N VAL A 1530 23.08 -20.29 7.89
CA VAL A 1530 23.79 -19.91 6.67
C VAL A 1530 23.72 -21.03 5.63
N THR A 1531 23.88 -22.28 6.05
CA THR A 1531 23.73 -23.39 5.11
C THR A 1531 22.33 -23.48 4.55
N MET A 1532 21.31 -23.11 5.32
CA MET A 1532 19.97 -23.08 4.76
C MET A 1532 19.79 -21.91 3.78
N MET A 1533 20.46 -20.79 4.01
CA MET A 1533 20.35 -19.65 3.11
C MET A 1533 21.07 -19.87 1.79
N VAL A 1534 22.13 -20.68 1.78
CA VAL A 1534 22.94 -20.83 0.56
C VAL A 1534 22.26 -21.71 -0.49
N GLU A 1535 20.99 -22.06 -0.32
CA GLU A 1535 20.31 -22.92 -1.26
C GLU A 1535 19.48 -22.11 -2.25
N LYS A 1536 19.64 -22.40 -3.54
CA LYS A 1536 18.99 -21.61 -4.57
C LYS A 1536 18.37 -22.53 -5.62
N GLU A 1537 17.68 -21.91 -6.58
CA GLU A 1537 17.04 -22.67 -7.65
C GLU A 1537 18.03 -22.96 -8.76
N GLY A 1538 18.01 -24.19 -9.25
CA GLY A 1538 18.92 -24.60 -10.30
C GLY A 1538 20.29 -25.01 -9.83
N GLN A 1539 20.47 -25.22 -8.52
CA GLN A 1539 21.75 -25.66 -8.01
C GLN A 1539 22.05 -27.07 -8.50
N SER A 1540 23.35 -27.35 -8.67
CA SER A 1540 23.76 -28.63 -9.20
C SER A 1540 23.50 -29.76 -8.21
N GLN A 1541 23.41 -30.97 -8.74
CA GLN A 1541 23.17 -32.15 -7.91
C GLN A 1541 24.29 -32.36 -6.90
N HIS A 1542 25.53 -32.02 -7.29
CA HIS A 1542 26.64 -32.12 -6.37
C HIS A 1542 26.44 -31.21 -5.17
N MET A 1543 26.05 -29.96 -5.41
CA MET A 1543 25.79 -29.03 -4.32
C MET A 1543 24.62 -29.50 -3.47
N THR A 1544 23.59 -30.07 -4.12
CA THR A 1544 22.47 -30.60 -3.34
C THR A 1544 22.93 -31.69 -2.38
N GLU A 1545 23.77 -32.61 -2.86
CA GLU A 1545 24.22 -33.69 -2.00
C GLU A 1545 25.11 -33.18 -0.86
N VAL A 1546 26.04 -32.26 -1.17
CA VAL A 1546 26.89 -31.75 -0.10
C VAL A 1546 26.08 -30.98 0.91
N LEU A 1547 25.04 -30.26 0.49
CA LEU A 1547 24.18 -29.58 1.44
C LEU A 1547 23.41 -30.57 2.30
N TYR A 1548 22.97 -31.68 1.71
CA TYR A 1548 22.29 -32.71 2.50
C TYR A 1548 23.20 -33.25 3.59
N TRP A 1549 24.46 -33.52 3.25
CA TRP A 1549 25.35 -34.06 4.27
C TRP A 1549 25.72 -33.01 5.32
N ILE A 1550 25.89 -31.76 4.89
CA ILE A 1550 26.12 -30.69 5.85
C ILE A 1550 24.95 -30.57 6.83
N ASN A 1551 23.72 -30.78 6.36
CA ASN A 1551 22.58 -30.71 7.27
C ASN A 1551 22.52 -31.91 8.21
N VAL A 1552 22.84 -33.11 7.71
CA VAL A 1552 22.73 -34.28 8.57
C VAL A 1552 23.77 -34.21 9.69
N VAL A 1553 24.96 -33.68 9.39
CA VAL A 1553 25.95 -33.58 10.48
C VAL A 1553 25.49 -32.60 11.54
N PHE A 1554 24.80 -31.53 11.15
CA PHE A 1554 24.23 -30.61 12.14
C PHE A 1554 23.18 -31.31 12.98
N ILE A 1555 22.36 -32.16 12.35
CA ILE A 1555 21.37 -32.93 13.10
C ILE A 1555 22.05 -33.78 14.16
N ILE A 1556 23.13 -34.48 13.79
CA ILE A 1556 23.78 -35.33 14.78
C ILE A 1556 24.42 -34.48 15.88
N LEU A 1557 24.94 -33.30 15.56
CA LEU A 1557 25.53 -32.45 16.59
C LEU A 1557 24.50 -32.00 17.62
N PHE A 1558 23.34 -31.52 17.14
CA PHE A 1558 22.32 -31.07 18.08
C PHE A 1558 21.73 -32.23 18.88
N THR A 1559 21.53 -33.39 18.26
CA THR A 1559 21.07 -34.54 19.02
C THR A 1559 22.10 -34.94 20.08
N GLY A 1560 23.39 -34.84 19.75
CA GLY A 1560 24.42 -35.16 20.72
C GLY A 1560 24.42 -34.20 21.90
N GLU A 1561 24.24 -32.90 21.65
CA GLU A 1561 24.21 -31.96 22.76
C GLU A 1561 22.98 -32.17 23.63
N CYS A 1562 21.85 -32.51 23.02
CA CYS A 1562 20.65 -32.81 23.80
C CYS A 1562 20.86 -34.05 24.67
N VAL A 1563 21.49 -35.09 24.11
CA VAL A 1563 21.74 -36.30 24.88
C VAL A 1563 22.72 -36.03 26.01
N LEU A 1564 23.75 -35.22 25.75
CA LEU A 1564 24.67 -34.85 26.82
C LEU A 1564 23.96 -34.12 27.94
N LYS A 1565 23.10 -33.15 27.60
CA LYS A 1565 22.38 -32.42 28.64
C LYS A 1565 21.42 -33.33 29.40
N LEU A 1566 20.83 -34.32 28.71
CA LEU A 1566 19.96 -35.25 29.41
C LEU A 1566 20.74 -36.10 30.40
N ILE A 1567 21.83 -36.73 29.95
CA ILE A 1567 22.62 -37.58 30.83
C ILE A 1567 23.22 -36.77 31.97
N SER A 1568 23.47 -35.49 31.74
CA SER A 1568 23.97 -34.62 32.79
C SER A 1568 22.88 -34.26 33.81
N LEU A 1569 21.82 -33.61 33.36
CA LEU A 1569 20.82 -33.04 34.26
C LEU A 1569 19.78 -34.07 34.72
N ARG A 1570 19.89 -35.32 34.31
CA ARG A 1570 19.01 -36.36 34.83
C ARG A 1570 17.56 -35.98 34.49
N HIS A 1571 16.67 -36.02 35.48
CA HIS A 1571 15.28 -35.68 35.22
C HIS A 1571 15.03 -34.18 35.32
N TYR A 1572 16.03 -33.41 35.76
CA TYR A 1572 15.84 -31.98 35.93
C TYR A 1572 15.76 -31.24 34.61
N TYR A 1573 16.04 -31.91 33.50
CA TYR A 1573 16.12 -31.24 32.21
C TYR A 1573 14.78 -30.62 31.81
N PHE A 1574 13.69 -31.34 32.07
CA PHE A 1574 12.38 -30.94 31.56
C PHE A 1574 11.69 -29.89 32.42
N THR A 1575 12.37 -29.30 33.41
CA THR A 1575 11.76 -28.26 34.21
C THR A 1575 11.82 -26.91 33.53
N VAL A 1576 12.45 -26.82 32.35
CA VAL A 1576 12.66 -25.56 31.66
C VAL A 1576 11.92 -25.58 30.33
N GLY A 1577 11.19 -24.50 30.06
CA GLY A 1577 10.46 -24.40 28.81
C GLY A 1577 11.37 -24.44 27.59
N TRP A 1578 12.49 -23.73 27.67
CA TRP A 1578 13.42 -23.75 26.54
C TRP A 1578 14.03 -25.13 26.35
N ASN A 1579 14.30 -25.85 27.44
CA ASN A 1579 14.83 -27.20 27.31
C ASN A 1579 13.82 -28.13 26.65
N ILE A 1580 12.54 -28.09 27.04
CA ILE A 1580 11.65 -29.05 26.33
C ILE A 1580 11.43 -28.55 24.90
N PHE A 1581 11.45 -27.23 24.65
CA PHE A 1581 11.37 -26.79 23.27
C PHE A 1581 12.50 -27.37 22.43
N ASP A 1582 13.72 -27.35 22.98
CA ASP A 1582 14.86 -27.92 22.27
C ASP A 1582 14.67 -29.41 22.04
N PHE A 1583 14.17 -30.12 23.05
CA PHE A 1583 13.91 -31.56 22.91
C PHE A 1583 12.89 -31.82 21.80
N VAL A 1584 11.80 -31.06 21.80
CA VAL A 1584 10.79 -31.22 20.76
C VAL A 1584 11.37 -30.94 19.38
N VAL A 1585 12.19 -29.88 19.27
CA VAL A 1585 12.79 -29.53 17.98
C VAL A 1585 13.69 -30.66 17.50
N VAL A 1586 14.46 -31.25 18.41
CA VAL A 1586 15.35 -32.35 18.02
C VAL A 1586 14.56 -33.51 17.45
N ILE A 1587 13.51 -33.95 18.18
CA ILE A 1587 12.78 -35.12 17.71
C ILE A 1587 12.05 -34.83 16.40
N ILE A 1588 11.48 -33.64 16.27
CA ILE A 1588 10.75 -33.35 15.03
C ILE A 1588 11.72 -33.23 13.86
N SER A 1589 12.94 -32.71 14.09
CA SER A 1589 13.92 -32.65 13.00
C SER A 1589 14.28 -34.04 12.53
N ILE A 1590 14.54 -34.97 13.46
CA ILE A 1590 14.88 -36.33 13.06
C ILE A 1590 13.74 -36.96 12.27
N VAL A 1591 12.52 -36.86 12.81
CA VAL A 1591 11.36 -37.47 12.17
C VAL A 1591 11.13 -36.87 10.79
N GLY A 1592 11.27 -35.55 10.67
CA GLY A 1592 11.07 -34.90 9.41
C GLY A 1592 12.10 -35.29 8.37
N MET A 1593 13.36 -35.44 8.77
CA MET A 1593 14.37 -35.89 7.83
C MET A 1593 14.02 -37.28 7.30
N PHE A 1594 13.67 -38.20 8.19
CA PHE A 1594 13.30 -39.55 7.76
C PHE A 1594 12.10 -39.52 6.83
N LEU A 1595 11.07 -38.74 7.19
CA LEU A 1595 9.85 -38.73 6.40
C LEU A 1595 10.06 -38.11 5.03
N ALA A 1596 10.85 -37.04 4.96
CA ALA A 1596 11.15 -36.43 3.67
C ALA A 1596 11.90 -37.41 2.77
N ASP A 1597 12.89 -38.10 3.35
CA ASP A 1597 13.60 -39.10 2.55
C ASP A 1597 12.67 -40.20 2.07
N LEU A 1598 11.71 -40.60 2.91
CA LEU A 1598 10.74 -41.61 2.49
C LEU A 1598 9.85 -41.09 1.36
N ILE A 1599 9.39 -39.85 1.45
CA ILE A 1599 8.40 -39.30 0.53
C ILE A 1599 9.09 -38.86 -0.76
N GLU A 1600 10.42 -38.89 -0.79
CA GLU A 1600 11.12 -38.77 -2.06
C GLU A 1600 11.81 -40.04 -2.53
N THR A 1601 11.56 -41.19 -1.90
CA THR A 1601 12.14 -42.45 -2.35
C THR A 1601 11.09 -43.50 -2.71
N TYR A 1602 10.12 -43.75 -1.83
CA TYR A 1602 9.08 -44.73 -2.08
C TYR A 1602 7.74 -44.13 -2.46
N PHE A 1603 7.69 -42.85 -2.79
CA PHE A 1603 6.44 -42.15 -3.02
C PHE A 1603 6.83 -40.85 -3.72
N VAL A 1604 6.00 -40.40 -4.66
CA VAL A 1604 6.21 -39.13 -5.35
C VAL A 1604 5.13 -38.16 -4.89
N SER A 1605 5.55 -37.13 -4.15
CA SER A 1605 4.63 -36.09 -3.68
C SER A 1605 5.45 -34.85 -3.38
N PRO A 1606 5.76 -34.05 -4.40
CA PRO A 1606 6.63 -32.88 -4.18
C PRO A 1606 6.06 -31.86 -3.20
N THR A 1607 4.75 -31.62 -3.22
CA THR A 1607 4.20 -30.64 -2.29
C THR A 1607 4.34 -31.10 -0.85
N LEU A 1608 4.05 -32.37 -0.58
CA LEU A 1608 4.22 -32.89 0.76
C LEU A 1608 5.68 -32.87 1.17
N PHE A 1609 6.59 -33.18 0.25
CA PHE A 1609 8.02 -33.09 0.55
C PHE A 1609 8.42 -31.68 0.93
N ARG A 1610 7.97 -30.69 0.16
CA ARG A 1610 8.31 -29.29 0.45
C ARG A 1610 7.74 -28.85 1.79
N VAL A 1611 6.52 -29.28 2.10
CA VAL A 1611 5.91 -28.89 3.37
C VAL A 1611 6.65 -29.55 4.53
N ILE A 1612 6.97 -30.84 4.41
CA ILE A 1612 7.62 -31.56 5.50
C ILE A 1612 9.03 -31.04 5.74
N ARG A 1613 9.71 -30.57 4.69
CA ARG A 1613 11.04 -30.00 4.91
C ARG A 1613 11.02 -28.69 5.68
N LEU A 1614 9.85 -28.20 6.11
CA LEU A 1614 9.82 -26.98 6.92
C LEU A 1614 10.17 -27.25 8.37
N ALA A 1615 10.37 -28.52 8.75
CA ALA A 1615 10.75 -28.83 10.12
C ALA A 1615 12.16 -28.37 10.44
N ARG A 1616 12.93 -27.96 9.43
CA ARG A 1616 14.29 -27.49 9.67
C ARG A 1616 14.30 -26.10 10.29
N ILE A 1617 13.19 -25.37 10.19
CA ILE A 1617 13.14 -24.01 10.73
C ILE A 1617 13.15 -24.03 12.25
N GLY A 1618 12.80 -25.17 12.84
CA GLY A 1618 12.89 -25.29 14.29
C GLY A 1618 14.30 -25.15 14.80
N ARG A 1619 15.29 -25.59 14.03
CA ARG A 1619 16.67 -25.49 14.46
C ARG A 1619 17.13 -24.04 14.54
N ILE A 1620 16.56 -23.16 13.71
CA ILE A 1620 16.96 -21.76 13.71
C ILE A 1620 16.03 -20.87 14.50
N LEU A 1621 14.85 -21.38 14.90
CA LEU A 1621 14.01 -20.61 15.81
C LEU A 1621 14.60 -20.54 17.20
N ARG A 1622 15.68 -21.28 17.46
CA ARG A 1622 16.25 -21.34 18.81
C ARG A 1622 17.15 -20.15 19.11
N LEU A 1623 17.38 -19.26 18.14
CA LEU A 1623 18.20 -18.08 18.40
C LEU A 1623 17.52 -17.13 19.36
N VAL A 1624 16.20 -17.24 19.51
CA VAL A 1624 15.48 -16.38 20.45
C VAL A 1624 15.92 -16.64 21.88
N LYS A 1625 16.38 -17.86 22.17
CA LYS A 1625 16.69 -18.24 23.54
C LYS A 1625 17.74 -17.33 24.17
N GLY A 1626 18.73 -16.91 23.38
CA GLY A 1626 19.81 -16.10 23.89
C GLY A 1626 19.80 -14.64 23.49
N ALA A 1627 18.67 -14.11 23.03
CA ALA A 1627 18.57 -12.71 22.62
C ALA A 1627 17.50 -12.03 23.48
N LYS A 1628 17.95 -11.38 24.56
CA LYS A 1628 17.02 -10.74 25.48
C LYS A 1628 16.30 -9.57 24.83
N GLY A 1629 16.91 -8.98 23.81
CA GLY A 1629 16.28 -7.83 23.15
C GLY A 1629 15.01 -8.18 22.43
N ILE A 1630 15.00 -9.30 21.70
CA ILE A 1630 13.83 -9.68 20.94
C ILE A 1630 12.91 -10.61 21.74
N ARG A 1631 13.43 -11.23 22.80
CA ARG A 1631 12.62 -12.11 23.62
C ARG A 1631 11.51 -11.33 24.32
N THR A 1632 11.80 -10.11 24.75
CA THR A 1632 10.78 -9.30 25.40
C THR A 1632 9.70 -8.85 24.40
N LEU A 1633 10.08 -8.60 23.14
CA LEU A 1633 9.09 -8.24 22.14
C LEU A 1633 8.19 -9.43 21.80
N LEU A 1634 8.77 -10.62 21.71
CA LEU A 1634 7.94 -11.80 21.52
C LEU A 1634 7.05 -12.06 22.73
N PHE A 1635 7.52 -11.75 23.93
CA PHE A 1635 6.66 -11.81 25.11
C PHE A 1635 5.51 -10.83 25.02
N ALA A 1636 5.76 -9.64 24.47
CA ALA A 1636 4.67 -8.70 24.24
C ALA A 1636 3.63 -9.27 23.28
N LEU A 1637 4.08 -9.92 22.20
CA LEU A 1637 3.13 -10.55 21.29
C LEU A 1637 2.33 -11.65 21.98
N MET A 1638 3.02 -12.47 22.79
CA MET A 1638 2.32 -13.52 23.52
C MET A 1638 1.30 -12.95 24.48
N MET A 1639 1.65 -11.82 25.12
CA MET A 1639 0.70 -11.15 26.00
C MET A 1639 -0.50 -10.63 25.24
N SER A 1640 -0.28 -10.13 24.02
CA SER A 1640 -1.35 -9.52 23.25
C SER A 1640 -2.25 -10.54 22.55
N LEU A 1641 -1.82 -11.79 22.45
CA LEU A 1641 -2.63 -12.78 21.73
C LEU A 1641 -4.10 -12.87 22.17
N PRO A 1642 -4.43 -12.89 23.46
CA PRO A 1642 -5.85 -13.08 23.84
C PRO A 1642 -6.80 -12.06 23.23
N ALA A 1643 -6.43 -10.78 23.18
CA ALA A 1643 -7.33 -9.77 22.62
C ALA A 1643 -7.36 -9.86 21.10
N LEU A 1644 -6.22 -10.18 20.49
CA LEU A 1644 -6.18 -10.33 19.05
C LEU A 1644 -7.06 -11.49 18.59
N PHE A 1645 -7.20 -12.52 19.44
CA PHE A 1645 -8.12 -13.61 19.09
C PHE A 1645 -9.55 -13.12 18.95
N ASN A 1646 -10.03 -12.33 19.92
CA ASN A 1646 -11.39 -11.81 19.85
C ASN A 1646 -11.56 -10.89 18.65
N ILE A 1647 -10.58 -10.02 18.41
CA ILE A 1647 -10.67 -9.10 17.27
C ILE A 1647 -10.70 -9.88 15.96
N GLY A 1648 -9.87 -10.91 15.84
CA GLY A 1648 -9.86 -11.71 14.63
C GLY A 1648 -11.15 -12.49 14.43
N LEU A 1649 -11.74 -12.98 15.53
CA LEU A 1649 -13.02 -13.66 15.43
C LEU A 1649 -14.11 -12.74 14.87
N LEU A 1650 -14.18 -11.52 15.41
CA LEU A 1650 -15.15 -10.56 14.89
C LEU A 1650 -14.88 -10.23 13.43
N LEU A 1651 -13.61 -10.04 13.07
CA LEU A 1651 -13.27 -9.73 11.69
C LEU A 1651 -13.65 -10.87 10.76
N PHE A 1652 -13.45 -12.12 11.19
CA PHE A 1652 -13.81 -13.26 10.36
C PHE A 1652 -15.32 -13.33 10.16
N LEU A 1653 -16.11 -13.07 11.20
CA LEU A 1653 -17.56 -13.08 11.01
C LEU A 1653 -18.01 -11.99 10.04
N VAL A 1654 -17.43 -10.79 10.16
CA VAL A 1654 -17.78 -9.71 9.24
C VAL A 1654 -17.40 -10.10 7.80
N MET A 1655 -16.22 -10.70 7.63
CA MET A 1655 -15.78 -11.12 6.31
C MET A 1655 -16.69 -12.20 5.74
N PHE A 1656 -17.18 -13.11 6.59
CA PHE A 1656 -18.12 -14.13 6.14
C PHE A 1656 -19.41 -13.50 5.62
N ILE A 1657 -19.94 -12.53 6.37
CA ILE A 1657 -21.18 -11.88 5.93
C ILE A 1657 -20.97 -11.18 4.60
N TYR A 1658 -19.87 -10.44 4.47
CA TYR A 1658 -19.62 -9.75 3.22
C TYR A 1658 -19.38 -10.71 2.07
N ALA A 1659 -18.78 -11.86 2.34
CA ALA A 1659 -18.56 -12.86 1.29
C ALA A 1659 -19.88 -13.40 0.79
N ILE A 1660 -20.82 -13.67 1.71
CA ILE A 1660 -22.12 -14.17 1.28
C ILE A 1660 -22.84 -13.12 0.43
N PHE A 1661 -22.78 -11.86 0.85
CA PHE A 1661 -23.39 -10.80 0.05
C PHE A 1661 -22.74 -10.69 -1.33
N GLY A 1662 -21.42 -10.80 -1.39
CA GLY A 1662 -20.74 -10.74 -2.67
C GLY A 1662 -21.14 -11.87 -3.59
N MET A 1663 -21.19 -13.09 -3.06
CA MET A 1663 -21.64 -14.22 -3.86
C MET A 1663 -23.04 -14.00 -4.38
N SER A 1664 -23.93 -13.48 -3.54
CA SER A 1664 -25.30 -13.23 -3.98
C SER A 1664 -25.37 -12.20 -5.09
N ASN A 1665 -24.57 -11.13 -4.99
CA ASN A 1665 -24.69 -10.04 -5.95
C ASN A 1665 -23.73 -10.14 -7.13
N PHE A 1666 -22.43 -9.98 -6.87
CA PHE A 1666 -21.45 -9.77 -7.93
C PHE A 1666 -20.93 -11.07 -8.52
N ALA A 1667 -21.77 -12.10 -8.63
CA ALA A 1667 -21.30 -13.36 -9.16
C ALA A 1667 -21.25 -13.41 -10.67
N TYR A 1668 -21.92 -12.49 -11.37
CA TYR A 1668 -22.01 -12.52 -12.81
C TYR A 1668 -21.49 -11.27 -13.51
N VAL A 1669 -20.72 -10.43 -12.83
CA VAL A 1669 -20.22 -9.22 -13.47
C VAL A 1669 -19.15 -9.59 -14.50
N LYS A 1670 -18.81 -8.64 -15.34
CA LYS A 1670 -17.90 -8.89 -16.45
C LYS A 1670 -16.46 -9.01 -15.95
N LYS A 1671 -15.74 -9.99 -16.47
CA LYS A 1671 -14.34 -10.19 -16.09
C LYS A 1671 -13.50 -9.02 -16.59
N GLU A 1672 -13.22 -8.07 -15.70
CA GLU A 1672 -12.43 -6.91 -16.06
C GLU A 1672 -11.52 -6.56 -14.89
N ASP A 1673 -10.43 -5.86 -15.21
CA ASP A 1673 -9.53 -5.31 -14.21
C ASP A 1673 -9.11 -6.33 -13.16
N GLY A 1674 -9.64 -6.18 -11.94
CA GLY A 1674 -9.32 -7.08 -10.85
C GLY A 1674 -10.21 -8.28 -10.71
N ILE A 1675 -11.28 -8.36 -11.49
CA ILE A 1675 -12.16 -9.52 -11.51
C ILE A 1675 -11.71 -10.41 -12.67
N ASN A 1676 -11.05 -11.51 -12.35
CA ASN A 1676 -10.57 -12.39 -13.41
C ASN A 1676 -11.04 -13.83 -13.17
N ASP A 1677 -10.41 -14.79 -13.85
CA ASP A 1677 -10.87 -16.17 -13.76
C ASP A 1677 -10.63 -16.79 -12.40
N MET A 1678 -9.67 -16.27 -11.63
CA MET A 1678 -9.28 -16.85 -10.36
C MET A 1678 -9.63 -15.99 -9.15
N PHE A 1679 -9.88 -14.69 -9.34
CA PHE A 1679 -10.20 -13.78 -8.24
C PHE A 1679 -11.53 -13.11 -8.56
N ASN A 1680 -12.62 -13.75 -8.19
CA ASN A 1680 -13.96 -13.26 -8.48
C ASN A 1680 -14.83 -13.53 -7.27
N PHE A 1681 -16.15 -13.39 -7.46
CA PHE A 1681 -17.14 -13.68 -6.43
C PHE A 1681 -18.06 -14.83 -6.83
N GLU A 1682 -17.54 -15.82 -7.53
CA GLU A 1682 -18.36 -16.94 -7.99
C GLU A 1682 -18.38 -18.11 -7.03
N THR A 1683 -17.68 -18.01 -5.90
CA THR A 1683 -17.53 -19.13 -4.99
C THR A 1683 -17.14 -18.56 -3.64
N PHE A 1684 -17.41 -19.32 -2.58
CA PHE A 1684 -17.05 -18.87 -1.24
C PHE A 1684 -15.55 -18.69 -1.11
N GLY A 1685 -14.77 -19.60 -1.67
CA GLY A 1685 -13.32 -19.47 -1.60
C GLY A 1685 -12.81 -18.24 -2.31
N ASN A 1686 -13.29 -18.00 -3.53
CA ASN A 1686 -12.87 -16.81 -4.28
C ASN A 1686 -13.29 -15.54 -3.56
N SER A 1687 -14.50 -15.52 -3.01
CA SER A 1687 -14.97 -14.34 -2.29
C SER A 1687 -14.11 -14.07 -1.07
N MET A 1688 -13.79 -15.12 -0.30
CA MET A 1688 -12.94 -14.92 0.87
C MET A 1688 -11.54 -14.47 0.49
N ILE A 1689 -10.99 -14.99 -0.61
CA ILE A 1689 -9.69 -14.54 -1.07
C ILE A 1689 -9.72 -13.05 -1.41
N CYS A 1690 -10.74 -12.62 -2.16
CA CYS A 1690 -10.84 -11.21 -2.52
C CYS A 1690 -11.01 -10.32 -1.30
N LEU A 1691 -11.85 -10.75 -0.35
CA LEU A 1691 -12.09 -9.94 0.83
C LEU A 1691 -10.85 -9.87 1.72
N PHE A 1692 -10.09 -10.96 1.84
CA PHE A 1692 -8.84 -10.88 2.58
C PHE A 1692 -7.86 -9.96 1.86
N GLN A 1693 -7.86 -9.98 0.53
CA GLN A 1693 -6.98 -9.08 -0.22
C GLN A 1693 -7.31 -7.62 0.09
N ILE A 1694 -8.59 -7.26 0.13
CA ILE A 1694 -8.95 -5.86 0.35
C ILE A 1694 -9.18 -5.52 1.80
N THR A 1695 -9.00 -6.45 2.72
CA THR A 1695 -8.97 -6.09 4.14
C THR A 1695 -7.83 -5.13 4.43
N THR A 1696 -6.66 -5.37 3.85
CA THR A 1696 -5.54 -4.44 3.96
C THR A 1696 -5.69 -3.25 3.03
N SER A 1697 -6.87 -3.05 2.43
CA SER A 1697 -7.12 -1.95 1.51
C SER A 1697 -6.21 -2.00 0.30
N ALA A 1698 -6.17 -3.14 -0.38
CA ALA A 1698 -5.35 -3.33 -1.56
C ALA A 1698 -6.19 -3.88 -2.69
N GLY A 1699 -6.18 -3.18 -3.83
CA GLY A 1699 -6.91 -3.65 -4.98
C GLY A 1699 -8.40 -3.43 -4.96
N TRP A 1700 -8.91 -2.71 -3.96
CA TRP A 1700 -10.34 -2.45 -3.89
C TRP A 1700 -10.82 -1.61 -5.05
N ASP A 1701 -9.98 -0.72 -5.57
CA ASP A 1701 -10.33 0.00 -6.79
C ASP A 1701 -10.51 -0.95 -7.97
N GLY A 1702 -9.61 -1.92 -8.11
CA GLY A 1702 -9.69 -2.85 -9.23
C GLY A 1702 -10.84 -3.83 -9.09
N LEU A 1703 -11.28 -4.10 -7.86
CA LEU A 1703 -12.45 -4.94 -7.70
C LEU A 1703 -13.73 -4.14 -7.86
N LEU A 1704 -13.71 -2.86 -7.54
CA LEU A 1704 -14.90 -2.03 -7.71
C LEU A 1704 -15.13 -1.66 -9.16
N ALA A 1705 -14.06 -1.51 -9.93
CA ALA A 1705 -14.21 -1.01 -11.30
C ALA A 1705 -15.15 -1.84 -12.17
N PRO A 1706 -15.09 -3.19 -12.21
CA PRO A 1706 -16.03 -3.92 -13.05
C PRO A 1706 -17.48 -3.78 -12.62
N ILE A 1707 -17.74 -3.36 -11.39
CA ILE A 1707 -19.09 -3.26 -10.89
C ILE A 1707 -19.76 -1.94 -11.24
N LEU A 1708 -18.98 -0.89 -11.49
CA LEU A 1708 -19.56 0.39 -11.89
C LEU A 1708 -20.18 0.36 -13.28
N ASN A 1709 -19.94 -0.71 -14.06
CA ASN A 1709 -20.61 -0.86 -15.35
C ASN A 1709 -22.11 -1.06 -15.13
N SER A 1710 -22.92 -0.46 -15.99
CA SER A 1710 -24.37 -0.57 -15.85
C SER A 1710 -25.14 -0.38 -17.13
N LYS A 1711 -24.57 0.23 -18.17
CA LYS A 1711 -25.27 0.47 -19.42
C LYS A 1711 -24.35 0.12 -20.57
N PRO A 1712 -24.89 -0.27 -21.72
CA PRO A 1712 -24.05 -0.59 -22.86
C PRO A 1712 -23.35 0.65 -23.38
N PRO A 1713 -22.20 0.49 -24.05
CA PRO A 1713 -21.53 -0.77 -24.41
C PRO A 1713 -20.62 -1.31 -23.31
N ASP A 1714 -20.70 -0.76 -22.10
CA ASP A 1714 -19.88 -1.28 -21.01
C ASP A 1714 -20.26 -2.70 -20.63
N CYS A 1715 -21.56 -2.99 -20.58
CA CYS A 1715 -22.04 -4.32 -20.20
C CYS A 1715 -23.15 -4.74 -21.14
N ASP A 1716 -23.54 -6.00 -21.04
CA ASP A 1716 -24.63 -6.55 -21.82
C ASP A 1716 -25.77 -6.94 -20.90
N PRO A 1717 -26.84 -6.16 -20.81
CA PRO A 1717 -27.92 -6.47 -19.85
C PRO A 1717 -28.68 -7.75 -20.17
N LYS A 1718 -28.53 -8.32 -21.36
CA LYS A 1718 -29.27 -9.52 -21.75
C LYS A 1718 -28.36 -10.69 -22.09
N LYS A 1719 -27.17 -10.75 -21.51
CA LYS A 1719 -26.27 -11.85 -21.76
C LYS A 1719 -26.84 -13.14 -21.18
N VAL A 1720 -26.68 -14.24 -21.92
CA VAL A 1720 -27.15 -15.54 -21.49
C VAL A 1720 -25.96 -16.34 -20.96
N HIS A 1721 -26.08 -16.82 -19.72
CA HIS A 1721 -25.02 -17.58 -19.10
C HIS A 1721 -25.31 -19.06 -19.23
N PRO A 1722 -24.45 -19.84 -19.87
CA PRO A 1722 -24.72 -21.28 -20.00
C PRO A 1722 -24.85 -21.94 -18.64
N GLY A 1723 -25.83 -22.84 -18.54
CA GLY A 1723 -26.02 -23.58 -17.30
C GLY A 1723 -26.67 -22.81 -16.18
N SER A 1724 -27.24 -21.64 -16.46
CA SER A 1724 -27.90 -20.87 -15.42
C SER A 1724 -28.99 -20.01 -16.05
N SER A 1725 -29.93 -19.57 -15.21
CA SER A 1725 -31.07 -18.78 -15.67
C SER A 1725 -30.87 -17.28 -15.46
N VAL A 1726 -29.73 -16.85 -14.92
CA VAL A 1726 -29.47 -15.43 -14.72
C VAL A 1726 -29.10 -14.80 -16.06
N GLU A 1727 -29.53 -13.56 -16.25
CA GLU A 1727 -29.30 -12.86 -17.50
C GLU A 1727 -28.61 -11.53 -17.24
N GLY A 1728 -27.59 -11.25 -18.01
CA GLY A 1728 -26.90 -9.97 -17.95
C GLY A 1728 -25.62 -10.06 -17.15
N ASP A 1729 -24.64 -9.25 -17.56
CA ASP A 1729 -23.38 -9.12 -16.84
C ASP A 1729 -23.14 -7.71 -16.34
N CYS A 1730 -24.20 -6.95 -16.08
CA CYS A 1730 -24.05 -5.59 -15.59
C CYS A 1730 -23.94 -5.58 -14.08
N GLY A 1731 -23.28 -4.54 -13.56
CA GLY A 1731 -23.16 -4.35 -12.13
C GLY A 1731 -24.14 -3.33 -11.62
N ASN A 1732 -24.20 -3.23 -10.29
CA ASN A 1732 -25.06 -2.26 -9.61
C ASN A 1732 -24.17 -1.22 -8.94
N PRO A 1733 -24.06 -0.01 -9.50
CA PRO A 1733 -23.09 0.95 -8.97
C PRO A 1733 -23.32 1.31 -7.51
N SER A 1734 -24.56 1.58 -7.11
CA SER A 1734 -24.81 2.01 -5.74
C SER A 1734 -24.48 0.91 -4.74
N VAL A 1735 -24.93 -0.32 -5.01
CA VAL A 1735 -24.64 -1.42 -4.11
C VAL A 1735 -23.15 -1.69 -4.05
N GLY A 1736 -22.46 -1.63 -5.19
CA GLY A 1736 -21.03 -1.85 -5.19
C GLY A 1736 -20.28 -0.82 -4.38
N ILE A 1737 -20.63 0.46 -4.58
CA ILE A 1737 -19.95 1.53 -3.85
C ILE A 1737 -20.17 1.37 -2.36
N PHE A 1738 -21.43 1.15 -1.95
CA PHE A 1738 -21.71 0.98 -0.52
C PHE A 1738 -20.93 -0.21 0.05
N TYR A 1739 -20.96 -1.34 -0.67
CA TYR A 1739 -20.30 -2.56 -0.22
C TYR A 1739 -18.82 -2.30 0.04
N PHE A 1740 -18.12 -1.75 -0.95
CA PHE A 1740 -16.67 -1.66 -0.82
C PHE A 1740 -16.26 -0.57 0.15
N VAL A 1741 -16.94 0.59 0.12
CA VAL A 1741 -16.59 1.66 1.04
C VAL A 1741 -16.83 1.24 2.49
N SER A 1742 -17.99 0.65 2.77
CA SER A 1742 -18.27 0.24 4.14
C SER A 1742 -17.30 -0.84 4.60
N TYR A 1743 -16.90 -1.74 3.70
CA TYR A 1743 -15.97 -2.86 4.04
C TYR A 1743 -14.56 -2.31 4.30
N ILE A 1744 -14.11 -1.30 3.57
CA ILE A 1744 -12.76 -0.69 3.76
C ILE A 1744 -12.83 0.31 4.92
N ILE A 1745 -14.02 0.72 5.34
CA ILE A 1745 -14.21 1.60 6.53
C ILE A 1745 -14.14 0.69 7.76
N ILE A 1746 -14.78 -0.48 7.70
CA ILE A 1746 -14.79 -1.47 8.81
C ILE A 1746 -13.34 -1.88 9.08
N SER A 1747 -12.58 -2.20 8.03
CA SER A 1747 -11.17 -2.65 8.15
C SER A 1747 -10.30 -1.54 8.72
N PHE A 1748 -10.55 -0.28 8.35
CA PHE A 1748 -9.74 0.88 8.82
C PHE A 1748 -9.88 1.03 10.34
N LEU A 1749 -11.08 0.82 10.89
CA LEU A 1749 -11.35 1.04 12.34
C LEU A 1749 -11.13 -0.24 13.14
N VAL A 1750 -10.95 -1.40 12.49
CA VAL A 1750 -10.83 -2.72 13.19
C VAL A 1750 -9.39 -3.24 13.05
N VAL A 1751 -8.92 -3.55 11.84
CA VAL A 1751 -7.59 -4.19 11.64
C VAL A 1751 -6.47 -3.20 11.97
N VAL A 1752 -6.77 -1.92 12.17
CA VAL A 1752 -5.74 -0.87 12.43
C VAL A 1752 -6.00 -0.13 13.75
N ASN A 1753 -7.24 0.26 14.04
CA ASN A 1753 -7.55 1.06 15.25
C ASN A 1753 -7.59 0.16 16.49
N MET A 1754 -8.12 -1.06 16.38
CA MET A 1754 -8.17 -2.03 17.49
C MET A 1754 -6.81 -2.73 17.61
N TYR A 1755 -6.12 -2.97 16.49
CA TYR A 1755 -4.79 -3.63 16.49
C TYR A 1755 -3.77 -2.74 17.20
N ILE A 1756 -3.66 -1.46 16.79
CA ILE A 1756 -2.63 -0.56 17.40
C ILE A 1756 -2.82 -0.51 18.92
N ALA A 1757 -4.05 -0.27 19.39
CA ALA A 1757 -4.28 -0.10 20.85
C ALA A 1757 -3.78 -1.32 21.64
N VAL A 1758 -4.23 -2.52 21.27
CA VAL A 1758 -3.85 -3.74 22.04
C VAL A 1758 -2.32 -3.84 22.09
N ILE A 1759 -1.65 -3.69 20.94
CA ILE A 1759 -0.17 -3.84 20.87
C ILE A 1759 0.46 -2.77 21.74
N LEU A 1760 0.09 -1.52 21.63
CA LEU A 1760 0.64 -0.45 22.49
C LEU A 1760 0.51 -0.82 23.97
N GLU A 1761 -0.69 -1.08 24.48
CA GLU A 1761 -0.76 -1.34 25.93
C GLU A 1761 0.17 -2.49 26.31
N ASN A 1762 0.14 -3.59 25.55
CA ASN A 1762 0.91 -4.78 26.01
C ASN A 1762 2.40 -4.55 25.88
N PHE A 1763 2.88 -3.79 24.91
CA PHE A 1763 4.32 -3.43 24.80
C PHE A 1763 4.67 -2.64 26.04
N SER A 1764 3.89 -1.63 26.41
CA SER A 1764 4.13 -0.81 27.62
C SER A 1764 4.24 -1.75 28.84
N VAL A 1765 3.47 -2.83 28.87
CA VAL A 1765 3.47 -3.80 30.01
C VAL A 1765 4.74 -4.65 29.99
N ALA A 1766 5.15 -5.15 28.81
CA ALA A 1766 6.32 -6.06 28.68
C ALA A 1766 7.62 -5.29 28.90
N THR A 1767 7.69 -4.01 28.52
CA THR A 1767 8.93 -3.18 28.62
C THR A 1767 9.11 -2.67 30.05
N GLU A 1768 8.01 -2.44 30.77
CA GLU A 1768 8.11 -2.05 32.19
C GLU A 1768 9.22 -2.85 32.84
N GLY B 20 -20.61 -17.36 -15.00
CA GLY B 20 -20.19 -17.69 -16.35
C GLY B 20 -20.75 -18.99 -16.87
N CYS B 21 -19.90 -19.78 -17.51
CA CYS B 21 -20.33 -21.05 -18.09
C CYS B 21 -20.14 -22.17 -17.10
N VAL B 22 -21.23 -22.83 -16.72
CA VAL B 22 -21.21 -23.95 -15.78
C VAL B 22 -21.75 -25.17 -16.50
N GLU B 23 -20.98 -26.26 -16.49
CA GLU B 23 -21.32 -27.46 -17.25
C GLU B 23 -22.33 -28.28 -16.46
N VAL B 24 -23.60 -27.89 -16.57
CA VAL B 24 -24.67 -28.64 -15.96
C VAL B 24 -24.97 -29.87 -16.82
N ASP B 25 -25.20 -31.00 -16.17
CA ASP B 25 -25.56 -32.21 -16.89
C ASP B 25 -27.04 -32.19 -17.28
N SER B 26 -27.37 -32.98 -18.28
CA SER B 26 -28.74 -33.09 -18.72
C SER B 26 -29.54 -34.00 -17.80
N GLU B 27 -30.86 -33.89 -17.86
CA GLU B 27 -31.71 -34.84 -17.17
C GLU B 27 -31.71 -36.16 -17.93
N THR B 28 -32.45 -37.13 -17.38
CA THR B 28 -32.45 -38.48 -17.92
C THR B 28 -33.84 -39.10 -18.00
N GLU B 29 -34.89 -38.30 -18.04
CA GLU B 29 -36.24 -38.85 -18.04
C GLU B 29 -37.19 -37.86 -18.68
N ALA B 30 -37.81 -38.27 -19.78
CA ALA B 30 -38.78 -37.47 -20.50
C ALA B 30 -40.13 -38.13 -20.44
N VAL B 31 -41.18 -37.34 -20.24
CA VAL B 31 -42.53 -37.85 -20.16
C VAL B 31 -43.15 -37.83 -21.56
N TYR B 32 -43.89 -38.88 -21.89
CA TYR B 32 -44.44 -39.03 -23.23
C TYR B 32 -45.42 -37.89 -23.52
N GLY B 33 -45.36 -37.39 -24.75
CA GLY B 33 -46.31 -36.41 -25.23
C GLY B 33 -45.99 -34.98 -24.87
N MET B 34 -44.96 -34.74 -24.07
CA MET B 34 -44.60 -33.40 -23.66
C MET B 34 -43.31 -32.97 -24.34
N THR B 35 -42.76 -31.84 -23.90
CA THR B 35 -41.53 -31.32 -24.46
C THR B 35 -40.36 -31.62 -23.55
N PHE B 36 -39.17 -31.78 -24.14
CA PHE B 36 -37.99 -32.10 -23.36
C PHE B 36 -36.79 -31.36 -23.96
N LYS B 37 -35.79 -31.11 -23.13
CA LYS B 37 -34.59 -30.40 -23.55
C LYS B 37 -33.37 -31.21 -23.15
N ILE B 38 -32.51 -31.50 -24.13
CA ILE B 38 -31.29 -32.27 -23.88
C ILE B 38 -30.14 -31.29 -23.76
N LEU B 39 -29.50 -31.26 -22.60
CA LEU B 39 -28.43 -30.30 -22.34
C LEU B 39 -27.08 -30.86 -22.75
N CYS B 40 -26.32 -30.07 -23.51
CA CYS B 40 -24.93 -30.37 -23.81
C CYS B 40 -24.16 -29.06 -23.72
N ILE B 41 -23.57 -28.80 -22.56
CA ILE B 41 -22.81 -27.58 -22.31
C ILE B 41 -21.33 -27.93 -22.27
N SER B 42 -20.53 -27.21 -23.04
CA SER B 42 -19.09 -27.40 -23.08
C SER B 42 -18.43 -26.04 -23.00
N CYS B 43 -17.79 -25.75 -21.88
CA CYS B 43 -17.10 -24.47 -21.69
C CYS B 43 -15.63 -24.60 -22.01
N LYS B 44 -15.02 -23.47 -22.35
CA LYS B 44 -13.59 -23.44 -22.62
C LYS B 44 -12.80 -23.47 -21.32
N ARG B 45 -11.51 -23.83 -21.44
CA ARG B 45 -10.64 -23.77 -20.28
C ARG B 45 -10.40 -22.33 -19.83
N ARG B 46 -10.29 -21.41 -20.77
CA ARG B 46 -10.19 -19.99 -20.48
C ARG B 46 -11.29 -19.26 -21.23
N SER B 47 -11.96 -18.33 -20.55
CA SER B 47 -13.17 -17.75 -21.14
C SER B 47 -12.86 -16.60 -22.08
N GLU B 48 -11.61 -16.17 -22.18
CA GLU B 48 -11.28 -15.04 -23.04
C GLU B 48 -10.75 -15.46 -24.40
N THR B 49 -10.70 -16.75 -24.69
CA THR B 49 -10.16 -17.23 -25.95
C THR B 49 -11.23 -17.21 -27.03
N ASN B 50 -10.81 -17.04 -28.28
CA ASN B 50 -11.71 -17.03 -29.41
C ASN B 50 -11.81 -18.43 -30.01
N ALA B 51 -12.95 -18.73 -30.61
CA ALA B 51 -13.18 -20.06 -31.15
C ALA B 51 -14.30 -20.01 -32.18
N GLU B 52 -14.36 -21.06 -32.99
CA GLU B 52 -15.44 -21.27 -33.96
C GLU B 52 -15.91 -22.71 -33.83
N THR B 53 -17.11 -22.90 -33.32
CA THR B 53 -17.60 -24.21 -32.92
C THR B 53 -18.76 -24.64 -33.79
N PHE B 54 -18.82 -25.94 -34.08
CA PHE B 54 -19.98 -26.56 -34.70
C PHE B 54 -20.17 -27.93 -34.09
N THR B 55 -21.38 -28.46 -34.18
CA THR B 55 -21.70 -29.67 -33.44
C THR B 55 -22.48 -30.65 -34.31
N GLU B 56 -22.48 -31.91 -33.90
CA GLU B 56 -23.25 -32.97 -34.52
C GLU B 56 -23.79 -33.87 -33.42
N TRP B 57 -25.05 -34.26 -33.53
CA TRP B 57 -25.68 -35.14 -32.55
C TRP B 57 -25.97 -36.49 -33.15
N THR B 58 -25.59 -37.55 -32.43
CA THR B 58 -25.90 -38.91 -32.82
C THR B 58 -26.90 -39.49 -31.83
N PHE B 59 -27.35 -40.71 -32.09
CA PHE B 59 -28.44 -41.31 -31.34
C PHE B 59 -28.49 -42.81 -31.58
N ARG B 60 -28.48 -43.59 -30.48
CA ARG B 60 -28.57 -45.05 -30.55
C ARG B 60 -29.82 -45.49 -29.78
N GLN B 61 -30.89 -45.76 -30.52
CA GLN B 61 -32.17 -46.09 -29.92
C GLN B 61 -32.05 -47.34 -29.06
N LYS B 62 -32.80 -47.37 -27.96
CA LYS B 62 -32.76 -48.53 -27.08
C LYS B 62 -33.19 -49.77 -27.82
N GLY B 63 -32.31 -50.77 -27.87
CA GLY B 63 -32.51 -51.93 -28.70
C GLY B 63 -31.76 -51.91 -30.01
N THR B 64 -30.89 -50.92 -30.22
CA THR B 64 -30.13 -50.77 -31.44
C THR B 64 -28.66 -50.66 -31.07
N GLU B 65 -27.78 -51.10 -31.98
CA GLU B 65 -26.35 -51.17 -31.70
C GLU B 65 -25.53 -50.08 -32.37
N GLU B 66 -26.13 -49.20 -33.16
CA GLU B 66 -25.39 -48.23 -33.96
C GLU B 66 -25.84 -46.81 -33.60
N PHE B 67 -24.88 -45.90 -33.56
CA PHE B 67 -25.17 -44.47 -33.35
C PHE B 67 -25.39 -43.79 -34.69
N VAL B 68 -26.57 -43.22 -34.90
CA VAL B 68 -26.94 -42.61 -36.17
C VAL B 68 -26.98 -41.09 -35.99
N LYS B 69 -26.31 -40.38 -36.90
CA LYS B 69 -26.29 -38.93 -36.83
C LYS B 69 -27.67 -38.37 -37.17
N ILE B 70 -28.15 -37.44 -36.35
CA ILE B 70 -29.51 -36.94 -36.50
C ILE B 70 -29.53 -35.47 -36.94
N LEU B 71 -28.49 -34.71 -36.58
CA LEU B 71 -28.49 -33.30 -36.94
C LEU B 71 -27.07 -32.76 -36.85
N ARG B 72 -26.88 -31.58 -37.43
CA ARG B 72 -25.62 -30.87 -37.43
C ARG B 72 -25.88 -29.38 -37.48
N TYR B 73 -25.28 -28.64 -36.57
CA TYR B 73 -25.50 -27.20 -36.46
C TYR B 73 -24.19 -26.48 -36.69
N GLU B 74 -24.17 -25.59 -37.67
CA GLU B 74 -22.98 -24.81 -37.98
C GLU B 74 -23.40 -23.49 -38.60
N ASN B 75 -22.77 -22.41 -38.15
CA ASN B 75 -22.96 -21.09 -38.75
C ASN B 75 -24.42 -20.66 -38.71
N GLU B 76 -25.03 -20.81 -37.54
CA GLU B 76 -26.41 -20.39 -37.29
C GLU B 76 -27.40 -21.00 -38.28
N VAL B 77 -27.22 -22.26 -38.64
CA VAL B 77 -28.22 -22.95 -39.44
C VAL B 77 -28.24 -24.43 -39.09
N LEU B 78 -29.37 -24.92 -38.60
CA LEU B 78 -29.52 -26.30 -38.17
C LEU B 78 -29.90 -27.15 -39.38
N GLN B 79 -29.14 -28.22 -39.60
CA GLN B 79 -29.37 -29.14 -40.71
C GLN B 79 -29.80 -30.48 -40.13
N LEU B 80 -31.10 -30.72 -40.10
CA LEU B 80 -31.64 -31.98 -39.62
C LEU B 80 -31.53 -33.04 -40.69
N GLU B 81 -30.89 -34.15 -40.36
CA GLU B 81 -30.84 -35.28 -41.29
C GLU B 81 -32.22 -35.90 -41.42
N GLU B 82 -32.47 -36.51 -42.59
CA GLU B 82 -33.75 -37.13 -42.89
C GLU B 82 -33.92 -38.33 -41.96
N ASP B 83 -34.67 -38.10 -40.87
CA ASP B 83 -34.99 -39.13 -39.89
C ASP B 83 -36.45 -39.04 -39.54
N GLU B 84 -37.16 -40.16 -39.65
CA GLU B 84 -38.60 -40.17 -39.38
C GLU B 84 -38.87 -39.97 -37.89
N ARG B 85 -37.97 -40.43 -37.04
CA ARG B 85 -38.18 -40.30 -35.60
C ARG B 85 -38.08 -38.86 -35.14
N PHE B 86 -37.26 -38.05 -35.81
CA PHE B 86 -36.97 -36.70 -35.36
C PHE B 86 -37.42 -35.62 -36.31
N GLU B 87 -38.11 -35.98 -37.39
CA GLU B 87 -38.55 -34.98 -38.36
C GLU B 87 -39.65 -34.11 -37.78
N GLY B 88 -39.43 -32.79 -37.79
CA GLY B 88 -40.44 -31.86 -37.34
C GLY B 88 -40.66 -31.81 -35.85
N ARG B 89 -39.69 -32.26 -35.06
CA ARG B 89 -39.83 -32.25 -33.61
C ARG B 89 -38.65 -31.62 -32.88
N VAL B 90 -37.49 -31.48 -33.53
CA VAL B 90 -36.29 -30.99 -32.87
C VAL B 90 -36.01 -29.58 -33.35
N VAL B 91 -35.69 -28.69 -32.42
CA VAL B 91 -35.25 -27.34 -32.74
C VAL B 91 -33.98 -27.05 -31.95
N TRP B 92 -33.22 -26.08 -32.43
CA TRP B 92 -32.04 -25.65 -31.70
C TRP B 92 -32.46 -24.98 -30.41
N ASN B 93 -31.62 -25.10 -29.37
CA ASN B 93 -32.03 -24.55 -28.09
C ASN B 93 -30.80 -24.17 -27.27
N GLY B 94 -29.71 -23.79 -27.93
CA GLY B 94 -28.48 -23.51 -27.25
C GLY B 94 -28.02 -22.08 -27.40
N SER B 95 -26.71 -21.87 -27.44
CA SER B 95 -26.18 -20.51 -27.62
C SER B 95 -26.51 -20.01 -29.01
N ARG B 96 -26.97 -18.77 -29.08
CA ARG B 96 -27.57 -18.24 -30.29
C ARG B 96 -26.85 -16.98 -30.74
N GLY B 97 -26.69 -16.82 -32.05
CA GLY B 97 -26.17 -15.60 -32.62
C GLY B 97 -24.66 -15.50 -32.69
N THR B 98 -23.93 -16.55 -32.32
CA THR B 98 -22.48 -16.52 -32.37
C THR B 98 -21.97 -17.78 -33.04
N LYS B 99 -20.68 -17.74 -33.43
CA LYS B 99 -19.97 -18.93 -33.84
C LYS B 99 -19.18 -19.55 -32.69
N ASP B 100 -19.26 -18.97 -31.49
CA ASP B 100 -18.55 -19.48 -30.33
C ASP B 100 -19.54 -20.17 -29.40
N LEU B 101 -20.03 -21.32 -29.84
CA LEU B 101 -21.07 -22.04 -29.13
C LEU B 101 -20.49 -22.64 -27.86
N GLN B 102 -21.12 -22.36 -26.71
CA GLN B 102 -20.77 -23.01 -25.47
C GLN B 102 -21.92 -23.79 -24.86
N ASP B 103 -23.15 -23.53 -25.28
CA ASP B 103 -24.31 -24.31 -24.88
C ASP B 103 -24.92 -24.88 -26.15
N LEU B 104 -24.93 -26.21 -26.27
CA LEU B 104 -25.31 -26.87 -27.51
C LEU B 104 -26.55 -27.73 -27.34
N SER B 105 -27.57 -27.23 -26.64
CA SER B 105 -28.73 -28.04 -26.30
C SER B 105 -29.75 -28.05 -27.44
N ILE B 106 -30.41 -29.18 -27.60
CA ILE B 106 -31.53 -29.30 -28.54
C ILE B 106 -32.80 -29.56 -27.74
N PHE B 107 -33.94 -29.26 -28.34
CA PHE B 107 -35.21 -29.22 -27.65
C PHE B 107 -36.24 -30.02 -28.43
N ILE B 108 -36.60 -31.19 -27.92
CA ILE B 108 -37.60 -32.04 -28.55
C ILE B 108 -38.98 -31.49 -28.22
N THR B 109 -39.73 -31.09 -29.25
CA THR B 109 -41.02 -30.44 -29.02
C THR B 109 -42.16 -31.42 -28.82
N ASN B 110 -41.93 -32.73 -28.98
CA ASN B 110 -43.01 -33.69 -28.83
C ASN B 110 -42.37 -35.07 -28.65
N VAL B 111 -42.27 -35.51 -27.39
CA VAL B 111 -41.61 -36.77 -27.09
C VAL B 111 -42.49 -37.94 -27.49
N THR B 112 -41.88 -38.99 -28.02
CA THR B 112 -42.53 -40.26 -28.28
C THR B 112 -41.79 -41.36 -27.52
N TYR B 113 -41.95 -42.60 -28.01
CA TYR B 113 -41.15 -43.69 -27.46
C TYR B 113 -39.94 -44.01 -28.32
N ASN B 114 -39.79 -43.33 -29.45
CA ASN B 114 -38.60 -43.51 -30.28
C ASN B 114 -37.47 -42.60 -29.87
N HIS B 115 -37.62 -41.87 -28.77
CA HIS B 115 -36.60 -40.97 -28.28
C HIS B 115 -35.90 -41.51 -27.03
N SER B 116 -36.14 -42.75 -26.66
CA SER B 116 -35.41 -43.36 -25.55
C SER B 116 -34.19 -44.10 -26.07
N GLY B 117 -33.03 -43.63 -25.68
CA GLY B 117 -31.78 -44.18 -26.16
C GLY B 117 -30.62 -43.35 -25.69
N ASP B 118 -29.46 -43.64 -26.25
CA ASP B 118 -28.22 -42.99 -25.87
C ASP B 118 -27.87 -41.93 -26.91
N TYR B 119 -27.72 -40.69 -26.47
CA TYR B 119 -27.33 -39.59 -27.34
C TYR B 119 -25.86 -39.27 -27.14
N GLU B 120 -25.25 -38.69 -28.16
CA GLU B 120 -23.90 -38.19 -28.09
C GLU B 120 -23.85 -36.80 -28.73
N CYS B 121 -23.13 -35.89 -28.11
CA CYS B 121 -23.05 -34.51 -28.57
C CYS B 121 -21.60 -34.20 -28.90
N HIS B 122 -21.25 -34.32 -30.18
CA HIS B 122 -19.89 -34.07 -30.63
C HIS B 122 -19.67 -32.57 -30.80
N VAL B 123 -18.61 -32.06 -30.20
CA VAL B 123 -18.27 -30.64 -30.25
C VAL B 123 -16.92 -30.50 -30.90
N TYR B 124 -16.85 -29.75 -31.99
CA TYR B 124 -15.61 -29.50 -32.71
C TYR B 124 -15.27 -28.02 -32.61
N ARG B 125 -14.36 -27.68 -31.71
CA ARG B 125 -14.04 -26.29 -31.41
C ARG B 125 -12.67 -25.98 -31.98
N LEU B 126 -12.52 -24.79 -32.58
CA LEU B 126 -11.29 -24.40 -33.26
C LEU B 126 -10.78 -23.11 -32.63
N LEU B 127 -9.88 -23.24 -31.64
CA LEU B 127 -9.32 -22.08 -30.96
C LEU B 127 -8.43 -21.30 -31.91
N PHE B 128 -8.59 -19.98 -31.90
CA PHE B 128 -7.73 -19.09 -32.69
C PHE B 128 -6.80 -18.37 -31.75
N PHE B 129 -5.53 -18.76 -31.74
CA PHE B 129 -4.51 -18.14 -30.93
C PHE B 129 -3.64 -17.23 -31.80
N GLU B 130 -2.54 -16.76 -31.22
CA GLU B 130 -1.61 -15.91 -31.94
C GLU B 130 -0.63 -16.78 -32.69
N ASN B 131 -0.70 -16.74 -34.02
CA ASN B 131 0.15 -17.56 -34.89
C ASN B 131 0.01 -19.05 -34.52
N TYR B 132 -1.24 -19.49 -34.39
CA TYR B 132 -1.56 -20.82 -33.87
C TYR B 132 -3.06 -21.07 -33.94
N GLU B 133 -3.46 -22.21 -34.49
CA GLU B 133 -4.86 -22.62 -34.49
C GLU B 133 -4.96 -24.05 -34.01
N HIS B 134 -5.76 -24.27 -32.98
CA HIS B 134 -5.89 -25.58 -32.34
C HIS B 134 -7.29 -26.11 -32.62
N ASN B 135 -7.37 -27.33 -33.17
CA ASN B 135 -8.63 -27.96 -33.53
C ASN B 135 -8.86 -29.10 -32.55
N THR B 136 -9.73 -28.88 -31.58
CA THR B 136 -10.03 -29.88 -30.56
C THR B 136 -11.37 -30.55 -30.82
N SER B 137 -11.77 -31.41 -29.88
CA SER B 137 -13.01 -32.16 -30.01
C SER B 137 -13.42 -32.72 -28.65
N VAL B 138 -14.73 -32.69 -28.38
CA VAL B 138 -15.29 -33.23 -27.15
C VAL B 138 -16.49 -34.09 -27.52
N VAL B 139 -16.77 -35.09 -26.69
CA VAL B 139 -17.93 -35.96 -26.84
C VAL B 139 -18.63 -36.04 -25.49
N LYS B 140 -19.95 -35.82 -25.48
CA LYS B 140 -20.75 -35.91 -24.27
C LYS B 140 -21.91 -36.86 -24.53
N LYS B 141 -22.13 -37.78 -23.59
CA LYS B 141 -23.13 -38.84 -23.76
C LYS B 141 -24.27 -38.64 -22.78
N ILE B 142 -25.49 -38.67 -23.30
CA ILE B 142 -26.70 -38.45 -22.51
C ILE B 142 -27.62 -39.65 -22.72
N HIS B 143 -27.84 -40.43 -21.66
CA HIS B 143 -28.80 -41.52 -21.73
C HIS B 143 -30.17 -41.01 -21.33
N ILE B 144 -31.16 -41.23 -22.18
CA ILE B 144 -32.49 -40.66 -22.01
C ILE B 144 -33.50 -41.78 -21.99
N GLU B 145 -34.36 -41.79 -20.98
CA GLU B 145 -35.42 -42.78 -20.85
C GLU B 145 -36.77 -42.08 -20.81
N VAL B 146 -37.71 -42.59 -21.59
CA VAL B 146 -39.03 -42.00 -21.71
C VAL B 146 -40.00 -42.75 -20.81
N VAL B 147 -40.83 -41.98 -20.08
CA VAL B 147 -41.80 -42.54 -19.15
C VAL B 147 -43.16 -41.94 -19.47
N ASP B 148 -44.19 -42.47 -18.81
CA ASP B 148 -45.54 -41.97 -19.00
C ASP B 148 -45.94 -40.97 -17.93
N LYS B 149 -45.44 -41.13 -16.71
CA LYS B 149 -45.71 -40.23 -15.61
C LYS B 149 -44.40 -39.80 -14.98
N ALA B 150 -44.30 -38.51 -14.64
CA ALA B 150 -43.06 -37.96 -14.11
C ALA B 150 -42.83 -38.47 -12.69
N ASN B 151 -41.79 -39.26 -12.49
CA ASN B 151 -41.47 -39.76 -11.17
C ASN B 151 -40.96 -38.65 -10.27
N ARG B 152 -41.22 -38.78 -8.98
CA ARG B 152 -40.68 -37.86 -8.00
C ARG B 152 -39.24 -38.25 -7.66
N ASP B 153 -38.46 -37.26 -7.26
CA ASP B 153 -37.07 -37.48 -6.92
C ASP B 153 -36.96 -38.23 -5.59
N MET B 154 -36.12 -39.27 -5.57
CA MET B 154 -35.83 -39.96 -4.32
C MET B 154 -35.25 -38.99 -3.29
N ALA B 155 -34.38 -38.08 -3.74
CA ALA B 155 -33.82 -37.10 -2.82
C ALA B 155 -34.89 -36.19 -2.25
N SER B 156 -35.84 -35.76 -3.08
CA SER B 156 -36.93 -34.92 -2.57
C SER B 156 -37.79 -35.68 -1.56
N ILE B 157 -38.10 -36.94 -1.86
CA ILE B 157 -38.92 -37.74 -0.96
C ILE B 157 -38.23 -37.90 0.39
N VAL B 158 -36.95 -38.30 0.38
CA VAL B 158 -36.26 -38.53 1.64
C VAL B 158 -36.06 -37.23 2.39
N SER B 159 -35.80 -36.13 1.68
CA SER B 159 -35.64 -34.84 2.36
C SER B 159 -36.92 -34.44 3.07
N GLU B 160 -38.07 -34.56 2.39
CA GLU B 160 -39.33 -34.22 3.03
C GLU B 160 -39.60 -35.10 4.24
N ILE B 161 -39.37 -36.41 4.11
CA ILE B 161 -39.66 -37.31 5.21
C ILE B 161 -38.77 -37.02 6.41
N MET B 162 -37.47 -36.84 6.18
CA MET B 162 -36.56 -36.59 7.28
C MET B 162 -36.83 -35.22 7.92
N MET B 163 -37.22 -34.23 7.12
CA MET B 163 -37.60 -32.95 7.70
C MET B 163 -38.79 -33.10 8.65
N TYR B 164 -39.82 -33.84 8.21
CA TYR B 164 -40.99 -34.01 9.06
C TYR B 164 -40.65 -34.77 10.34
N VAL B 165 -39.83 -35.83 10.23
CA VAL B 165 -39.52 -36.60 11.43
C VAL B 165 -38.65 -35.79 12.37
N LEU B 166 -37.72 -34.98 11.86
CA LEU B 166 -36.92 -34.13 12.72
C LEU B 166 -37.80 -33.12 13.45
N ILE B 167 -38.74 -32.50 12.73
CA ILE B 167 -39.63 -31.53 13.36
C ILE B 167 -40.42 -32.18 14.48
N VAL B 168 -41.01 -33.34 14.22
CA VAL B 168 -41.86 -33.97 15.24
C VAL B 168 -41.02 -34.44 16.42
N VAL B 169 -39.80 -34.94 16.16
CA VAL B 169 -38.96 -35.41 17.25
C VAL B 169 -38.55 -34.25 18.15
N LEU B 170 -38.14 -33.13 17.54
CA LEU B 170 -37.75 -31.97 18.33
C LEU B 170 -38.91 -31.45 19.15
N THR B 171 -40.10 -31.37 18.54
CA THR B 171 -41.26 -30.88 19.28
C THR B 171 -41.60 -31.81 20.44
N ILE B 172 -41.53 -33.12 20.23
CA ILE B 172 -41.84 -34.07 21.30
C ILE B 172 -40.84 -33.92 22.45
N TRP B 173 -39.56 -33.80 22.12
CA TRP B 173 -38.55 -33.61 23.16
C TRP B 173 -38.80 -32.33 23.95
N LEU B 174 -39.11 -31.23 23.24
CA LEU B 174 -39.38 -29.96 23.92
C LEU B 174 -40.60 -30.07 24.83
N VAL B 175 -41.67 -30.72 24.36
CA VAL B 175 -42.88 -30.81 25.16
C VAL B 175 -42.66 -31.70 26.38
N ALA B 176 -41.90 -32.79 26.23
CA ALA B 176 -41.60 -33.62 27.38
C ALA B 176 -40.81 -32.85 28.43
N GLU B 177 -39.80 -32.08 27.99
CA GLU B 177 -39.06 -31.24 28.93
C GLU B 177 -39.97 -30.23 29.59
N MET B 178 -40.86 -29.60 28.82
CA MET B 178 -41.75 -28.60 29.39
C MET B 178 -42.66 -29.20 30.46
N ILE B 179 -43.25 -30.36 30.19
CA ILE B 179 -44.16 -30.95 31.16
C ILE B 179 -43.42 -31.40 32.41
N TYR B 180 -42.27 -32.05 32.25
CA TYR B 180 -41.49 -32.47 33.40
C TYR B 180 -41.06 -31.28 34.26
N CYS B 181 -40.54 -30.23 33.61
CA CYS B 181 -40.09 -29.05 34.34
C CYS B 181 -41.26 -28.37 35.03
N TYR B 182 -42.42 -28.31 34.37
CA TYR B 182 -43.59 -27.69 34.99
C TYR B 182 -44.00 -28.45 36.24
N LYS B 183 -44.05 -29.78 36.16
CA LYS B 183 -44.46 -30.54 37.34
C LYS B 183 -43.47 -30.32 38.48
N LYS B 184 -42.16 -30.32 38.17
CA LYS B 184 -41.18 -30.13 39.22
C LYS B 184 -41.27 -28.72 39.83
N ILE B 185 -41.42 -27.70 39.00
CA ILE B 185 -41.45 -26.32 39.48
C ILE B 185 -42.68 -26.10 40.35
N ALA B 186 -43.84 -26.57 39.89
CA ALA B 186 -45.06 -26.38 40.69
C ALA B 186 -44.98 -27.15 42.00
N ALA B 187 -44.43 -28.38 41.97
CA ALA B 187 -44.29 -29.15 43.20
C ALA B 187 -43.39 -28.43 44.19
N ALA B 188 -42.26 -27.90 43.72
CA ALA B 188 -41.36 -27.17 44.60
C ALA B 188 -42.03 -25.92 45.16
N THR B 189 -42.76 -25.18 44.31
CA THR B 189 -43.42 -23.96 44.77
C THR B 189 -44.45 -24.27 45.84
N GLU B 190 -45.28 -25.29 45.63
CA GLU B 190 -46.26 -25.63 46.64
C GLU B 190 -45.63 -26.25 47.88
N THR B 191 -44.45 -26.85 47.74
CA THR B 191 -43.69 -27.27 48.93
C THR B 191 -43.25 -26.06 49.73
N ALA B 192 -42.82 -25.00 49.05
CA ALA B 192 -42.45 -23.76 49.71
C ALA B 192 -43.68 -22.99 50.17
N MET C 30 24.01 8.82 -28.91
CA MET C 30 25.14 7.91 -29.08
C MET C 30 26.46 8.66 -28.96
N GLU C 31 27.39 8.08 -28.19
CA GLU C 31 28.69 8.69 -27.92
C GLU C 31 29.76 7.81 -28.55
N VAL C 32 30.50 8.35 -29.50
CA VAL C 32 31.55 7.63 -30.22
C VAL C 32 32.87 8.32 -29.91
N THR C 33 33.84 7.54 -29.44
CA THR C 33 35.14 8.06 -29.05
C THR C 33 36.18 7.69 -30.11
N VAL C 34 36.68 8.69 -30.81
CA VAL C 34 37.71 8.49 -31.83
C VAL C 34 38.78 9.56 -31.69
N PRO C 35 40.01 9.23 -32.08
CA PRO C 35 41.07 10.25 -32.08
C PRO C 35 40.90 11.21 -33.24
N ALA C 36 40.96 12.51 -32.95
CA ALA C 36 40.82 13.52 -33.99
C ALA C 36 41.96 13.43 -35.01
N THR C 37 43.18 13.21 -34.54
CA THR C 37 44.34 13.07 -35.40
C THR C 37 45.11 11.82 -35.01
N LEU C 38 45.41 10.97 -35.98
CA LEU C 38 46.18 9.75 -35.76
C LEU C 38 47.41 9.77 -36.64
N ASN C 39 48.59 9.85 -36.02
CA ASN C 39 49.86 9.92 -36.73
C ASN C 39 50.53 8.56 -36.71
N VAL C 40 50.85 8.04 -37.90
CA VAL C 40 51.54 6.76 -38.03
C VAL C 40 52.75 6.97 -38.93
N LEU C 41 53.76 6.12 -38.76
CA LEU C 41 54.94 6.21 -39.61
C LEU C 41 54.73 5.42 -40.89
N ASN C 42 55.46 5.78 -41.94
CA ASN C 42 55.36 5.09 -43.21
C ASN C 42 55.83 3.65 -43.08
N GLY C 43 55.07 2.72 -43.65
CA GLY C 43 55.38 1.31 -43.56
C GLY C 43 54.94 0.62 -42.28
N SER C 44 54.25 1.33 -41.39
CA SER C 44 53.78 0.77 -40.14
C SER C 44 52.29 0.41 -40.27
N ASP C 45 51.77 -0.25 -39.24
CA ASP C 45 50.36 -0.62 -39.19
C ASP C 45 49.58 0.40 -38.38
N ALA C 46 48.33 0.65 -38.79
CA ALA C 46 47.48 1.62 -38.11
C ALA C 46 46.17 0.96 -37.71
N ARG C 47 45.81 1.10 -36.45
CA ARG C 47 44.52 0.66 -35.92
C ARG C 47 43.69 1.92 -35.66
N LEU C 48 42.56 2.02 -36.33
CA LEU C 48 41.71 3.21 -36.24
C LEU C 48 40.73 3.07 -35.09
N PRO C 49 41.00 3.66 -33.92
CA PRO C 49 40.14 3.42 -32.74
C PRO C 49 38.79 4.10 -32.90
N CYS C 50 37.75 3.30 -33.10
CA CYS C 50 36.38 3.78 -33.12
C CYS C 50 35.58 2.93 -32.15
N THR C 51 35.12 3.54 -31.05
CA THR C 51 34.38 2.84 -30.02
C THR C 51 33.16 3.67 -29.63
N PHE C 52 32.15 2.98 -29.09
CA PHE C 52 30.93 3.63 -28.65
C PHE C 52 30.46 2.98 -27.35
N ASN C 53 29.39 3.53 -26.77
CA ASN C 53 28.88 3.04 -25.51
C ASN C 53 27.36 3.09 -25.49
N SER C 54 26.71 2.35 -26.38
CA SER C 54 25.26 2.26 -26.36
C SER C 54 24.79 1.44 -25.17
N CYS C 55 23.66 1.84 -24.59
CA CYS C 55 23.12 1.12 -23.44
C CYS C 55 22.71 -0.29 -23.82
N TYR C 56 22.13 -0.45 -25.01
CA TYR C 56 21.53 -1.72 -25.40
C TYR C 56 22.59 -2.71 -25.86
N THR C 57 22.23 -3.98 -25.82
CA THR C 57 23.12 -5.03 -26.33
C THR C 57 23.24 -4.92 -27.84
N VAL C 58 24.44 -5.18 -28.34
CA VAL C 58 24.72 -5.03 -29.76
C VAL C 58 24.18 -6.25 -30.51
N ASN C 59 22.92 -6.16 -30.94
CA ASN C 59 22.28 -7.23 -31.70
C ASN C 59 22.93 -7.35 -33.08
N HIS C 60 23.61 -8.46 -33.33
CA HIS C 60 24.27 -8.65 -34.62
C HIS C 60 23.28 -8.81 -35.76
N LYS C 61 22.01 -9.13 -35.45
CA LYS C 61 20.99 -9.19 -36.48
C LYS C 61 20.50 -7.81 -36.88
N GLN C 62 20.88 -6.76 -36.15
CA GLN C 62 20.37 -5.42 -36.37
C GLN C 62 21.44 -4.35 -36.50
N PHE C 63 22.70 -4.65 -36.15
CA PHE C 63 23.75 -3.65 -36.19
C PHE C 63 24.05 -3.21 -37.62
N SER C 64 24.40 -1.94 -37.78
CA SER C 64 24.72 -1.37 -39.09
C SER C 64 26.02 -0.57 -39.00
N LEU C 65 26.98 -0.91 -39.85
CA LEU C 65 28.24 -0.19 -39.96
C LEU C 65 28.33 0.47 -41.33
N ASN C 66 29.04 1.59 -41.40
CA ASN C 66 29.31 2.31 -42.64
C ASN C 66 30.65 3.04 -42.49
N TRP C 67 31.75 2.33 -42.67
CA TRP C 67 33.08 2.93 -42.72
C TRP C 67 33.28 3.60 -44.07
N THR C 68 33.71 4.86 -44.05
CA THR C 68 33.96 5.60 -45.27
C THR C 68 35.31 6.32 -45.17
N TYR C 69 35.92 6.55 -46.33
CA TYR C 69 37.17 7.30 -46.42
C TYR C 69 36.97 8.48 -47.36
N GLN C 70 37.53 9.63 -46.98
CA GLN C 70 37.56 10.82 -47.81
C GLN C 70 38.93 11.46 -47.71
N GLU C 71 39.46 11.92 -48.85
CA GLU C 71 40.77 12.55 -48.86
C GLU C 71 40.76 13.92 -48.19
N CYS C 72 39.59 14.55 -48.08
CA CYS C 72 39.47 15.83 -47.40
C CYS C 72 38.04 15.93 -46.85
N ASN C 73 37.84 16.91 -45.96
CA ASN C 73 36.53 17.08 -45.36
C ASN C 73 35.46 17.38 -46.39
N ASN C 74 35.76 18.23 -47.37
CA ASN C 74 34.84 18.52 -48.45
C ASN C 74 34.84 17.45 -49.53
N CYS C 75 35.80 16.52 -49.49
CA CYS C 75 35.85 15.46 -50.49
C CYS C 75 34.75 14.44 -50.24
N SER C 76 34.38 13.72 -51.30
CA SER C 76 33.37 12.68 -51.16
C SER C 76 33.94 11.47 -50.40
N GLU C 77 33.03 10.66 -49.88
CA GLU C 77 33.39 9.52 -49.04
C GLU C 77 33.30 8.23 -49.84
N GLU C 78 34.23 7.31 -49.60
CA GLU C 78 34.27 6.03 -50.28
C GLU C 78 33.85 4.93 -49.33
N MET C 79 32.92 4.09 -49.77
CA MET C 79 32.32 3.08 -48.91
C MET C 79 33.19 1.82 -48.95
N PHE C 80 33.88 1.51 -47.85
CA PHE C 80 34.93 0.49 -47.92
C PHE C 80 34.85 -0.64 -46.89
N LEU C 81 34.23 -0.42 -45.73
CA LEU C 81 34.07 -1.50 -44.76
C LEU C 81 32.73 -1.35 -44.05
N GLN C 82 32.04 -2.47 -43.84
CA GLN C 82 30.68 -2.41 -43.34
C GLN C 82 30.35 -3.70 -42.59
N PHE C 83 29.42 -3.56 -41.64
CA PHE C 83 28.77 -4.66 -40.94
C PHE C 83 27.28 -4.59 -41.27
N ARG C 84 26.71 -5.73 -41.65
CA ARG C 84 25.26 -5.87 -41.76
C ARG C 84 24.77 -7.07 -40.97
N MET C 85 25.34 -8.24 -41.25
CA MET C 85 25.20 -9.43 -40.41
C MET C 85 26.56 -10.06 -40.14
N LYS C 86 27.43 -10.08 -41.14
CA LYS C 86 28.85 -10.38 -40.97
C LYS C 86 29.65 -9.19 -41.45
N ILE C 87 30.87 -9.06 -40.95
CA ILE C 87 31.77 -8.00 -41.39
C ILE C 87 32.06 -8.19 -42.87
N ILE C 88 31.67 -7.21 -43.69
CA ILE C 88 31.88 -7.25 -45.13
C ILE C 88 32.83 -6.13 -45.51
N ASN C 89 33.96 -6.51 -46.10
CA ASN C 89 34.96 -5.56 -46.58
C ASN C 89 34.84 -5.49 -48.09
N LEU C 90 34.59 -4.29 -48.61
CA LEU C 90 34.39 -4.11 -50.04
C LEU C 90 35.67 -4.29 -50.84
N LYS C 91 36.83 -4.26 -50.18
CA LYS C 91 38.11 -4.53 -50.84
C LYS C 91 38.36 -3.57 -52.00
N LEU C 92 38.37 -2.27 -51.69
CA LEU C 92 38.64 -1.27 -52.70
C LEU C 92 40.07 -1.38 -53.19
N GLU C 93 40.29 -0.96 -54.44
CA GLU C 93 41.63 -1.06 -55.03
C GLU C 93 42.63 -0.18 -54.30
N ARG C 94 42.20 1.00 -53.86
CA ARG C 94 43.11 1.92 -53.18
C ARG C 94 43.54 1.40 -51.81
N PHE C 95 42.86 0.38 -51.28
CA PHE C 95 43.25 -0.26 -50.04
C PHE C 95 43.83 -1.66 -50.24
N GLN C 96 43.55 -2.23 -51.42
CA GLN C 96 44.03 -3.60 -51.72
C GLN C 96 43.53 -4.55 -50.63
N ASP C 97 44.32 -5.57 -50.31
CA ASP C 97 43.96 -6.55 -49.29
C ASP C 97 44.57 -6.21 -47.93
N ARG C 98 44.65 -4.91 -47.61
CA ARG C 98 45.29 -4.48 -46.39
C ARG C 98 44.29 -4.04 -45.31
N VAL C 99 42.99 -4.10 -45.61
CA VAL C 99 41.98 -3.65 -44.65
C VAL C 99 41.20 -4.85 -44.14
N GLU C 100 41.17 -5.00 -42.82
CA GLU C 100 40.42 -6.05 -42.15
C GLU C 100 39.78 -5.48 -40.90
N PHE C 101 38.92 -6.28 -40.27
CA PHE C 101 38.28 -5.83 -39.05
C PHE C 101 39.16 -6.18 -37.85
N SER C 102 39.16 -5.30 -36.85
CA SER C 102 40.04 -5.45 -35.71
C SER C 102 39.38 -5.16 -34.37
N GLY C 103 38.11 -4.79 -34.34
CA GLY C 103 37.41 -4.53 -33.09
C GLY C 103 36.57 -5.72 -32.67
N ASN C 104 35.45 -5.41 -32.02
CA ASN C 104 34.44 -6.41 -31.68
C ASN C 104 33.13 -5.71 -31.32
N PRO C 105 32.12 -5.80 -32.19
CA PRO C 105 30.83 -5.16 -31.86
C PRO C 105 30.22 -5.68 -30.58
N SER C 106 30.44 -6.95 -30.25
CA SER C 106 29.89 -7.49 -29.00
C SER C 106 30.46 -6.80 -27.77
N LYS C 107 31.61 -6.12 -27.90
CA LYS C 107 32.17 -5.34 -26.81
C LYS C 107 32.38 -3.89 -27.21
N TYR C 108 31.65 -3.45 -28.24
CA TYR C 108 31.46 -2.03 -28.54
C TYR C 108 32.72 -1.36 -29.10
N ASP C 109 33.68 -2.16 -29.56
CA ASP C 109 34.82 -1.66 -30.31
C ASP C 109 34.63 -2.03 -31.78
N VAL C 110 34.79 -1.06 -32.66
CA VAL C 110 34.51 -1.25 -34.07
C VAL C 110 35.69 -0.81 -34.95
N SER C 111 36.90 -0.87 -34.39
CA SER C 111 38.08 -0.35 -35.08
C SER C 111 38.35 -1.14 -36.35
N VAL C 112 39.19 -0.56 -37.22
CA VAL C 112 39.63 -1.21 -38.44
C VAL C 112 41.15 -1.09 -38.54
N MET C 113 41.79 -2.22 -38.83
CA MET C 113 43.24 -2.33 -38.98
C MET C 113 43.66 -2.07 -40.42
N LEU C 114 44.97 -1.88 -40.60
CA LEU C 114 45.53 -1.45 -41.89
C LEU C 114 47.04 -1.64 -41.85
N ARG C 115 47.54 -2.64 -42.59
CA ARG C 115 48.97 -2.92 -42.61
C ARG C 115 49.71 -1.84 -43.38
N ASN C 116 51.04 -1.84 -43.23
CA ASN C 116 52.01 -1.06 -43.99
C ASN C 116 51.42 0.21 -44.61
N VAL C 117 50.99 1.15 -43.75
CA VAL C 117 50.32 2.37 -44.18
C VAL C 117 51.19 3.14 -45.19
N GLN C 118 50.71 3.22 -46.42
CA GLN C 118 51.40 3.98 -47.44
C GLN C 118 51.18 5.47 -47.22
N PRO C 119 52.06 6.32 -47.77
CA PRO C 119 51.80 7.77 -47.70
C PRO C 119 50.51 8.17 -48.40
N GLU C 120 50.03 7.37 -49.36
CA GLU C 120 48.74 7.66 -49.99
C GLU C 120 47.58 7.48 -49.03
N ASP C 121 47.72 6.63 -48.01
CA ASP C 121 46.64 6.37 -47.07
C ASP C 121 46.28 7.59 -46.24
N GLU C 122 47.12 8.62 -46.23
CA GLU C 122 46.85 9.83 -45.47
C GLU C 122 45.54 10.46 -45.94
N GLY C 123 44.62 10.66 -45.00
CA GLY C 123 43.32 11.17 -45.34
C GLY C 123 42.41 11.15 -44.12
N ILE C 124 41.11 11.21 -44.39
CA ILE C 124 40.08 11.28 -43.34
C ILE C 124 39.26 10.00 -43.39
N TYR C 125 39.15 9.34 -42.25
CA TYR C 125 38.41 8.09 -42.12
C TYR C 125 37.19 8.33 -41.22
N ASN C 126 36.06 7.78 -41.62
CA ASN C 126 34.79 8.00 -40.92
C ASN C 126 34.15 6.66 -40.57
N CYS C 127 33.73 6.52 -39.32
CA CYS C 127 32.97 5.36 -38.87
C CYS C 127 31.58 5.83 -38.43
N TYR C 128 30.55 5.30 -39.08
CA TYR C 128 29.17 5.61 -38.76
C TYR C 128 28.50 4.37 -38.17
N ILE C 129 27.90 4.52 -36.99
CA ILE C 129 27.38 3.39 -36.23
C ILE C 129 25.90 3.62 -35.94
N MET C 130 25.09 2.60 -36.22
CA MET C 130 23.69 2.57 -35.84
C MET C 130 23.42 1.25 -35.14
N ASN C 131 22.89 1.32 -33.92
CA ASN C 131 22.66 0.14 -33.09
C ASN C 131 21.22 0.16 -32.59
N PRO C 132 20.26 -0.28 -33.40
CA PRO C 132 18.92 -0.53 -32.91
C PRO C 132 18.95 -1.28 -31.57
N PRO C 133 17.99 -1.01 -30.68
CA PRO C 133 16.83 -0.11 -30.83
C PRO C 133 17.13 1.34 -30.49
N ASP C 134 18.40 1.76 -30.52
CA ASP C 134 18.72 3.15 -30.29
C ASP C 134 18.24 4.00 -31.46
N ARG C 135 17.94 5.27 -31.17
CA ARG C 135 17.40 6.18 -32.17
C ARG C 135 18.48 7.09 -32.75
N HIS C 136 19.31 7.67 -31.89
CA HIS C 136 20.34 8.59 -32.35
C HIS C 136 21.41 7.84 -33.12
N ARG C 137 22.00 8.51 -34.10
CA ARG C 137 23.01 7.92 -34.97
C ARG C 137 24.32 8.68 -34.79
N GLY C 138 25.39 7.93 -34.50
CA GLY C 138 26.67 8.52 -34.20
C GLY C 138 27.59 8.62 -35.41
N HIS C 139 28.71 9.30 -35.22
CA HIS C 139 29.72 9.46 -36.27
C HIS C 139 31.07 9.68 -35.63
N GLY C 140 32.06 8.88 -36.04
CA GLY C 140 33.43 9.06 -35.59
C GLY C 140 34.37 9.36 -36.73
N LYS C 141 35.15 10.43 -36.61
CA LYS C 141 36.03 10.90 -37.67
C LYS C 141 37.48 10.89 -37.19
N ILE C 142 38.36 10.32 -38.01
CA ILE C 142 39.79 10.26 -37.70
C ILE C 142 40.55 10.79 -38.90
N HIS C 143 41.51 11.69 -38.65
CA HIS C 143 42.44 12.16 -39.68
C HIS C 143 43.72 11.36 -39.52
N LEU C 144 43.93 10.40 -40.41
CA LEU C 144 45.14 9.58 -40.37
C LEU C 144 46.28 10.28 -41.08
N GLN C 145 47.41 10.41 -40.39
CA GLN C 145 48.58 11.10 -40.90
C GLN C 145 49.74 10.12 -41.00
N VAL C 146 50.46 10.18 -42.11
CA VAL C 146 51.57 9.25 -42.38
C VAL C 146 52.86 10.03 -42.17
N LEU C 147 53.62 9.63 -41.14
CA LEU C 147 54.92 10.24 -40.89
C LEU C 147 56.00 9.57 -41.72
N MET C 148 57.10 10.30 -41.93
CA MET C 148 58.21 9.79 -42.72
C MET C 148 58.91 8.64 -42.00
C1 NAG D . -7.40 0.53 -33.90
C2 NAG D . -7.11 1.03 -35.30
C3 NAG D . -6.89 -0.11 -36.28
C4 NAG D . -5.95 -1.19 -35.76
C5 NAG D . -6.34 -1.57 -34.34
C6 NAG D . -5.33 -2.52 -33.70
C7 NAG D . -8.08 3.03 -36.26
C8 NAG D . -9.34 3.66 -36.79
N2 NAG D . -8.23 1.82 -35.75
O3 NAG D . -6.36 0.41 -37.50
O4 NAG D . -6.09 -2.34 -36.61
O5 NAG D . -6.41 -0.42 -33.51
O6 NAG D . -4.11 -1.80 -33.47
O7 NAG D . -7.00 3.58 -36.30
C1 NAG D . -4.82 -2.77 -37.17
C2 NAG D . -4.71 -2.27 -38.61
C3 NAG D . -3.37 -2.63 -39.23
C4 NAG D . -2.24 -2.17 -38.33
C5 NAG D . -2.45 -2.71 -36.92
C6 NAG D . -1.33 -2.25 -35.98
C7 NAG D . -6.89 -2.17 -39.67
C8 NAG D . -6.72 -0.91 -40.47
N2 NAG D . -5.78 -2.84 -39.42
O3 NAG D . -3.24 -2.00 -40.51
O4 NAG D . -0.99 -2.65 -38.84
O5 NAG D . -3.70 -2.27 -36.42
O6 NAG D . -1.48 -2.92 -34.72
O7 NAG D . -7.98 -2.54 -39.27
C1 NAG E . -12.88 20.28 -33.98
C2 NAG E . -13.17 21.77 -34.16
C3 NAG E . -12.95 22.22 -35.59
C4 NAG E . -11.52 21.86 -35.94
C5 NAG E . -11.42 20.35 -35.93
C6 NAG E . -10.02 19.93 -36.40
C7 NAG E . -14.77 22.70 -32.60
C8 NAG E . -16.17 22.59 -32.09
N2 NAG E . -14.53 22.09 -33.76
O3 NAG E . -13.13 23.64 -35.67
O4 NAG E . -11.01 22.43 -37.15
O5 NAG E . -11.66 19.88 -34.60
O6 NAG E . -10.02 18.56 -36.78
O7 NAG E . -13.90 23.30 -32.00
C1 NAG E . -11.85 22.32 -38.32
C2 NAG E . -11.39 23.41 -39.28
C3 NAG E . -11.96 23.28 -40.67
C4 NAG E . -11.74 21.85 -41.17
C5 NAG E . -12.40 20.91 -40.19
C6 NAG E . -12.31 19.47 -40.67
C7 NAG E . -10.85 25.72 -38.84
C8 NAG E . -11.04 26.83 -37.85
N2 NAG E . -11.71 24.72 -38.74
O3 NAG E . -11.30 24.20 -41.55
O4 NAG E . -12.32 21.70 -42.47
O5 NAG E . -11.76 21.02 -38.92
O6 NAG E . -10.93 19.12 -40.84
O7 NAG E . -9.98 25.74 -39.68
C1 NAG F . -11.18 -29.85 -37.36
C2 NAG F . -11.03 -29.69 -38.87
C3 NAG F . -12.21 -30.27 -39.63
C4 NAG F . -12.53 -31.68 -39.18
C5 NAG F . -12.70 -31.67 -37.67
C6 NAG F . -13.04 -33.06 -37.14
C7 NAG F . -9.70 -27.72 -39.29
C8 NAG F . -9.70 -26.33 -39.88
N2 NAG F . -10.90 -28.29 -39.21
O3 NAG F . -11.90 -30.28 -41.03
O4 NAG F . -13.73 -32.11 -39.80
O5 NAG F . -11.51 -31.20 -37.04
O6 NAG F . -11.91 -33.92 -37.27
O7 NAG F . -8.69 -28.27 -38.91
C1 NAG F . -13.45 -33.11 -40.80
C2 NAG F . -14.73 -33.87 -41.15
C3 NAG F . -14.38 -35.00 -42.09
C4 NAG F . -13.78 -34.42 -43.35
C5 NAG F . -12.61 -33.50 -43.02
C6 NAG F . -12.18 -32.75 -44.28
C7 NAG F . -16.35 -33.66 -39.38
C8 NAG F . -17.07 -34.35 -38.26
N2 NAG F . -15.38 -34.36 -39.95
O3 NAG F . -15.56 -35.74 -42.41
O4 NAG F . -13.33 -35.48 -44.20
O5 NAG F . -12.94 -32.54 -42.01
O6 NAG F . -11.04 -31.93 -43.98
O7 NAG F . -16.64 -32.54 -39.76
C1 NAG G . 12.22 -33.67 -39.09
C2 NAG G . 11.08 -33.17 -39.97
C3 NAG G . 11.01 -33.99 -41.26
C4 NAG G . 12.38 -34.07 -41.94
C5 NAG G . 13.44 -34.53 -40.95
C6 NAG G . 14.82 -34.51 -41.60
C7 NAG G . 8.76 -32.55 -39.62
C8 NAG G . 7.43 -33.21 -39.41
N2 NAG G . 9.82 -33.26 -39.27
O3 NAG G . 10.08 -33.40 -42.18
O4 NAG G . 12.32 -34.99 -43.04
O5 NAG G . 13.45 -33.67 -39.82
O6 NAG G . 15.81 -34.84 -40.61
O7 NAG G . 8.85 -31.43 -40.11
C1 NAG H . -22.77 7.88 -40.34
C2 NAG H . -23.07 9.12 -41.19
C3 NAG H . -23.99 8.85 -42.38
C4 NAG H . -23.61 7.56 -43.09
C5 NAG H . -23.61 6.43 -42.08
C6 NAG H . -23.36 5.08 -42.74
C7 NAG H . -22.99 10.91 -39.54
C8 NAG H . -23.80 11.85 -38.70
N2 NAG H . -23.69 10.13 -40.36
O3 NAG H . -23.88 9.94 -43.29
O4 NAG H . -24.57 7.29 -44.11
O5 NAG H . -22.59 6.68 -41.12
O6 NAG H . -21.99 4.96 -43.13
O7 NAG H . -21.77 10.88 -39.48
C14 N6W I . -1.55 9.24 23.23
C11 N6W I . -2.17 11.94 23.30
C10 N6W I . -2.79 11.11 22.40
C12 N6W I . -1.24 11.42 24.18
C13 N6W I . -0.92 10.08 24.16
C01 N6W I . 0.60 6.28 19.76
C02 N6W I . 1.27 6.25 20.97
C03 N6W I . 0.66 6.77 22.10
C04 N6W I . -0.60 7.31 22.02
C05 N6W I . -1.29 7.36 20.81
C06 N6W I . -0.66 6.82 19.68
C07 N6W I . -2.63 7.92 20.67
C08 N6W I . -3.18 8.90 21.37
C09 N6W I . -2.50 9.74 22.34
C16 N6W I . -1.46 7.04 24.31
N15 N6W I . -1.22 7.85 23.22
N18 N6W I . -0.76 5.92 24.43
O17 N6W I . -2.32 7.39 25.15
C P5S J . -39.20 -14.29 39.30
N P5S J . -37.12 -15.45 38.62
O P5S J . -38.80 -13.72 40.32
C1 P5S J . -40.01 -9.80 34.54
C2 P5S J . -41.19 -10.21 35.39
C3 P5S J . -41.01 -11.58 36.00
CA P5S J . -38.18 -14.53 38.19
CB P5S J . -38.83 -15.05 36.98
OG P5S J . -39.36 -13.91 36.35
P12 P5S J . -40.62 -14.12 35.41
O13 P5S J . -40.09 -15.03 34.35
O15 P5S J . -41.65 -14.63 36.37
O16 P5S J . -40.82 -12.59 34.97
O19 P5S J . -38.91 -10.65 34.89
O37 P5S J . -42.39 -10.22 34.56
C38 P5S J . -42.99 -9.06 34.24
C39 P5S J . -43.06 -8.85 32.77
C40 P5S J . -43.81 -7.63 32.39
C41 P5S J . -44.19 -7.61 30.93
C42 P5S J . -45.48 -8.29 30.65
C43 P5S J . -45.36 -9.42 29.71
C44 P5S J . -46.51 -10.37 29.79
C45 P5S J . -46.50 -11.52 28.81
C46 P5S J . -45.16 -12.03 28.49
O47 P5S J . -43.49 -8.32 35.03
C48 P5S J . -45.07 -13.11 27.47
C49 P5S J . -46.31 -13.86 27.11
C50 P5S J . -46.31 -14.31 25.70
C51 P5S J . -47.68 -14.53 25.18
C52 P5S J . -47.79 -15.60 24.18
C53 P5S J . -46.73 -15.57 23.14
C54 P5S J . -47.15 -16.24 21.88
C55 P5S J . -47.92 -17.49 22.14
C56 P5S J . -47.96 -18.41 20.96
OXT P5S J . -40.33 -14.65 39.12
CAA Y01 K . -36.16 -1.12 9.33
CBA Y01 K . -35.06 -1.74 10.18
CAB Y01 K . -33.86 -2.10 9.31
CAN Y01 K . -34.66 -0.84 11.34
CAJ Y01 K . -35.76 -0.52 12.32
CAO Y01 K . -35.31 0.35 13.49
CBB Y01 K . -34.51 -0.37 14.60
CAC Y01 K . -33.02 -0.41 14.26
CBE Y01 K . -34.81 0.28 15.96
CAP Y01 K . -36.33 0.48 16.19
CAQ Y01 K . -36.58 0.31 17.70
CBG Y01 K . -35.18 0.35 18.30
CBI Y01 K . -34.33 -0.42 17.28
CAE Y01 K . -34.68 -1.91 17.24
CAU Y01 K . -32.87 -0.20 17.68
CAS Y01 K . -32.61 -0.69 19.11
CBF Y01 K . -33.50 -0.01 20.15
CBD Y01 K . -34.99 -0.09 19.76
CAK Y01 K . -35.82 0.77 20.70
CAI Y01 K . -35.41 0.64 22.13
CAZ Y01 K . -34.32 -0.01 22.54
CAV Y01 K . -34.06 -0.22 24.01
CBH Y01 K . -33.26 -0.54 21.59
CAD Y01 K . -33.29 -2.08 21.65
CAT Y01 K . -31.88 -0.04 22.08
CAR Y01 K . -31.63 -0.30 23.56
CBC Y01 K . -32.70 0.32 24.42
OAW Y01 K . -32.46 -0.03 25.81
CAY Y01 K . -33.15 0.59 26.76
OAG Y01 K . -33.87 1.52 26.56
CAM Y01 K . -32.90 0.00 28.12
CAL Y01 K . -32.22 0.90 29.15
CAX Y01 K . -30.81 1.33 28.80
OAH Y01 K . -30.22 2.09 29.60
OAF Y01 K . -30.30 0.90 27.75
CAA Y01 L . -46.53 -7.88 17.42
CBA Y01 L . -45.07 -8.20 17.12
CAB Y01 L . -44.78 -8.01 15.64
CAN Y01 L . -44.14 -7.37 17.98
CAJ Y01 L . -44.25 -5.87 17.82
CAO Y01 L . -43.31 -5.09 18.71
CBB Y01 L . -43.93 -4.46 19.97
CAC Y01 L . -44.55 -5.53 20.86
CBE Y01 L . -42.87 -3.60 20.69
CAP Y01 L . -42.25 -2.53 19.75
CAQ Y01 L . -41.89 -1.31 20.63
CBG Y01 L . -41.99 -1.87 22.05
CBI Y01 L . -43.23 -2.79 21.98
CAE Y01 L . -44.52 -1.98 21.77
CAU Y01 L . -43.27 -3.56 23.30
CAS Y01 L . -43.28 -2.63 24.51
CBF Y01 L . -42.07 -1.69 24.53
CBD Y01 L . -41.93 -0.90 23.21
CAK Y01 L . -40.63 -0.12 23.21
CAI Y01 L . -40.29 0.50 24.52
CAZ Y01 L . -40.93 0.27 25.66
CAV Y01 L . -40.55 1.01 26.93
CBH Y01 L . -42.04 -0.77 25.80
CAD Y01 L . -43.37 -0.02 25.99
CAT Y01 L . -41.75 -1.65 27.03
CAR Y01 L . -41.39 -0.86 28.29
CBC Y01 L . -40.21 0.04 28.03
OAW Y01 L . -39.88 0.79 29.24
CAY Y01 L . -38.71 1.41 29.30
OAG Y01 L . -37.93 1.46 28.40
CAM Y01 L . -38.46 2.01 30.66
CAL Y01 L . -37.25 1.49 31.41
CAX Y01 L . -35.91 1.85 30.80
OAH Y01 L . -34.88 1.35 31.31
OAF Y01 L . -35.89 2.64 29.84
CAA Y01 M . -20.45 24.36 5.31
CBA Y01 M . -21.45 23.32 4.81
CAB Y01 M . -20.81 22.42 3.76
CAN Y01 M . -22.03 22.51 5.95
CAJ Y01 M . -22.93 21.36 5.56
CAO Y01 M . -23.33 20.51 6.72
CBB Y01 M . -24.17 21.23 7.79
CAC Y01 M . -25.63 21.31 7.37
CBE Y01 M . -23.97 20.58 9.17
CAP Y01 M . -23.47 19.10 9.09
CAQ Y01 M . -22.59 18.88 10.34
CBG Y01 M . -22.96 20.06 11.23
CBI Y01 M . -23.05 21.24 10.24
CAE Y01 M . -21.68 21.59 9.63
CAU Y01 M . -23.64 22.43 11.00
CAS Y01 M . -22.81 22.77 12.24
CBF Y01 M . -22.67 21.57 13.20
CBD Y01 M . -22.12 20.33 12.48
CAK Y01 M . -22.17 19.12 13.41
CAI Y01 M . -21.72 19.44 14.80
CAZ Y01 M . -21.53 20.68 15.28
CAV Y01 M . -20.99 20.89 16.67
CBH Y01 M . -21.86 21.94 14.49
CAD Y01 M . -20.54 22.65 14.14
CAT Y01 M . -22.73 22.85 15.38
CAR Y01 M . -22.15 23.06 16.78
CBC Y01 M . -21.92 21.75 17.48
OAW Y01 M . -21.30 22.01 18.78
CAY Y01 M . -21.19 21.01 19.65
OAG Y01 M . -21.63 19.90 19.48
CAM Y01 M . -20.45 21.43 20.89
CAL Y01 M . -20.20 20.36 21.93
CAX Y01 M . -19.48 20.85 23.18
OAH Y01 M . -19.21 20.02 24.06
OAF Y01 M . -19.22 22.07 23.27
CAA Y01 N . -6.96 26.97 -2.26
CBA Y01 N . -5.94 25.95 -1.82
CAB Y01 N . -4.95 26.56 -0.85
CAN Y01 N . -5.22 25.33 -3.02
CAJ Y01 N . -4.68 23.93 -2.82
CAO Y01 N . -4.42 23.20 -4.11
CBB Y01 N . -3.49 23.93 -5.09
CAC Y01 N . -2.05 23.50 -4.83
CBE Y01 N . -3.93 23.70 -6.55
CAP Y01 N . -5.39 24.19 -6.79
CAQ Y01 N . -5.42 24.95 -8.13
CBG Y01 N . -4.17 24.42 -8.83
CBI Y01 N . -3.11 24.35 -7.71
CAE Y01 N . -2.61 25.74 -7.28
CAU Y01 N . -1.95 23.53 -8.28
CAS Y01 N . -1.42 24.12 -9.59
CBF Y01 N . -2.51 24.30 -10.66
CBD Y01 N . -3.71 25.10 -10.11
CAK Y01 N . -4.83 25.14 -11.12
CAI Y01 N . -4.36 25.43 -12.51
CAZ Y01 N . -3.13 25.18 -12.94
CAV Y01 N . -2.84 25.25 -14.43
CBH Y01 N . -1.97 24.86 -12.01
CAD Y01 N . -1.14 26.15 -11.81
CAT Y01 N . -1.08 23.76 -12.64
CAR Y01 N . -0.79 23.93 -14.14
CBC Y01 N . -2.08 24.04 -14.92
OAW Y01 N . -1.76 24.23 -16.32
CAY Y01 N . -2.66 23.88 -17.23
OAG Y01 N . -3.83 23.75 -17.01
CAM Y01 N . -2.04 23.69 -18.59
CAL Y01 N . -1.60 24.96 -19.27
CAX Y01 N . -1.26 24.80 -20.75
OAH Y01 N . -1.75 25.61 -21.56
OAF Y01 N . -0.49 23.86 -21.07
C1 LPE O . -25.31 5.95 -5.20
O1 LPE O . -24.32 5.71 -4.21
C2 LPE O . -24.67 6.18 -6.55
O2H LPE O . -23.68 5.18 -6.78
C3 LPE O . -25.65 6.16 -7.69
C11 LPE O . -24.93 5.36 -2.98
C12 LPE O . -23.86 5.05 -1.95
O3 LPE O . -24.94 6.28 -8.96
P LPE O . -25.73 6.03 -10.33
O31 LPE O . -26.86 7.02 -10.39
O32 LPE O . -24.73 5.97 -11.45
O33 LPE O . -26.33 4.55 -10.12
C31 LPE O . -26.89 3.83 -11.25
C32 LPE O . -28.12 4.54 -11.78
N LPE O . -28.80 3.89 -12.96
C13 LPE O . -22.91 6.19 -1.71
C14 LPE O . -22.58 6.38 -0.25
C15 LPE O . -21.96 5.18 0.42
C16 LPE O . -21.83 5.31 1.92
C17 LPE O . -21.18 4.15 2.61
C18 LPE O . -21.22 4.24 4.11
C19 LPE O . -20.47 3.15 4.84
C20 LPE O . -20.48 3.30 6.34
C21 LPE O . -19.70 2.22 7.07
C22 LPE O . -19.69 2.38 8.57
C1 PCW P . -26.96 12.01 -9.22
C2 PCW P . -26.49 10.82 -8.42
C3 PCW P . -25.74 9.81 -9.25
C4 PCW P . -29.76 11.23 -13.48
C5 PCW P . -30.08 12.33 -14.47
C6 PCW P . -30.99 10.82 -16.18
C7 PCW P . -30.42 13.10 -16.76
C8 PCW P . -28.69 11.51 -16.31
C11 PCW P . -23.66 9.56 -10.33
C12 PCW P . -22.77 8.80 -9.40
C13 PCW P . -22.79 9.29 -8.00
C14 PCW P . -21.75 8.60 -7.18
C15 PCW P . -21.92 8.79 -5.73
C16 PCW P . -20.90 8.08 -4.94
C17 PCW P . -20.66 8.74 -3.60
C18 PCW P . -19.53 8.15 -2.87
C19 PCW P . -19.55 8.57 -1.45
C20 PCW P . -18.52 8.80 -0.76
C21 PCW P . -17.49 7.79 -0.45
C22 PCW P . -17.01 7.91 0.93
C23 PCW P . -16.56 9.28 1.29
C24 PCW P . -15.40 9.28 2.24
C25 PCW P . -15.68 8.63 3.55
C26 PCW P . -14.54 8.71 4.53
C27 PCW P . -14.27 10.11 4.98
C28 PCW P . -13.06 10.20 5.87
C31 PCW P . -26.13 11.28 -6.08
C32 PCW P . -25.41 12.26 -5.24
C33 PCW P . -25.86 12.26 -3.82
C34 PCW P . -25.49 10.99 -3.09
C35 PCW P . -24.03 10.66 -3.13
C36 PCW P . -23.18 11.81 -2.77
C37 PCW P . -23.52 12.43 -1.43
C38 PCW P . -22.32 12.77 -0.67
C39 PCW P . -21.73 11.57 -0.03
C40 PCW P . -21.89 11.26 1.21
C41 PCW P . -20.88 11.57 2.25
C42 PCW P . -20.15 10.36 2.67
C43 PCW P . -21.05 9.26 3.21
C44 PCW P . -20.45 8.49 4.32
C45 PCW P . -19.21 7.76 3.91
C46 PCW P . -18.56 6.98 5.00
C47 PCW P . -19.07 7.31 6.37
N PCW P . -30.05 11.94 -15.93
O2 PCW P . -25.64 11.26 -7.33
O3 PCW P . -24.48 10.36 -9.66
O11 PCW P . -23.64 9.44 -11.53
O31 PCW P . -27.04 10.61 -5.68
O1P PCW P . -28.14 9.75 -11.68
O2P PCW P . -26.84 11.94 -12.15
O3P PCW P . -28.14 11.64 -9.98
O4P PCW P . -29.34 11.80 -12.22
P PCW P . -28.00 11.23 -11.53
C1 LPE Q . -24.97 -4.13 18.79
O1 LPE Q . -26.15 -4.68 18.19
C2 LPE Q . -25.16 -4.12 20.29
O2H LPE Q . -23.94 -3.72 20.90
C3 LPE Q . -26.28 -3.22 20.76
C11 LPE Q . -25.86 -5.45 17.03
C12 LPE Q . -25.39 -4.54 15.92
O3 LPE Q . -26.74 -3.62 22.08
P LPE Q . -25.83 -3.38 23.37
O31 LPE Q . -25.62 -1.89 23.53
O32 LPE Q . -24.63 -4.29 23.30
O33 LPE Q . -26.79 -3.86 24.56
C31 LPE Q . -26.31 -3.91 25.93
C32 LPE Q . -25.40 -5.09 26.12
N LPE Q . -24.86 -5.30 27.52
C1N LPE Q . -23.94 -6.47 27.54
C2N LPE Q . -24.12 -4.09 27.98
C3N LPE Q . -25.99 -5.56 28.46
C13 LPE Q . -24.66 -5.28 14.83
C14 LPE Q . -24.54 -4.51 13.54
C15 LPE Q . -25.81 -4.47 12.73
C16 LPE Q . -25.63 -3.92 11.34
C17 LPE Q . -26.84 -4.07 10.45
C18 LPE Q . -26.62 -3.63 9.02
C19 LPE Q . -27.79 -3.87 8.10
C20 LPE Q . -27.54 -3.48 6.67
C21 LPE Q . -28.70 -3.75 5.74
C22 LPE Q . -28.44 -3.37 4.30
C1 PCW R . 22.49 -10.00 -8.56
C2 PCW R . 22.78 -9.99 -7.08
C3 PCW R . 23.87 -9.01 -6.69
C4 PCW R . 19.74 -10.24 -12.15
C5 PCW R . 18.50 -11.10 -12.13
C6 PCW R . 16.48 -11.99 -13.22
C7 PCW R . 17.24 -9.75 -13.75
C8 PCW R . 18.50 -11.67 -14.52
C11 PCW R . 24.03 -6.75 -5.99
C12 PCW R . 23.25 -5.49 -5.79
C13 PCW R . 23.42 -4.87 -4.43
C14 PCW R . 23.03 -5.81 -3.30
C15 PCW R . 22.68 -5.12 -2.01
C16 PCW R . 21.44 -4.27 -2.09
C17 PCW R . 20.86 -3.86 -0.74
C18 PCW R . 21.55 -2.75 -0.04
C19 PCW R . 20.91 -2.41 1.27
C20 PCW R . 21.10 -1.38 2.05
C21 PCW R . 21.97 -0.19 1.80
C22 PCW R . 21.96 0.78 2.94
C23 PCW R . 20.57 1.30 3.30
C24 PCW R . 20.53 2.15 4.55
C25 PCW R . 21.37 3.40 4.48
C26 PCW R . 21.32 4.25 5.73
C31 PCW R . 20.62 -10.43 -6.11
C32 PCW R . 19.50 -9.78 -5.34
C33 PCW R . 19.77 -8.37 -4.96
C34 PCW R . 18.72 -7.80 -4.02
C35 PCW R . 18.56 -8.60 -2.75
C36 PCW R . 17.48 -8.08 -1.82
C37 PCW R . 17.84 -6.81 -1.06
C38 PCW R . 16.76 -6.37 -0.12
C39 PCW R . 17.18 -5.26 0.81
C40 PCW R . 16.39 -4.71 1.69
C41 PCW R . 16.77 -3.66 2.69
C42 PCW R . 16.49 -4.05 4.10
C43 PCW R . 16.81 -2.98 5.12
N PCW R . 17.68 -11.12 -13.40
O2 PCW R . 21.60 -9.55 -6.34
O3 PCW R . 23.25 -7.72 -6.49
O11 PCW R . 25.19 -6.92 -5.74
O31 PCW R . 20.67 -11.57 -6.44
O1P PCW R . 20.46 -12.73 -10.41
O2P PCW R . 22.58 -11.45 -11.21
O3P PCW R . 21.65 -11.16 -8.88
O4P PCW R . 20.39 -10.23 -10.85
P PCW R . 21.30 -11.49 -10.41
N P5S S . 9.46 -9.61 30.63
C1 P5S S . 8.15 -16.74 28.51
C2 P5S S . 9.26 -15.86 27.97
C3 P5S S . 9.59 -14.68 28.86
CA P5S S . 10.86 -10.12 30.48
CB P5S S . 11.15 -10.41 29.03
OG P5S S . 10.74 -11.78 28.75
P12 P5S S . 11.56 -13.01 29.37
O13 P5S S . 13.01 -12.86 28.98
O15 P5S S . 11.18 -13.18 30.81
O16 P5S S . 10.95 -14.26 28.59
C17 P5S S . 9.21 -18.83 28.19
O18 P5S S . 9.69 -18.81 29.29
O19 P5S S . 8.21 -18.02 27.83
C20 P5S S . 9.60 -19.73 27.06
C21 P5S S . 9.33 -21.18 27.33
C22 P5S S . 9.62 -22.04 26.11
C23 P5S S . 9.02 -21.47 24.85
C24 P5S S . 9.33 -22.26 23.59
C25 P5S S . 9.02 -21.50 22.33
C26 P5S S . 9.81 -20.22 22.21
C27 P5S S . 9.38 -19.34 21.06
C28 P5S S . 9.42 -19.99 19.71
C29 P5S S . 9.11 -19.06 18.58
C30 P5S S . 10.10 -17.94 18.43
C31 P5S S . 9.70 -16.87 17.46
C32 P5S S . 9.38 -17.38 16.08
C33 P5S S . 9.07 -16.28 15.08
C34 P5S S . 7.97 -15.37 15.52
C35 P5S S . 7.78 -14.16 14.64
O37 P5S S . 8.88 -15.41 26.64
C38 P5S S . 9.14 -16.22 25.60
C39 P5S S . 7.92 -16.65 24.84
C40 P5S S . 7.93 -16.27 23.40
C41 P5S S . 6.88 -17.02 22.60
C42 P5S S . 6.86 -16.68 21.12
C43 P5S S . 6.13 -15.41 20.78
C44 P5S S . 4.68 -15.62 20.41
C45 P5S S . 4.48 -16.43 19.15
C46 P5S S . 3.03 -16.57 18.74
O47 P5S S . 10.26 -16.60 25.35
C1 PCW T . 5.77 -21.49 30.88
C2 PCW T . 6.07 -21.71 29.42
C3 PCW T . 6.56 -23.11 29.12
C4 PCW T . 8.87 -23.49 31.94
C5 PCW T . 9.28 -22.17 31.31
C6 PCW T . 11.42 -21.05 31.03
C7 PCW T . 9.84 -20.12 32.58
C8 PCW T . 11.00 -22.15 33.13
C11 PCW T . 6.88 -24.52 27.27
C12 PCW T . 7.25 -24.48 25.83
C13 PCW T . 6.41 -25.36 24.99
C14 PCW T . 6.92 -25.46 23.60
C15 PCW T . 6.70 -26.81 22.99
C16 PCW T . 7.11 -26.91 21.55
C17 PCW T . 6.60 -25.77 20.67
C18 PCW T . 6.50 -26.12 19.24
C19 PCW T . 7.76 -26.68 18.66
C20 PCW T . 8.31 -26.31 17.55
C21 PCW T . 8.72 -27.21 16.43
C22 PCW T . 9.35 -26.49 15.29
C23 PCW T . 8.41 -25.56 14.55
C24 PCW T . 9.00 -24.98 13.30
C25 PCW T . 8.15 -25.19 12.07
C26 PCW T . 8.27 -24.10 11.03
C27 PCW T . 7.04 -23.94 10.19
C31 PCW T . 5.01 -20.59 27.58
C32 PCW T . 4.41 -21.06 26.29
C33 PCW T . 4.86 -20.27 25.11
C34 PCW T . 4.69 -21.03 23.81
C35 PCW T . 4.49 -20.16 22.60
C36 PCW T . 4.36 -20.93 21.32
C37 PCW T . 5.64 -21.64 20.90
C38 PCW T . 5.56 -22.34 19.58
C39 PCW T . 6.01 -21.50 18.43
N PCW T . 10.36 -21.39 32.02
O2 PCW T . 4.90 -21.45 28.61
O3 PCW T . 6.51 -23.32 27.69
O11 PCW T . 6.91 -25.48 27.98
O31 PCW T . 5.56 -19.53 27.69
O1P PCW T . 5.87 -22.99 34.10
O2P PCW T . 7.25 -20.96 33.30
O3P PCW T . 6.30 -22.61 31.64
O4P PCW T . 8.20 -23.23 33.17
P PCW T . 6.84 -22.38 33.13
C1 LPE U . -3.90 -17.83 22.50
O1 LPE U . -4.56 -17.87 21.24
C2 LPE U . -4.91 -17.81 23.63
O2H LPE U . -4.26 -17.40 24.84
C3 LPE U . -6.11 -16.94 23.36
C11 LPE U . -3.62 -18.08 20.19
C12 LPE U . -4.31 -17.94 18.85
O3 LPE U . -7.13 -17.76 22.73
P LPE U . -8.42 -18.20 23.59
O31 LPE U . -9.35 -17.03 23.68
O32 LPE U . -8.91 -19.52 23.04
O33 LPE U . -7.81 -18.43 25.05
C31 LPE U . -8.69 -18.50 26.21
C32 LPE U . -9.62 -19.69 26.12
N LPE U . -11.10 -19.38 25.99
C1N LPE U . -11.86 -20.09 27.05
C2N LPE U . -11.35 -17.92 26.10
C3N LPE U . -11.59 -19.84 24.66
C13 LPE U . -4.59 -16.50 18.46
C14 LPE U . -5.09 -16.37 17.04
C15 LPE U . -5.31 -14.95 16.59
C16 LPE U . -5.84 -14.84 15.17
C17 LPE U . -6.11 -13.42 14.72
C18 LPE U . -4.89 -12.53 14.68
C19 LPE U . -5.17 -11.12 14.21
C1 LPE V . -1.92 -19.52 30.33
O1 LPE V . -2.45 -20.55 29.51
C2 LPE V . -1.00 -20.10 31.37
O2H LPE V . -0.47 -19.06 32.17
C3 LPE V . -1.66 -21.13 32.26
C11 LPE V . -1.48 -21.20 28.71
C12 LPE V . -1.05 -20.28 27.60
O3 LPE V . -2.82 -20.53 32.91
P LPE V . -3.72 -21.43 33.90
O31 LPE V . -4.21 -22.60 33.10
O32 LPE V . -2.94 -21.65 35.17
O33 LPE V . -4.95 -20.46 34.24
C31 LPE V . -5.94 -20.85 35.22
C32 LPE V . -6.74 -22.04 34.74
N LPE V . -7.86 -22.51 35.65
C1N LPE V . -8.55 -23.68 35.05
C2N LPE V . -7.31 -22.90 36.97
C3N LPE V . -8.85 -21.42 35.85
C13 LPE V . 0.05 -20.85 26.74
C14 LPE V . 0.27 -20.10 25.46
C15 LPE V . -0.92 -20.12 24.52
C16 LPE V . -0.63 -19.56 23.15
C17 LPE V . 0.45 -20.30 22.40
C18 LPE V . 0.69 -19.80 21.00
C19 LPE V . -0.50 -19.93 20.08
C1 LPE W . -10.45 -20.53 1.11
O1 LPE W . -9.77 -20.38 2.34
C2 LPE W . -9.57 -21.28 0.14
O2H LPE W . -9.20 -22.54 0.73
C3 LPE W . -10.20 -21.52 -1.21
C11 LPE W . -10.53 -19.72 3.34
C12 LPE W . -9.79 -19.76 4.65
O3 LPE W . -9.24 -22.13 -2.11
P LPE W . -9.06 -23.72 -2.15
O31 LPE W . -9.02 -24.25 -0.74
O32 LPE W . -7.93 -24.03 -3.09
O33 LPE W . -10.41 -24.25 -2.87
C31 LPE W . -10.50 -25.65 -3.23
C32 LPE W . -11.77 -25.89 -4.00
N LPE W . -11.94 -27.29 -4.58
C1N LPE W . -10.83 -27.59 -5.52
C2N LPE W . -11.94 -28.29 -3.48
C3N LPE W . -13.24 -27.38 -5.32
C13 LPE W . -10.57 -19.18 5.80
C14 LPE W . -10.76 -17.70 5.71
C15 LPE W . -9.51 -16.89 5.99
C16 LPE W . -9.70 -15.39 5.89
C17 LPE W . -8.52 -14.58 6.35
C18 LPE W . -8.20 -14.73 7.81
C19 LPE W . -9.30 -14.26 8.74
C1 LPE X . -16.93 -23.73 6.65
O1 LPE X . -17.12 -22.68 7.57
C2 LPE X . -17.73 -23.45 5.39
O2H LPE X . -17.48 -22.11 4.97
C3 LPE X . -17.42 -24.38 4.25
C11 LPE X . -18.46 -22.55 8.07
C12 LPE X . -18.55 -21.33 8.95
O3 LPE X . -18.16 -23.98 3.07
P LPE X . -17.86 -24.69 1.67
O31 LPE X . -16.41 -24.44 1.34
O32 LPE X . -18.92 -24.29 0.68
O33 LPE X . -18.05 -26.25 2.00
C31 LPE X . -18.18 -27.21 0.90
C32 LPE X . -16.92 -27.21 0.06
N LPE X . -16.95 -28.11 -1.17
C1N LPE X . -15.66 -28.03 -1.89
C2N LPE X . -17.18 -29.53 -0.74
C3N LPE X . -18.06 -27.70 -2.08
C13 LPE X . -19.91 -21.12 9.56
C14 LPE X . -20.01 -19.82 10.33
C15 LPE X . -19.01 -19.68 11.44
C16 LPE X . -19.10 -18.36 12.18
C17 LPE X . -18.09 -18.23 13.29
C18 LPE X . -18.17 -16.92 14.05
C19 LPE X . -17.17 -16.79 15.18
C1 LPE Y . 20.28 -13.43 11.58
O1 LPE Y . 20.35 -12.68 10.37
C2 LPE Y . 20.71 -12.55 12.73
O2H LPE Y . 19.85 -11.43 12.82
C3 LPE Y . 20.72 -13.29 14.07
C11 LPE Y . 20.01 -13.47 9.23
C12 LPE Y . 20.05 -12.60 7.99
O3 LPE Y . 21.22 -12.41 15.11
P LPE Y . 21.29 -12.96 16.62
O31 LPE Y . 19.90 -13.28 17.06
O32 LPE Y . 22.37 -14.01 16.67
O33 LPE Y . 21.81 -11.68 17.44
C31 LPE Y . 21.94 -11.77 18.89
C32 LPE Y . 22.49 -10.48 19.43
N LPE Y . 22.62 -10.40 20.94
C1N LPE Y . 21.27 -10.48 21.57
C2N LPE Y . 23.46 -11.52 21.44
C3N LPE Y . 23.25 -9.11 21.32
C13 LPE Y . 21.40 -11.99 7.73
C14 LPE Y . 21.44 -11.17 6.46
C15 LPE Y . 20.43 -10.05 6.41
C16 LPE Y . 20.49 -9.21 5.17
C17 LPE Y . 20.27 -9.97 3.87
C18 LPE Y . 20.32 -9.12 2.64
C19 LPE Y . 20.09 -9.88 1.35
C1 LPE Z . -49.52 -12.09 29.77
O1 LPE Z . -49.89 -12.12 28.39
C2 LPE Z . -50.66 -11.63 30.66
O2H LPE Z . -51.47 -12.74 31.03
C3 LPE Z . -50.19 -10.90 31.88
C11 LPE Z . -50.82 -13.12 28.02
C12 LPE Z . -50.99 -13.09 26.52
O3 LPE Z . -49.20 -11.71 32.58
P LPE Z . -48.34 -11.05 33.76
O31 LPE Z . -47.40 -12.11 34.26
O32 LPE Z . -47.78 -9.75 33.27
O33 LPE Z . -49.43 -10.73 34.89
C31 LPE Z . -49.08 -9.90 36.04
C32 LPE Z . -48.00 -10.56 36.86
N LPE Z . -47.51 -9.77 38.06
C1N LPE Z . -46.44 -10.53 38.76
C2N LPE Z . -46.96 -8.46 37.62
C3N LPE Z . -48.64 -9.53 39.01
C13 LPE Z . -51.39 -11.74 25.98
C14 LPE Z . -51.68 -11.73 24.49
C15 LPE Z . -50.51 -12.15 23.64
C16 LPE Z . -50.80 -12.11 22.15
C17 LPE Z . -49.63 -12.52 21.28
C18 LPE Z . -49.90 -12.45 19.80
C19 LPE Z . -48.74 -12.85 18.94
C1 PCW AA . 9.07 -36.62 33.45
C2 PCW AA . 8.52 -36.66 32.05
C3 PCW AA . 8.57 -35.32 31.34
C4 PCW AA . 6.60 -38.26 36.78
C5 PCW AA . 6.70 -39.64 37.36
C6 PCW AA . 6.19 -41.25 39.15
C7 PCW AA . 6.23 -38.89 39.66
C8 PCW AA . 4.44 -39.80 38.31
C11 PCW AA . 7.14 -33.44 31.10
C12 PCW AA . 7.78 -33.47 29.73
C13 PCW AA . 6.80 -33.81 28.64
C14 PCW AA . 7.40 -33.64 27.24
C15 PCW AA . 6.45 -34.00 26.13
C16 PCW AA . 6.79 -33.38 24.79
C17 PCW AA . 8.07 -33.91 24.16
C18 PCW AA . 7.97 -35.30 23.63
C19 PCW AA . 6.85 -35.50 22.66
C20 PCW AA . 6.64 -34.80 21.58
C21 PCW AA . 5.49 -34.97 20.63
C22 PCW AA . 5.38 -33.86 19.63
C23 PCW AA . 6.50 -33.82 18.60
C24 PCW AA . 6.42 -34.90 17.56
C25 PCW AA . 7.50 -34.81 16.50
C26 PCW AA . 7.33 -35.79 15.36
C27 PCW AA . 6.06 -35.58 14.55
C31 PCW AA . 8.58 -37.99 30.07
C32 PCW AA . 9.46 -38.70 29.08
C33 PCW AA . 8.75 -39.10 27.82
C34 PCW AA . 9.11 -38.23 26.62
C35 PCW AA . 8.17 -38.37 25.45
C36 PCW AA . 8.01 -39.78 24.93
C37 PCW AA . 9.14 -40.25 24.01
C38 PCW AA . 9.22 -39.51 22.70
C39 PCW AA . 10.26 -40.06 21.78
N PCW AA . 5.90 -39.89 38.62
O2 PCW AA . 9.19 -37.62 31.21
O3 PCW AA . 7.53 -34.46 31.87
O11 PCW AA . 6.36 -32.60 31.47
O31 PCW AA . 7.41 -37.80 29.88
O1P PCW AA . 9.54 -37.32 36.33
O2P PCW AA . 9.24 -39.81 35.63
O3P PCW AA . 9.24 -38.00 33.92
O4P PCW AA . 7.30 -38.18 35.50
P PCW AA . 8.90 -38.36 35.45
C P5S BA . 13.14 -39.45 39.11
N P5S BA . 13.39 -41.46 37.67
O P5S BA . 12.72 -38.56 38.36
C1 P5S BA . 19.76 -39.73 33.38
C2 P5S BA . 18.27 -39.48 33.40
C3 P5S BA . 17.71 -39.60 34.80
CA P5S BA . 14.12 -40.48 38.51
CB P5S BA . 15.20 -39.84 37.68
OG P5S BA . 15.49 -40.70 36.55
P12 P5S BA . 15.18 -40.18 35.05
O13 P5S BA . 15.49 -41.34 34.14
O15 P5S BA . 13.85 -39.50 34.97
O16 P5S BA . 16.35 -39.11 34.85
C17 P5S BA . 19.65 -41.86 32.32
O18 P5S BA . 19.00 -42.86 32.40
O19 P5S BA . 20.03 -41.15 33.39
C20 P5S BA . 20.11 -41.24 31.04
C21 P5S BA . 20.24 -42.22 29.93
C22 P5S BA . 18.94 -42.37 29.17
C23 P5S BA . 18.89 -41.60 27.89
C24 P5S BA . 19.33 -40.18 28.01
C25 P5S BA . 19.22 -39.41 26.71
O37 P5S BA . 17.52 -40.38 32.56
C38 P5S BA . 16.42 -39.91 31.94
C39 P5S BA . 15.76 -40.93 31.08
C40 P5S BA . 14.28 -40.83 31.07
C41 P5S BA . 13.79 -39.51 30.53
C42 P5S BA . 12.44 -39.57 29.88
C43 P5S BA . 12.40 -40.36 28.63
C44 P5S BA . 12.42 -39.55 27.37
C45 P5S BA . 13.80 -39.12 26.94
C46 P5S BA . 14.73 -40.24 26.57
O47 P5S BA . 16.01 -38.80 32.09
OXT P5S BA . 12.79 -39.60 40.30
CAA Y01 CA . -21.79 15.28 3.42
CBA Y01 CA . -21.44 16.30 2.35
CAB Y01 CA . -21.26 17.67 2.97
CAN Y01 CA . -22.47 16.32 1.23
CAJ Y01 CA . -23.74 17.04 1.54
CAO Y01 CA . -24.62 17.31 0.34
CBB Y01 CA . -24.13 18.36 -0.65
CAC Y01 CA . -23.07 19.28 -0.06
CBE Y01 CA . -23.71 17.77 -2.00
CAP Y01 CA . -22.94 16.41 -1.92
CAQ Y01 CA . -23.23 15.66 -3.23
CBG Y01 CA . -24.01 16.65 -4.07
CBI Y01 CA . -24.80 17.49 -3.07
CAE Y01 CA . -25.97 16.73 -2.45
CAU Y01 CA . -25.31 18.70 -3.85
CAS Y01 CA . -26.07 18.33 -5.11
CBF Y01 CA . -25.34 17.33 -6.02
CBD Y01 CA . -24.82 16.13 -5.22
CAK Y01 CA . -23.98 15.22 -6.09
CAI Y01 CA . -24.59 14.99 -7.42
CAZ Y01 CA . -25.58 15.70 -7.94
CAV Y01 CA . -26.17 15.31 -9.27
CBH Y01 CA . -26.19 16.90 -7.25
CAD Y01 CA . -27.63 16.56 -6.83
CAT Y01 CA . -26.23 18.06 -8.27
CAR Y01 CA . -26.91 17.66 -9.57
CBC Y01 CA . -26.22 16.48 -10.21
OAW Y01 CA . -27.02 16.06 -11.35
CAY Y01 CA . -26.43 15.38 -12.31
OAG Y01 CA . -25.61 14.54 -12.14
CAM Y01 CA . -26.91 15.78 -13.67
CAL Y01 CA . -26.70 14.72 -14.72
CAX Y01 CA . -27.03 15.18 -16.13
OAH Y01 CA . -27.07 14.33 -17.03
OAF Y01 CA . -27.24 16.39 -16.31
C1 LPE DA . -35.84 -27.15 21.90
O1 LPE DA . -35.66 -26.74 20.55
C2 LPE DA . -34.69 -27.98 22.42
O2H LPE DA . -33.52 -27.18 22.46
C3 LPE DA . -34.95 -28.56 23.79
C11 LPE DA . -36.87 -26.71 19.80
O3 LPE DA . -33.83 -28.38 24.70
P LPE DA . -34.13 -28.21 26.27
O31 LPE DA . -33.99 -26.79 26.68
O32 LPE DA . -35.46 -28.87 26.52
O33 LPE DA . -33.01 -29.01 27.09
C31 LPE DA . -33.26 -29.38 28.47
C32 LPE DA . -33.99 -28.31 29.25
N LPE DA . -33.97 -28.39 30.77
C1N LPE DA . -32.72 -29.00 31.24
C2N LPE DA . -34.11 -27.04 31.33
C3N LPE DA . -35.07 -29.19 31.31
C1 NAG EA . -35.94 -23.47 -26.65
C2 NAG EA . -35.71 -21.97 -26.53
C3 NAG EA . -36.99 -21.24 -26.17
C4 NAG EA . -38.09 -21.60 -27.14
C5 NAG EA . -38.27 -23.10 -27.16
C6 NAG EA . -39.34 -23.52 -28.17
C7 NAG EA . -33.49 -21.34 -25.85
C8 NAG EA . -32.52 -21.26 -24.71
N2 NAG EA . -34.72 -21.71 -25.53
O3 NAG EA . -36.77 -19.84 -26.19
O4 NAG EA . -39.32 -20.98 -26.73
O5 NAG EA . -37.04 -23.73 -27.51
O6 NAG EA . -38.82 -23.31 -29.49
O7 NAG EA . -33.17 -21.06 -26.99
C1 NAG FA . -47.49 -34.82 -30.38
C2 NAG FA . -48.57 -33.93 -29.77
C3 NAG FA . -49.83 -34.73 -29.53
C4 NAG FA . -50.29 -35.33 -30.85
C5 NAG FA . -49.16 -36.18 -31.43
C6 NAG FA . -49.56 -36.77 -32.78
C7 NAG FA . -47.84 -32.03 -28.47
C8 NAG FA . -47.16 -31.56 -27.22
N2 NAG FA . -48.11 -33.33 -28.53
O3 NAG FA . -50.86 -33.89 -29.00
O4 NAG FA . -51.44 -36.14 -30.64
O5 NAG FA . -47.97 -35.40 -31.60
O6 NAG FA . -49.59 -35.72 -33.76
O7 NAG FA . -48.13 -31.28 -29.37
C1 NAG GA . -41.39 -44.98 -34.06
C2 NAG GA . -42.11 -44.32 -35.25
C3 NAG GA . -42.82 -45.31 -36.15
C4 NAG GA . -41.97 -46.53 -36.42
C5 NAG GA . -41.53 -47.12 -35.09
C6 NAG GA . -40.77 -48.43 -35.28
C7 NAG GA . -42.77 -42.14 -34.38
C8 NAG GA . -43.66 -41.06 -34.92
N2 NAG GA . -43.09 -43.37 -34.74
O3 NAG GA . -43.13 -44.67 -37.39
O4 NAG GA . -42.72 -47.50 -37.15
O5 NAG GA . -40.70 -46.16 -34.43
O6 NAG GA . -40.59 -49.06 -34.01
O7 NAG GA . -41.82 -41.88 -33.64
#